data_2X5P
# 
_entry.id   2X5P 
# 
_audit_conform.dict_name       mmcif_pdbx.dic 
_audit_conform.dict_version    5.391 
_audit_conform.dict_location   http://mmcif.pdb.org/dictionaries/ascii/mmcif_pdbx.dic 
# 
loop_
_database_2.database_id 
_database_2.database_code 
_database_2.pdbx_database_accession 
_database_2.pdbx_DOI 
PDB   2X5P         pdb_00002x5p 10.2210/pdb2x5p/pdb 
PDBE  EBI-42856    ?            ?                   
WWPDB D_1290042856 ?            ?                   
# 
loop_
_pdbx_audit_revision_history.ordinal 
_pdbx_audit_revision_history.data_content_type 
_pdbx_audit_revision_history.major_revision 
_pdbx_audit_revision_history.minor_revision 
_pdbx_audit_revision_history.revision_date 
1 'Structure model' 1 0 2010-09-01 
2 'Structure model' 1 1 2011-08-10 
3 'Structure model' 1 2 2018-01-24 
4 'Structure model' 1 3 2019-10-30 
5 'Structure model' 1 4 2024-05-08 
# 
_pdbx_audit_revision_details.ordinal             1 
_pdbx_audit_revision_details.revision_ordinal    1 
_pdbx_audit_revision_details.data_content_type   'Structure model' 
_pdbx_audit_revision_details.provider            repository 
_pdbx_audit_revision_details.type                'Initial release' 
_pdbx_audit_revision_details.description         ? 
_pdbx_audit_revision_details.details             ? 
# 
loop_
_pdbx_audit_revision_group.ordinal 
_pdbx_audit_revision_group.revision_ordinal 
_pdbx_audit_revision_group.data_content_type 
_pdbx_audit_revision_group.group 
1  2 'Structure model' 'Data collection'           
2  2 'Structure model' 'Database references'       
3  2 'Structure model' Other                       
4  2 'Structure model' 'Source and taxonomy'       
5  2 'Structure model' 'Structure summary'         
6  2 'Structure model' 'Version format compliance' 
7  3 'Structure model' 'Source and taxonomy'       
8  4 'Structure model' Advisory                    
9  4 'Structure model' 'Data collection'           
10 4 'Structure model' 'Derived calculations'      
11 4 'Structure model' Other                       
12 5 'Structure model' 'Data collection'           
13 5 'Structure model' 'Database references'       
# 
loop_
_pdbx_audit_revision_category.ordinal 
_pdbx_audit_revision_category.revision_ordinal 
_pdbx_audit_revision_category.data_content_type 
_pdbx_audit_revision_category.category 
1 3 'Structure model' entity_src_gen               
2 4 'Structure model' pdbx_database_status         
3 4 'Structure model' pdbx_unobs_or_zero_occ_atoms 
4 4 'Structure model' pdbx_validate_close_contact  
5 4 'Structure model' struct_conn                  
6 5 'Structure model' chem_comp_atom               
7 5 'Structure model' chem_comp_bond               
8 5 'Structure model' database_2                   
# 
loop_
_pdbx_audit_revision_item.ordinal 
_pdbx_audit_revision_item.revision_ordinal 
_pdbx_audit_revision_item.data_content_type 
_pdbx_audit_revision_item.item 
1 3 'Structure model' '_entity_src_gen.pdbx_host_org_ncbi_taxonomy_id' 
2 3 'Structure model' '_entity_src_gen.pdbx_host_org_scientific_name'  
3 3 'Structure model' '_entity_src_gen.pdbx_host_org_strain'           
4 3 'Structure model' '_entity_src_gen.pdbx_host_org_variant'          
5 4 'Structure model' '_pdbx_database_status.status_code_sf'           
6 5 'Structure model' '_database_2.pdbx_DOI'                           
7 5 'Structure model' '_database_2.pdbx_database_accession'            
# 
_pdbx_database_status.status_code                     REL 
_pdbx_database_status.entry_id                        2X5P 
_pdbx_database_status.deposit_site                    PDBE 
_pdbx_database_status.process_site                    PDBE 
_pdbx_database_status.SG_entry                        . 
_pdbx_database_status.recvd_initial_deposition_date   2010-02-10 
_pdbx_database_status.pdb_format_compatible           Y 
_pdbx_database_status.status_code_sf                  REL 
_pdbx_database_status.status_code_mr                  ? 
_pdbx_database_status.status_code_cs                  ? 
_pdbx_database_status.methods_development_category    ? 
_pdbx_database_status.status_code_nmr_data            ? 
# 
loop_
_audit_author.name 
_audit_author.pdbx_ordinal 
'Oke, M.'        1 
'Carter, L.G.'   2 
'Johnson, K.A.'  3 
'Liu, H.'        4 
'Mcmahon, S.A.'  5 
'White, M.F.'    6 
'Naismith, J.H.' 7 
# 
_citation.id                        primary 
_citation.title                     'The Scottish Structural Proteomics Facility: Targets, Methods and Outputs.' 
_citation.journal_abbrev            J.Struct.Funct.Genomics 
_citation.journal_volume            11 
_citation.page_first                167 
_citation.page_last                 ? 
_citation.year                      2010 
_citation.journal_id_ASTM           ? 
_citation.country                   NE 
_citation.journal_id_ISSN           1345-711X 
_citation.journal_id_CSD            ? 
_citation.book_publisher            ? 
_citation.pdbx_database_id_PubMed   20419351 
_citation.pdbx_database_id_DOI      10.1007/S10969-010-9090-Y 
# 
loop_
_citation_author.citation_id 
_citation_author.name 
_citation_author.ordinal 
_citation_author.identifier_ORCID 
primary 'Oke, M.'             1  ? 
primary 'Carter, L.G.'        2  ? 
primary 'Johnson, K.A.'       3  ? 
primary 'Liu, H.'             4  ? 
primary 'Mcmahon, S.A.'       5  ? 
primary 'Yan, X.'             6  ? 
primary 'Kerou, M.'           7  ? 
primary 'Weikart, N.D.'       8  ? 
primary 'Kadi, N.'            9  ? 
primary 'Sheikh, M.A.'        10 ? 
primary 'Schmelz, S.'         11 ? 
primary 'Dorward, M.'         12 ? 
primary 'Zawadzki, M.'        13 ? 
primary 'Cozens, C.'          14 ? 
primary 'Falconer, H.'        15 ? 
primary 'Powers, H.'          16 ? 
primary 'Overton, I.M.'       17 ? 
primary 'Van Niekerk, C.A.J.' 18 ? 
primary 'Peng, X.'            19 ? 
primary 'Patel, P.'           20 ? 
primary 'Garrett, R.A.'       21 ? 
primary 'Prangishvili, D.'    22 ? 
primary 'Botting, C.H.'       23 ? 
primary 'Coote, P.J.'         24 ? 
primary 'Dryden, D.T.F.'      25 ? 
primary 'Barton, G.J.'        26 ? 
primary 'Schwarz-Linek, U.'   27 ? 
primary 'Challis, G.L.'       28 ? 
primary 'Taylor, G.L.'        29 ? 
primary 'White, M.F.'         30 ? 
primary 'Naismith, J.H.'      31 ? 
# 
loop_
_entity.id 
_entity.type 
_entity.src_method 
_entity.pdbx_description 
_entity.formula_weight 
_entity.pdbx_number_of_molecules 
_entity.pdbx_ec 
_entity.pdbx_mutation 
_entity.pdbx_fragment 
_entity.details 
1 polymer man 'FIBRONECTIN BINDING PROTEIN' 12883.226 1   ? ? 'B DOMAIN, RESIDUES 440-557' 
'ISO-PEPTIDE BOND BETWEEN SIDECHAINS OF LYS31 AND ASP117' 
2 water   nat water                         18.015    103 ? ? ?                            ? 
# 
_entity_name_com.entity_id   1 
_entity_name_com.name        FBA2 
# 
_entity_poly.entity_id                      1 
_entity_poly.type                           'polypeptide(L)' 
_entity_poly.nstd_linkage                   no 
_entity_poly.nstd_monomer                   no 
_entity_poly.pdbx_seq_one_letter_code       
;GAMVDTLSGLSSEQGQSGDMTIEEDSATHIKFSKRDIDGKELAGATMELRDSSGKTISTWISDGQVKDFYLMPGKYTFVE
TAAPDGYEVATAITFTVNEQGQVTVNGKATKGDAHIVMVDA
;
_entity_poly.pdbx_seq_one_letter_code_can   
;GAMVDTLSGLSSEQGQSGDMTIEEDSATHIKFSKRDIDGKELAGATMELRDSSGKTISTWISDGQVKDFYLMPGKYTFVE
TAAPDGYEVATAITFTVNEQGQVTVNGKATKGDAHIVMVDA
;
_entity_poly.pdbx_strand_id                 A 
_entity_poly.pdbx_target_identifier         ? 
# 
_pdbx_entity_nonpoly.entity_id   2 
_pdbx_entity_nonpoly.name        water 
_pdbx_entity_nonpoly.comp_id     HOH 
# 
loop_
_entity_poly_seq.entity_id 
_entity_poly_seq.num 
_entity_poly_seq.mon_id 
_entity_poly_seq.hetero 
1 1   GLY n 
1 2   ALA n 
1 3   MET n 
1 4   VAL n 
1 5   ASP n 
1 6   THR n 
1 7   LEU n 
1 8   SER n 
1 9   GLY n 
1 10  LEU n 
1 11  SER n 
1 12  SER n 
1 13  GLU n 
1 14  GLN n 
1 15  GLY n 
1 16  GLN n 
1 17  SER n 
1 18  GLY n 
1 19  ASP n 
1 20  MET n 
1 21  THR n 
1 22  ILE n 
1 23  GLU n 
1 24  GLU n 
1 25  ASP n 
1 26  SER n 
1 27  ALA n 
1 28  THR n 
1 29  HIS n 
1 30  ILE n 
1 31  LYS n 
1 32  PHE n 
1 33  SER n 
1 34  LYS n 
1 35  ARG n 
1 36  ASP n 
1 37  ILE n 
1 38  ASP n 
1 39  GLY n 
1 40  LYS n 
1 41  GLU n 
1 42  LEU n 
1 43  ALA n 
1 44  GLY n 
1 45  ALA n 
1 46  THR n 
1 47  MET n 
1 48  GLU n 
1 49  LEU n 
1 50  ARG n 
1 51  ASP n 
1 52  SER n 
1 53  SER n 
1 54  GLY n 
1 55  LYS n 
1 56  THR n 
1 57  ILE n 
1 58  SER n 
1 59  THR n 
1 60  TRP n 
1 61  ILE n 
1 62  SER n 
1 63  ASP n 
1 64  GLY n 
1 65  GLN n 
1 66  VAL n 
1 67  LYS n 
1 68  ASP n 
1 69  PHE n 
1 70  TYR n 
1 71  LEU n 
1 72  MET n 
1 73  PRO n 
1 74  GLY n 
1 75  LYS n 
1 76  TYR n 
1 77  THR n 
1 78  PHE n 
1 79  VAL n 
1 80  GLU n 
1 81  THR n 
1 82  ALA n 
1 83  ALA n 
1 84  PRO n 
1 85  ASP n 
1 86  GLY n 
1 87  TYR n 
1 88  GLU n 
1 89  VAL n 
1 90  ALA n 
1 91  THR n 
1 92  ALA n 
1 93  ILE n 
1 94  THR n 
1 95  PHE n 
1 96  THR n 
1 97  VAL n 
1 98  ASN n 
1 99  GLU n 
1 100 GLN n 
1 101 GLY n 
1 102 GLN n 
1 103 VAL n 
1 104 THR n 
1 105 VAL n 
1 106 ASN n 
1 107 GLY n 
1 108 LYS n 
1 109 ALA n 
1 110 THR n 
1 111 LYS n 
1 112 GLY n 
1 113 ASP n 
1 114 ALA n 
1 115 HIS n 
1 116 ILE n 
1 117 VAL n 
1 118 MET n 
1 119 VAL n 
1 120 ASP n 
1 121 ALA n 
# 
_entity_src_gen.entity_id                          1 
_entity_src_gen.pdbx_src_id                        1 
_entity_src_gen.pdbx_alt_source_flag               sample 
_entity_src_gen.pdbx_seq_type                      ? 
_entity_src_gen.pdbx_beg_seq_num                   ? 
_entity_src_gen.pdbx_end_seq_num                   ? 
_entity_src_gen.gene_src_common_name               ? 
_entity_src_gen.gene_src_genus                     ? 
_entity_src_gen.pdbx_gene_src_gene                 ? 
_entity_src_gen.gene_src_species                   ? 
_entity_src_gen.gene_src_strain                    ? 
_entity_src_gen.gene_src_tissue                    ? 
_entity_src_gen.gene_src_tissue_fraction           ? 
_entity_src_gen.gene_src_details                   ? 
_entity_src_gen.pdbx_gene_src_fragment             ? 
_entity_src_gen.pdbx_gene_src_scientific_name      'STREPTOCOCCUS PYOGENES' 
_entity_src_gen.pdbx_gene_src_ncbi_taxonomy_id     1314 
_entity_src_gen.pdbx_gene_src_variant              ? 
_entity_src_gen.pdbx_gene_src_cell_line            ? 
_entity_src_gen.pdbx_gene_src_atcc                 ? 
_entity_src_gen.pdbx_gene_src_organ                ? 
_entity_src_gen.pdbx_gene_src_organelle            ? 
_entity_src_gen.pdbx_gene_src_cell                 ? 
_entity_src_gen.pdbx_gene_src_cellular_location    ? 
_entity_src_gen.host_org_common_name               ? 
_entity_src_gen.pdbx_host_org_scientific_name      'ESCHERICHIA COLI BL21(DE3)' 
_entity_src_gen.pdbx_host_org_ncbi_taxonomy_id     469008 
_entity_src_gen.host_org_genus                     ? 
_entity_src_gen.pdbx_host_org_gene                 ? 
_entity_src_gen.pdbx_host_org_organ                ? 
_entity_src_gen.host_org_species                   ? 
_entity_src_gen.pdbx_host_org_tissue               ? 
_entity_src_gen.pdbx_host_org_tissue_fraction      ? 
_entity_src_gen.pdbx_host_org_strain               ? 
_entity_src_gen.pdbx_host_org_variant              C43 
_entity_src_gen.pdbx_host_org_cell_line            ? 
_entity_src_gen.pdbx_host_org_atcc                 ? 
_entity_src_gen.pdbx_host_org_culture_collection   ? 
_entity_src_gen.pdbx_host_org_cell                 ? 
_entity_src_gen.pdbx_host_org_organelle            ? 
_entity_src_gen.pdbx_host_org_cellular_location    ? 
_entity_src_gen.pdbx_host_org_vector_type          PLASMID 
_entity_src_gen.pdbx_host_org_vector               ? 
_entity_src_gen.host_org_details                   ? 
_entity_src_gen.expression_system_id               ? 
_entity_src_gen.plasmid_name                       PDEST14 
_entity_src_gen.plasmid_details                    ? 
_entity_src_gen.pdbx_description                   ? 
# 
loop_
_chem_comp.id 
_chem_comp.type 
_chem_comp.mon_nstd_flag 
_chem_comp.name 
_chem_comp.pdbx_synonyms 
_chem_comp.formula 
_chem_comp.formula_weight 
ALA 'L-peptide linking' y ALANINE         ? 'C3 H7 N O2'     89.093  
ARG 'L-peptide linking' y ARGININE        ? 'C6 H15 N4 O2 1' 175.209 
ASN 'L-peptide linking' y ASPARAGINE      ? 'C4 H8 N2 O3'    132.118 
ASP 'L-peptide linking' y 'ASPARTIC ACID' ? 'C4 H7 N O4'     133.103 
GLN 'L-peptide linking' y GLUTAMINE       ? 'C5 H10 N2 O3'   146.144 
GLU 'L-peptide linking' y 'GLUTAMIC ACID' ? 'C5 H9 N O4'     147.129 
GLY 'peptide linking'   y GLYCINE         ? 'C2 H5 N O2'     75.067  
HIS 'L-peptide linking' y HISTIDINE       ? 'C6 H10 N3 O2 1' 156.162 
HOH non-polymer         . WATER           ? 'H2 O'           18.015  
ILE 'L-peptide linking' y ISOLEUCINE      ? 'C6 H13 N O2'    131.173 
LEU 'L-peptide linking' y LEUCINE         ? 'C6 H13 N O2'    131.173 
LYS 'L-peptide linking' y LYSINE          ? 'C6 H15 N2 O2 1' 147.195 
MET 'L-peptide linking' y METHIONINE      ? 'C5 H11 N O2 S'  149.211 
PHE 'L-peptide linking' y PHENYLALANINE   ? 'C9 H11 N O2'    165.189 
PRO 'L-peptide linking' y PROLINE         ? 'C5 H9 N O2'     115.130 
SER 'L-peptide linking' y SERINE          ? 'C3 H7 N O3'     105.093 
THR 'L-peptide linking' y THREONINE       ? 'C4 H9 N O3'     119.119 
TRP 'L-peptide linking' y TRYPTOPHAN      ? 'C11 H12 N2 O2'  204.225 
TYR 'L-peptide linking' y TYROSINE        ? 'C9 H11 N O3'    181.189 
VAL 'L-peptide linking' y VALINE          ? 'C5 H11 N O2'    117.146 
# 
loop_
_pdbx_poly_seq_scheme.asym_id 
_pdbx_poly_seq_scheme.entity_id 
_pdbx_poly_seq_scheme.seq_id 
_pdbx_poly_seq_scheme.mon_id 
_pdbx_poly_seq_scheme.ndb_seq_num 
_pdbx_poly_seq_scheme.pdb_seq_num 
_pdbx_poly_seq_scheme.auth_seq_num 
_pdbx_poly_seq_scheme.pdb_mon_id 
_pdbx_poly_seq_scheme.auth_mon_id 
_pdbx_poly_seq_scheme.pdb_strand_id 
_pdbx_poly_seq_scheme.pdb_ins_code 
_pdbx_poly_seq_scheme.hetero 
A 1 1   GLY 1   -2  -2  GLY GLY A . n 
A 1 2   ALA 2   -1  -1  ALA ALA A . n 
A 1 3   MET 3   0   0   MET MET A . n 
A 1 4   VAL 4   1   1   VAL VAL A . n 
A 1 5   ASP 5   2   2   ASP ASP A . n 
A 1 6   THR 6   3   3   THR THR A . n 
A 1 7   LEU 7   4   4   LEU LEU A . n 
A 1 8   SER 8   5   ?   ?   ?   A . n 
A 1 9   GLY 9   6   ?   ?   ?   A . n 
A 1 10  LEU 10  7   ?   ?   ?   A . n 
A 1 11  SER 11  8   ?   ?   ?   A . n 
A 1 12  SER 12  9   ?   ?   ?   A . n 
A 1 13  GLU 13  10  ?   ?   ?   A . n 
A 1 14  GLN 14  11  ?   ?   ?   A . n 
A 1 15  GLY 15  12  ?   ?   ?   A . n 
A 1 16  GLN 16  13  ?   ?   ?   A . n 
A 1 17  SER 17  14  ?   ?   ?   A . n 
A 1 18  GLY 18  15  ?   ?   ?   A . n 
A 1 19  ASP 19  16  ?   ?   ?   A . n 
A 1 20  MET 20  17  ?   ?   ?   A . n 
A 1 21  THR 21  18  ?   ?   ?   A . n 
A 1 22  ILE 22  19  ?   ?   ?   A . n 
A 1 23  GLU 23  20  ?   ?   ?   A . n 
A 1 24  GLU 24  21  ?   ?   ?   A . n 
A 1 25  ASP 25  22  22  ASP ASP A . n 
A 1 26  SER 26  23  23  SER SER A . n 
A 1 27  ALA 27  24  24  ALA ALA A . n 
A 1 28  THR 28  25  25  THR THR A . n 
A 1 29  HIS 29  26  26  HIS HIS A . n 
A 1 30  ILE 30  27  27  ILE ILE A . n 
A 1 31  LYS 31  28  28  LYS LYS A . n 
A 1 32  PHE 32  29  29  PHE PHE A . n 
A 1 33  SER 33  30  30  SER SER A . n 
A 1 34  LYS 34  31  31  LYS LYS A . n 
A 1 35  ARG 35  32  32  ARG ARG A . n 
A 1 36  ASP 36  33  33  ASP ASP A . n 
A 1 37  ILE 37  34  34  ILE ILE A . n 
A 1 38  ASP 38  35  35  ASP ASP A . n 
A 1 39  GLY 39  36  36  GLY GLY A . n 
A 1 40  LYS 40  37  37  LYS LYS A . n 
A 1 41  GLU 41  38  38  GLU GLU A . n 
A 1 42  LEU 42  39  39  LEU LEU A . n 
A 1 43  ALA 43  40  40  ALA ALA A . n 
A 1 44  GLY 44  41  41  GLY GLY A . n 
A 1 45  ALA 45  42  42  ALA ALA A . n 
A 1 46  THR 46  43  43  THR THR A . n 
A 1 47  MET 47  44  44  MET MET A . n 
A 1 48  GLU 48  45  45  GLU GLU A . n 
A 1 49  LEU 49  46  46  LEU LEU A . n 
A 1 50  ARG 50  47  47  ARG ARG A . n 
A 1 51  ASP 51  48  48  ASP ASP A . n 
A 1 52  SER 52  49  49  SER SER A . n 
A 1 53  SER 53  50  50  SER SER A . n 
A 1 54  GLY 54  51  51  GLY GLY A . n 
A 1 55  LYS 55  52  52  LYS LYS A . n 
A 1 56  THR 56  53  53  THR THR A . n 
A 1 57  ILE 57  54  54  ILE ILE A . n 
A 1 58  SER 58  55  55  SER SER A . n 
A 1 59  THR 59  56  56  THR THR A . n 
A 1 60  TRP 60  57  57  TRP TRP A . n 
A 1 61  ILE 61  58  58  ILE ILE A . n 
A 1 62  SER 62  59  59  SER SER A . n 
A 1 63  ASP 63  60  60  ASP ASP A . n 
A 1 64  GLY 64  61  61  GLY GLY A . n 
A 1 65  GLN 65  62  62  GLN GLN A . n 
A 1 66  VAL 66  63  63  VAL VAL A . n 
A 1 67  LYS 67  64  64  LYS LYS A . n 
A 1 68  ASP 68  65  65  ASP ASP A . n 
A 1 69  PHE 69  66  66  PHE PHE A . n 
A 1 70  TYR 70  67  67  TYR TYR A . n 
A 1 71  LEU 71  68  68  LEU LEU A . n 
A 1 72  MET 72  69  69  MET MET A . n 
A 1 73  PRO 73  70  70  PRO PRO A . n 
A 1 74  GLY 74  71  71  GLY GLY A . n 
A 1 75  LYS 75  72  72  LYS LYS A . n 
A 1 76  TYR 76  73  73  TYR TYR A . n 
A 1 77  THR 77  74  74  THR THR A . n 
A 1 78  PHE 78  75  75  PHE PHE A . n 
A 1 79  VAL 79  76  76  VAL VAL A . n 
A 1 80  GLU 80  77  77  GLU GLU A . n 
A 1 81  THR 81  78  78  THR THR A . n 
A 1 82  ALA 82  79  79  ALA ALA A . n 
A 1 83  ALA 83  80  80  ALA ALA A . n 
A 1 84  PRO 84  81  81  PRO PRO A . n 
A 1 85  ASP 85  82  82  ASP ASP A . n 
A 1 86  GLY 86  83  83  GLY GLY A . n 
A 1 87  TYR 87  84  84  TYR TYR A . n 
A 1 88  GLU 88  85  85  GLU GLU A . n 
A 1 89  VAL 89  86  86  VAL VAL A . n 
A 1 90  ALA 90  87  87  ALA ALA A . n 
A 1 91  THR 91  88  88  THR THR A . n 
A 1 92  ALA 92  89  89  ALA ALA A . n 
A 1 93  ILE 93  90  90  ILE ILE A . n 
A 1 94  THR 94  91  91  THR THR A . n 
A 1 95  PHE 95  92  92  PHE PHE A . n 
A 1 96  THR 96  93  93  THR THR A . n 
A 1 97  VAL 97  94  94  VAL VAL A . n 
A 1 98  ASN 98  95  95  ASN ASN A . n 
A 1 99  GLU 99  96  96  GLU GLU A . n 
A 1 100 GLN 100 97  97  GLN GLN A . n 
A 1 101 GLY 101 98  98  GLY GLY A . n 
A 1 102 GLN 102 99  99  GLN GLN A . n 
A 1 103 VAL 103 100 100 VAL VAL A . n 
A 1 104 THR 104 101 101 THR THR A . n 
A 1 105 VAL 105 102 102 VAL VAL A . n 
A 1 106 ASN 106 103 103 ASN ASN A . n 
A 1 107 GLY 107 104 104 GLY GLY A . n 
A 1 108 LYS 108 105 105 LYS LYS A . n 
A 1 109 ALA 109 106 106 ALA ALA A . n 
A 1 110 THR 110 107 107 THR THR A . n 
A 1 111 LYS 111 108 108 LYS LYS A . n 
A 1 112 GLY 112 109 109 GLY GLY A . n 
A 1 113 ASP 113 110 110 ASP ASP A . n 
A 1 114 ALA 114 111 111 ALA ALA A . n 
A 1 115 HIS 115 112 112 HIS HIS A . n 
A 1 116 ILE 116 113 113 ILE ILE A . n 
A 1 117 VAL 117 114 114 VAL VAL A . n 
A 1 118 MET 118 115 115 MET MET A . n 
A 1 119 VAL 119 116 116 VAL VAL A . n 
A 1 120 ASP 120 117 117 ASP ASP A . n 
A 1 121 ALA 121 118 118 ALA ALA A . n 
# 
loop_
_pdbx_nonpoly_scheme.asym_id 
_pdbx_nonpoly_scheme.entity_id 
_pdbx_nonpoly_scheme.mon_id 
_pdbx_nonpoly_scheme.ndb_seq_num 
_pdbx_nonpoly_scheme.pdb_seq_num 
_pdbx_nonpoly_scheme.auth_seq_num 
_pdbx_nonpoly_scheme.pdb_mon_id 
_pdbx_nonpoly_scheme.auth_mon_id 
_pdbx_nonpoly_scheme.pdb_strand_id 
_pdbx_nonpoly_scheme.pdb_ins_code 
B 2 HOH 1   2001 2001 HOH HOH A . 
B 2 HOH 2   2002 2002 HOH HOH A . 
B 2 HOH 3   2003 2003 HOH HOH A . 
B 2 HOH 4   2004 2004 HOH HOH A . 
B 2 HOH 5   2005 2005 HOH HOH A . 
B 2 HOH 6   2006 2006 HOH HOH A . 
B 2 HOH 7   2007 2007 HOH HOH A . 
B 2 HOH 8   2008 2008 HOH HOH A . 
B 2 HOH 9   2009 2009 HOH HOH A . 
B 2 HOH 10  2010 2010 HOH HOH A . 
B 2 HOH 11  2011 2011 HOH HOH A . 
B 2 HOH 12  2012 2012 HOH HOH A . 
B 2 HOH 13  2013 2013 HOH HOH A . 
B 2 HOH 14  2014 2014 HOH HOH A . 
B 2 HOH 15  2015 2015 HOH HOH A . 
B 2 HOH 16  2016 2016 HOH HOH A . 
B 2 HOH 17  2017 2017 HOH HOH A . 
B 2 HOH 18  2018 2018 HOH HOH A . 
B 2 HOH 19  2019 2019 HOH HOH A . 
B 2 HOH 20  2020 2020 HOH HOH A . 
B 2 HOH 21  2021 2021 HOH HOH A . 
B 2 HOH 22  2022 2022 HOH HOH A . 
B 2 HOH 23  2023 2023 HOH HOH A . 
B 2 HOH 24  2024 2024 HOH HOH A . 
B 2 HOH 25  2025 2025 HOH HOH A . 
B 2 HOH 26  2026 2026 HOH HOH A . 
B 2 HOH 27  2027 2027 HOH HOH A . 
B 2 HOH 28  2028 2028 HOH HOH A . 
B 2 HOH 29  2029 2029 HOH HOH A . 
B 2 HOH 30  2030 2030 HOH HOH A . 
B 2 HOH 31  2031 2031 HOH HOH A . 
B 2 HOH 32  2032 2032 HOH HOH A . 
B 2 HOH 33  2033 2033 HOH HOH A . 
B 2 HOH 34  2034 2034 HOH HOH A . 
B 2 HOH 35  2035 2035 HOH HOH A . 
B 2 HOH 36  2036 2036 HOH HOH A . 
B 2 HOH 37  2037 2037 HOH HOH A . 
B 2 HOH 38  2038 2038 HOH HOH A . 
B 2 HOH 39  2039 2039 HOH HOH A . 
B 2 HOH 40  2040 2040 HOH HOH A . 
B 2 HOH 41  2041 2041 HOH HOH A . 
B 2 HOH 42  2042 2042 HOH HOH A . 
B 2 HOH 43  2043 2043 HOH HOH A . 
B 2 HOH 44  2044 2044 HOH HOH A . 
B 2 HOH 45  2045 2045 HOH HOH A . 
B 2 HOH 46  2046 2046 HOH HOH A . 
B 2 HOH 47  2047 2047 HOH HOH A . 
B 2 HOH 48  2048 2048 HOH HOH A . 
B 2 HOH 49  2049 2049 HOH HOH A . 
B 2 HOH 50  2050 2050 HOH HOH A . 
B 2 HOH 51  2051 2051 HOH HOH A . 
B 2 HOH 52  2052 2052 HOH HOH A . 
B 2 HOH 53  2053 2053 HOH HOH A . 
B 2 HOH 54  2054 2054 HOH HOH A . 
B 2 HOH 55  2055 2055 HOH HOH A . 
B 2 HOH 56  2056 2056 HOH HOH A . 
B 2 HOH 57  2057 2057 HOH HOH A . 
B 2 HOH 58  2058 2058 HOH HOH A . 
B 2 HOH 59  2059 2059 HOH HOH A . 
B 2 HOH 60  2060 2060 HOH HOH A . 
B 2 HOH 61  2061 2061 HOH HOH A . 
B 2 HOH 62  2062 2062 HOH HOH A . 
B 2 HOH 63  2063 2063 HOH HOH A . 
B 2 HOH 64  2064 2064 HOH HOH A . 
B 2 HOH 65  2065 2065 HOH HOH A . 
B 2 HOH 66  2066 2066 HOH HOH A . 
B 2 HOH 67  2067 2067 HOH HOH A . 
B 2 HOH 68  2068 2068 HOH HOH A . 
B 2 HOH 69  2069 2069 HOH HOH A . 
B 2 HOH 70  2070 2070 HOH HOH A . 
B 2 HOH 71  2071 2071 HOH HOH A . 
B 2 HOH 72  2072 2072 HOH HOH A . 
B 2 HOH 73  2073 2073 HOH HOH A . 
B 2 HOH 74  2074 2074 HOH HOH A . 
B 2 HOH 75  2075 2075 HOH HOH A . 
B 2 HOH 76  2076 2076 HOH HOH A . 
B 2 HOH 77  2077 2077 HOH HOH A . 
B 2 HOH 78  2078 2078 HOH HOH A . 
B 2 HOH 79  2079 2079 HOH HOH A . 
B 2 HOH 80  2080 2080 HOH HOH A . 
B 2 HOH 81  2081 2081 HOH HOH A . 
B 2 HOH 82  2082 2082 HOH HOH A . 
B 2 HOH 83  2083 2083 HOH HOH A . 
B 2 HOH 84  2084 2084 HOH HOH A . 
B 2 HOH 85  2085 2085 HOH HOH A . 
B 2 HOH 86  2086 2086 HOH HOH A . 
B 2 HOH 87  2087 2087 HOH HOH A . 
B 2 HOH 88  2088 2088 HOH HOH A . 
B 2 HOH 89  2089 2089 HOH HOH A . 
B 2 HOH 90  2090 2090 HOH HOH A . 
B 2 HOH 91  2091 2091 HOH HOH A . 
B 2 HOH 92  2092 2092 HOH HOH A . 
B 2 HOH 93  2093 2093 HOH HOH A . 
B 2 HOH 94  2094 2094 HOH HOH A . 
B 2 HOH 95  2095 2095 HOH HOH A . 
B 2 HOH 96  2096 2096 HOH HOH A . 
B 2 HOH 97  2097 2097 HOH HOH A . 
B 2 HOH 98  2098 2098 HOH HOH A . 
B 2 HOH 99  2099 2099 HOH HOH A . 
B 2 HOH 100 2100 2100 HOH HOH A . 
B 2 HOH 101 2101 2101 HOH HOH A . 
B 2 HOH 102 2102 2102 HOH HOH A . 
B 2 HOH 103 2103 2103 HOH HOH A . 
# 
_pdbx_unobs_or_zero_occ_atoms.id               1 
_pdbx_unobs_or_zero_occ_atoms.PDB_model_num    1 
_pdbx_unobs_or_zero_occ_atoms.polymer_flag     Y 
_pdbx_unobs_or_zero_occ_atoms.occupancy_flag   1 
_pdbx_unobs_or_zero_occ_atoms.auth_asym_id     A 
_pdbx_unobs_or_zero_occ_atoms.auth_comp_id     ASP 
_pdbx_unobs_or_zero_occ_atoms.auth_seq_id      117 
_pdbx_unobs_or_zero_occ_atoms.PDB_ins_code     ? 
_pdbx_unobs_or_zero_occ_atoms.auth_atom_id     OD1 
_pdbx_unobs_or_zero_occ_atoms.label_alt_id     ? 
_pdbx_unobs_or_zero_occ_atoms.label_asym_id    A 
_pdbx_unobs_or_zero_occ_atoms.label_comp_id    ASP 
_pdbx_unobs_or_zero_occ_atoms.label_seq_id     120 
_pdbx_unobs_or_zero_occ_atoms.label_atom_id    OD1 
# 
loop_
_software.name 
_software.classification 
_software.version 
_software.citation_id 
_software.pdbx_ordinal 
REFMAC   refinement       5.6.0081        ? 1 
XDS      'data reduction' .               ? 2 
XSCALE   'data scaling'   .               ? 3 
SHELXCDE phasing          'SOLVE RESOLVE' ? 4 
# 
_cell.entry_id           2X5P 
_cell.length_a           57.220 
_cell.length_b           57.220 
_cell.length_c           64.580 
_cell.angle_alpha        90.00 
_cell.angle_beta         90.00 
_cell.angle_gamma        120.00 
_cell.Z_PDB              6 
_cell.pdbx_unique_axis   ? 
# 
_symmetry.entry_id                         2X5P 
_symmetry.space_group_name_H-M             'P 61' 
_symmetry.pdbx_full_space_group_name_H-M   ? 
_symmetry.cell_setting                     ? 
_symmetry.Int_Tables_number                169 
# 
_exptl.entry_id          2X5P 
_exptl.method            'X-RAY DIFFRACTION' 
_exptl.crystals_number   1 
# 
_exptl_crystal.id                    1 
_exptl_crystal.density_meas          ? 
_exptl_crystal.density_Matthews      2.38 
_exptl_crystal.density_percent_sol   48.4 
_exptl_crystal.description           NONE 
# 
_exptl_crystal_grow.crystal_id      1 
_exptl_crystal_grow.method          ? 
_exptl_crystal_grow.temp            ? 
_exptl_crystal_grow.temp_details    ? 
_exptl_crystal_grow.pH              8.5 
_exptl_crystal_grow.pdbx_pH_range   ? 
_exptl_crystal_grow.pdbx_details    
;2.47 - 2.52M AMMONIUM SULFATE, 0.26M MAGNESIUM ACETATE OR 0.21M MAGNESIUM CHLORIDE, 0.1M BICINE PH 8.5 - 9.5. CRYSTAL WAS CRYOPROTECTED DIRECTLY IN THIS SOLUTION SUPPLEMENTED WITH 25% GLYCEROL.
;
# 
_diffrn.id                     1 
_diffrn.ambient_temp           100 
_diffrn.ambient_temp_details   ? 
_diffrn.crystal_id             1 
# 
_diffrn_detector.diffrn_id              1 
_diffrn_detector.detector               CCD 
_diffrn_detector.type                   'ADSC QUANTUM 315r' 
_diffrn_detector.pdbx_collection_date   2008-05-17 
_diffrn_detector.details                MIRRORS 
# 
_diffrn_radiation.diffrn_id                        1 
_diffrn_radiation.wavelength_id                    1 
_diffrn_radiation.pdbx_monochromatic_or_laue_m_l   M 
_diffrn_radiation.monochromator                    'SI(111)' 
_diffrn_radiation.pdbx_diffrn_protocol             'SINGLE WAVELENGTH' 
_diffrn_radiation.pdbx_scattering_type             x-ray 
# 
_diffrn_radiation_wavelength.id           1 
_diffrn_radiation_wavelength.wavelength   0.8 
_diffrn_radiation_wavelength.wt           1.0 
# 
_diffrn_source.diffrn_id                   1 
_diffrn_source.source                      SYNCHROTRON 
_diffrn_source.type                        'ESRF BEAMLINE ID29' 
_diffrn_source.pdbx_synchrotron_site       ESRF 
_diffrn_source.pdbx_synchrotron_beamline   ID29 
_diffrn_source.pdbx_wavelength             0.8 
_diffrn_source.pdbx_wavelength_list        ? 
# 
_reflns.pdbx_diffrn_id               1 
_reflns.pdbx_ordinal                 1 
_reflns.entry_id                     2X5P 
_reflns.observed_criterion_sigma_I   0.0 
_reflns.observed_criterion_sigma_F   ? 
_reflns.d_resolution_low             1.64 
_reflns.d_resolution_high            1.60 
_reflns.number_obs                   15019 
_reflns.number_all                   ? 
_reflns.percent_possible_obs         98.2 
_reflns.pdbx_Rmerge_I_obs            0.06 
_reflns.pdbx_Rsym_value              ? 
_reflns.pdbx_netI_over_sigmaI        22.0 
_reflns.B_iso_Wilson_estimate        ? 
_reflns.pdbx_redundancy              2.9 
# 
_reflns_shell.pdbx_diffrn_id         1 
_reflns_shell.pdbx_ordinal           1 
_reflns_shell.d_res_high             1.60 
_reflns_shell.d_res_low              1.64 
_reflns_shell.percent_possible_all   96.7 
_reflns_shell.Rmerge_I_obs           0.43 
_reflns_shell.pdbx_Rsym_value        ? 
_reflns_shell.meanI_over_sigI_obs    3.40 
_reflns_shell.pdbx_redundancy        1.9 
# 
_refine.pdbx_refine_id                           'X-RAY DIFFRACTION' 
_refine.entry_id                                 2X5P 
_refine.pdbx_diffrn_id                           1 
_refine.pdbx_TLS_residual_ADP_flag               ? 
_refine.ls_number_reflns_obs                     15019 
_refine.ls_number_reflns_all                     ? 
_refine.pdbx_ls_sigma_I                          ? 
_refine.pdbx_ls_sigma_F                          ? 
_refine.pdbx_data_cutoff_high_absF               ? 
_refine.pdbx_data_cutoff_low_absF                ? 
_refine.pdbx_data_cutoff_high_rms_absF           ? 
_refine.ls_d_res_low                             27.06 
_refine.ls_d_res_high                            1.60 
_refine.ls_percent_reflns_obs                    99.8 
_refine.ls_R_factor_obs                          0.138 
_refine.ls_R_factor_all                          ? 
_refine.ls_R_factor_R_work                       0.136 
_refine.ls_R_factor_R_free                       0.170 
_refine.ls_R_factor_R_free_error                 ? 
_refine.ls_R_factor_R_free_error_details         ? 
_refine.ls_percent_reflns_R_free                 5.00 
_refine.ls_number_reflns_R_free                  789 
_refine.ls_number_parameters                     ? 
_refine.ls_number_restraints                     ? 
_refine.occupancy_min                            ? 
_refine.occupancy_max                            ? 
_refine.correlation_coeff_Fo_to_Fc               0.974 
_refine.correlation_coeff_Fo_to_Fc_free          0.966 
_refine.B_iso_mean                               16.74 
_refine.aniso_B[1][1]                            0.05 
_refine.aniso_B[2][2]                            0.05 
_refine.aniso_B[3][3]                            -0.08 
_refine.aniso_B[1][2]                            0.03 
_refine.aniso_B[1][3]                            0.00 
_refine.aniso_B[2][3]                            0.00 
_refine.solvent_model_details                    'BABINET MODEL WITH MASK' 
_refine.solvent_model_param_ksol                 ? 
_refine.solvent_model_param_bsol                 ? 
_refine.pdbx_solvent_vdw_probe_radii             1.20 
_refine.pdbx_solvent_ion_probe_radii             0.80 
_refine.pdbx_solvent_shrinkage_radii             0.80 
_refine.pdbx_ls_cross_valid_method               THROUGHOUT 
_refine.details                                  'HYDROGENS HAVE BEEN USED IF PRESENT IN THE INPUT' 
_refine.pdbx_starting_model                      NONE 
_refine.pdbx_method_to_determine_struct          SAD 
_refine.pdbx_isotropic_thermal_model             ? 
_refine.pdbx_stereochemistry_target_values       'MAXIMUM LIKELIHOOD' 
_refine.pdbx_stereochem_target_val_spec_case     ? 
_refine.pdbx_R_Free_selection_details            RANDOM 
_refine.pdbx_overall_ESU_R                       0.079 
_refine.pdbx_overall_ESU_R_Free                  0.067 
_refine.overall_SU_ML                            0.043 
_refine.pdbx_overall_phase_error                 ? 
_refine.overall_SU_B                             2.714 
_refine.overall_SU_R_Cruickshank_DPI             ? 
_refine.pdbx_overall_SU_R_free_Cruickshank_DPI   ? 
_refine.pdbx_overall_SU_R_Blow_DPI               ? 
_refine.pdbx_overall_SU_R_free_Blow_DPI          ? 
# 
_refine_hist.pdbx_refine_id                   'X-RAY DIFFRACTION' 
_refine_hist.cycle_id                         LAST 
_refine_hist.pdbx_number_atoms_protein        779 
_refine_hist.pdbx_number_atoms_nucleic_acid   0 
_refine_hist.pdbx_number_atoms_ligand         0 
_refine_hist.number_atoms_solvent             103 
_refine_hist.number_atoms_total               882 
_refine_hist.d_res_high                       1.60 
_refine_hist.d_res_low                        27.06 
# 
loop_
_refine_ls_restr.type 
_refine_ls_restr.dev_ideal 
_refine_ls_restr.dev_ideal_target 
_refine_ls_restr.weight 
_refine_ls_restr.number 
_refine_ls_restr.pdbx_refine_id 
_refine_ls_restr.pdbx_restraint_function 
r_bond_refined_d             0.010  0.022  ? 796  'X-RAY DIFFRACTION' ? 
r_bond_other_d               0.001  0.020  ? 511  'X-RAY DIFFRACTION' ? 
r_angle_refined_deg          1.235  1.943  ? 1075 'X-RAY DIFFRACTION' ? 
r_angle_other_deg            0.773  3.000  ? 1262 'X-RAY DIFFRACTION' ? 
r_dihedral_angle_1_deg       6.189  5.000  ? 104  'X-RAY DIFFRACTION' ? 
r_dihedral_angle_2_deg       37.252 25.625 ? 32   'X-RAY DIFFRACTION' ? 
r_dihedral_angle_3_deg       12.340 15.000 ? 136  'X-RAY DIFFRACTION' ? 
r_dihedral_angle_4_deg       10.974 15.000 ? 2    'X-RAY DIFFRACTION' ? 
r_chiral_restr               0.073  0.200  ? 127  'X-RAY DIFFRACTION' ? 
r_gen_planes_refined         0.004  0.020  ? 883  'X-RAY DIFFRACTION' ? 
r_gen_planes_other           0.001  0.020  ? 150  'X-RAY DIFFRACTION' ? 
r_nbd_refined                ?      ?      ? ?    'X-RAY DIFFRACTION' ? 
r_nbd_other                  ?      ?      ? ?    'X-RAY DIFFRACTION' ? 
r_nbtor_refined              ?      ?      ? ?    'X-RAY DIFFRACTION' ? 
r_nbtor_other                ?      ?      ? ?    'X-RAY DIFFRACTION' ? 
r_xyhbond_nbd_refined        ?      ?      ? ?    'X-RAY DIFFRACTION' ? 
r_xyhbond_nbd_other          ?      ?      ? ?    'X-RAY DIFFRACTION' ? 
r_metal_ion_refined          ?      ?      ? ?    'X-RAY DIFFRACTION' ? 
r_metal_ion_other            ?      ?      ? ?    'X-RAY DIFFRACTION' ? 
r_symmetry_vdw_refined       ?      ?      ? ?    'X-RAY DIFFRACTION' ? 
r_symmetry_vdw_other         ?      ?      ? ?    'X-RAY DIFFRACTION' ? 
r_symmetry_hbond_refined     ?      ?      ? ?    'X-RAY DIFFRACTION' ? 
r_symmetry_hbond_other       ?      ?      ? ?    'X-RAY DIFFRACTION' ? 
r_symmetry_metal_ion_refined ?      ?      ? ?    'X-RAY DIFFRACTION' ? 
r_symmetry_metal_ion_other   ?      ?      ? ?    'X-RAY DIFFRACTION' ? 
r_mcbond_it                  1.063  1.500  ? 513  'X-RAY DIFFRACTION' ? 
r_mcbond_other               0.349  1.500  ? 215  'X-RAY DIFFRACTION' ? 
r_mcangle_it                 1.822  2.000  ? 825  'X-RAY DIFFRACTION' ? 
r_mcangle_other              ?      ?      ? ?    'X-RAY DIFFRACTION' ? 
r_scbond_it                  2.560  3.000  ? 283  'X-RAY DIFFRACTION' ? 
r_scbond_other               ?      ?      ? ?    'X-RAY DIFFRACTION' ? 
r_scangle_it                 4.001  4.500  ? 249  'X-RAY DIFFRACTION' ? 
r_scangle_other              ?      ?      ? ?    'X-RAY DIFFRACTION' ? 
r_long_range_B_refined       ?      ?      ? ?    'X-RAY DIFFRACTION' ? 
r_long_range_B_other         ?      ?      ? ?    'X-RAY DIFFRACTION' ? 
r_rigid_bond_restr           4.308  3.000  ? 4285 'X-RAY DIFFRACTION' ? 
r_sphericity_free            8.762  5.000  ? 103  'X-RAY DIFFRACTION' ? 
r_sphericity_bonded          4.757  5.000  ? 1294 'X-RAY DIFFRACTION' ? 
# 
_refine_ls_shell.pdbx_refine_id                   'X-RAY DIFFRACTION' 
_refine_ls_shell.pdbx_total_number_of_bins_used   20 
_refine_ls_shell.d_res_high                       1.60 
_refine_ls_shell.d_res_low                        1.64 
_refine_ls_shell.number_reflns_R_work             1099 
_refine_ls_shell.R_factor_R_work                  0.1630 
_refine_ls_shell.percent_reflns_obs               99.48 
_refine_ls_shell.R_factor_R_free                  0.2380 
_refine_ls_shell.R_factor_R_free_error            ? 
_refine_ls_shell.percent_reflns_R_free            ? 
_refine_ls_shell.number_reflns_R_free             56 
_refine_ls_shell.number_reflns_all                ? 
_refine_ls_shell.R_factor_all                     ? 
# 
_struct.entry_id                  2X5P 
_struct.title                     'Crystal structure of the Streptococcus pyogenes fibronectin binding protein Fbab-B' 
_struct.pdbx_model_details        ? 
_struct.pdbx_CASP_flag            ? 
_struct.pdbx_model_type_details   ? 
# 
_struct_keywords.entry_id        2X5P 
_struct_keywords.pdbx_keywords   'PROTEIN BINDING' 
_struct_keywords.text            'PROTEIN BINDING' 
# 
loop_
_struct_asym.id 
_struct_asym.pdbx_blank_PDB_chainid_flag 
_struct_asym.pdbx_modified 
_struct_asym.entity_id 
_struct_asym.details 
A N N 1 ? 
B N N 2 ? 
# 
_struct_ref.id                         1 
_struct_ref.db_name                    UNP 
_struct_ref.db_code                    Q8G9G1_STRPY 
_struct_ref.entity_id                  1 
_struct_ref.pdbx_seq_one_letter_code   ? 
_struct_ref.pdbx_align_begin           ? 
_struct_ref.pdbx_db_accession          Q8G9G1 
_struct_ref.pdbx_db_isoform            ? 
# 
_struct_ref_seq.align_id                      1 
_struct_ref_seq.ref_id                        1 
_struct_ref_seq.pdbx_PDB_id_code              2X5P 
_struct_ref_seq.pdbx_strand_id                A 
_struct_ref_seq.seq_align_beg                 4 
_struct_ref_seq.pdbx_seq_align_beg_ins_code   ? 
_struct_ref_seq.seq_align_end                 121 
_struct_ref_seq.pdbx_seq_align_end_ins_code   ? 
_struct_ref_seq.pdbx_db_accession             Q8G9G1 
_struct_ref_seq.db_align_beg                  440 
_struct_ref_seq.pdbx_db_align_beg_ins_code    ? 
_struct_ref_seq.db_align_end                  557 
_struct_ref_seq.pdbx_db_align_end_ins_code    ? 
_struct_ref_seq.pdbx_auth_seq_align_beg       1 
_struct_ref_seq.pdbx_auth_seq_align_end       118 
# 
loop_
_struct_ref_seq_dif.align_id 
_struct_ref_seq_dif.pdbx_pdb_id_code 
_struct_ref_seq_dif.mon_id 
_struct_ref_seq_dif.pdbx_pdb_strand_id 
_struct_ref_seq_dif.seq_num 
_struct_ref_seq_dif.pdbx_pdb_ins_code 
_struct_ref_seq_dif.pdbx_seq_db_name 
_struct_ref_seq_dif.pdbx_seq_db_accession_code 
_struct_ref_seq_dif.db_mon_id 
_struct_ref_seq_dif.pdbx_seq_db_seq_num 
_struct_ref_seq_dif.details 
_struct_ref_seq_dif.pdbx_auth_seq_num 
_struct_ref_seq_dif.pdbx_ordinal 
1 2X5P GLY A 1 ? UNP Q8G9G1 ? ? 'expression tag' -2 1 
1 2X5P ALA A 2 ? UNP Q8G9G1 ? ? 'expression tag' -1 2 
1 2X5P MET A 3 ? UNP Q8G9G1 ? ? 'expression tag' 0  3 
# 
_pdbx_struct_assembly.id                   1 
_pdbx_struct_assembly.details              author_and_software_defined_assembly 
_pdbx_struct_assembly.method_details       PISA 
_pdbx_struct_assembly.oligomeric_details   monomeric 
_pdbx_struct_assembly.oligomeric_count     1 
# 
_pdbx_struct_assembly_gen.assembly_id       1 
_pdbx_struct_assembly_gen.oper_expression   1 
_pdbx_struct_assembly_gen.asym_id_list      A,B 
# 
_pdbx_struct_oper_list.id                   1 
_pdbx_struct_oper_list.type                 'identity operation' 
_pdbx_struct_oper_list.name                 1_555 
_pdbx_struct_oper_list.symmetry_operation   x,y,z 
_pdbx_struct_oper_list.matrix[1][1]         1.0000000000 
_pdbx_struct_oper_list.matrix[1][2]         0.0000000000 
_pdbx_struct_oper_list.matrix[1][3]         0.0000000000 
_pdbx_struct_oper_list.vector[1]            0.0000000000 
_pdbx_struct_oper_list.matrix[2][1]         0.0000000000 
_pdbx_struct_oper_list.matrix[2][2]         1.0000000000 
_pdbx_struct_oper_list.matrix[2][3]         0.0000000000 
_pdbx_struct_oper_list.vector[2]            0.0000000000 
_pdbx_struct_oper_list.matrix[3][1]         0.0000000000 
_pdbx_struct_oper_list.matrix[3][2]         0.0000000000 
_pdbx_struct_oper_list.matrix[3][3]         1.0000000000 
_pdbx_struct_oper_list.vector[3]            0.0000000000 
# 
_struct_biol.id   1 
# 
loop_
_struct_sheet.id 
_struct_sheet.type 
_struct_sheet.number_strands 
_struct_sheet.details 
AA ? 3 ? 
AB ? 6 ? 
# 
loop_
_struct_sheet_order.sheet_id 
_struct_sheet_order.range_id_1 
_struct_sheet_order.range_id_2 
_struct_sheet_order.offset 
_struct_sheet_order.sense 
AA 1 2 ? anti-parallel 
AA 2 3 ? parallel      
AB 1 2 ? anti-parallel 
AB 2 3 ? anti-parallel 
AB 3 4 ? anti-parallel 
AB 4 5 ? anti-parallel 
AB 5 6 ? anti-parallel 
# 
loop_
_struct_sheet_range.sheet_id 
_struct_sheet_range.id 
_struct_sheet_range.beg_label_comp_id 
_struct_sheet_range.beg_label_asym_id 
_struct_sheet_range.beg_label_seq_id 
_struct_sheet_range.pdbx_beg_PDB_ins_code 
_struct_sheet_range.end_label_comp_id 
_struct_sheet_range.end_label_asym_id 
_struct_sheet_range.end_label_seq_id 
_struct_sheet_range.pdbx_end_PDB_ins_code 
_struct_sheet_range.beg_auth_comp_id 
_struct_sheet_range.beg_auth_asym_id 
_struct_sheet_range.beg_auth_seq_id 
_struct_sheet_range.end_auth_comp_id 
_struct_sheet_range.end_auth_asym_id 
_struct_sheet_range.end_auth_seq_id 
AA 1 LYS A 67  ? LEU A 71  ? LYS A 64  LEU A 68  
AA 2 THR A 28  ? ARG A 35  ? THR A 25  ARG A 32  
AA 3 HIS A 115 ? VAL A 119 ? HIS A 112 VAL A 116 
AB 1 THR A 56  ? ILE A 61  ? THR A 53  ILE A 58  
AB 2 THR A 46  ? ARG A 50  ? THR A 43  ARG A 47  
AB 3 GLY A 74  ? ALA A 82  ? GLY A 71  ALA A 79  
AB 4 ILE A 93  ? VAL A 97  ? ILE A 90  VAL A 94  
AB 5 VAL A 103 ? VAL A 105 ? VAL A 100 VAL A 102 
AB 6 LYS A 108 ? THR A 110 ? LYS A 105 THR A 107 
# 
loop_
_pdbx_struct_sheet_hbond.sheet_id 
_pdbx_struct_sheet_hbond.range_id_1 
_pdbx_struct_sheet_hbond.range_id_2 
_pdbx_struct_sheet_hbond.range_1_label_atom_id 
_pdbx_struct_sheet_hbond.range_1_label_comp_id 
_pdbx_struct_sheet_hbond.range_1_label_asym_id 
_pdbx_struct_sheet_hbond.range_1_label_seq_id 
_pdbx_struct_sheet_hbond.range_1_PDB_ins_code 
_pdbx_struct_sheet_hbond.range_1_auth_atom_id 
_pdbx_struct_sheet_hbond.range_1_auth_comp_id 
_pdbx_struct_sheet_hbond.range_1_auth_asym_id 
_pdbx_struct_sheet_hbond.range_1_auth_seq_id 
_pdbx_struct_sheet_hbond.range_2_label_atom_id 
_pdbx_struct_sheet_hbond.range_2_label_comp_id 
_pdbx_struct_sheet_hbond.range_2_label_asym_id 
_pdbx_struct_sheet_hbond.range_2_label_seq_id 
_pdbx_struct_sheet_hbond.range_2_PDB_ins_code 
_pdbx_struct_sheet_hbond.range_2_auth_atom_id 
_pdbx_struct_sheet_hbond.range_2_auth_comp_id 
_pdbx_struct_sheet_hbond.range_2_auth_asym_id 
_pdbx_struct_sheet_hbond.range_2_auth_seq_id 
AA 1 2 N LEU A 71  ? N LEU A 68  O THR A 28  ? O THR A 25  
AA 2 3 N SER A 33  ? N SER A 30  O ILE A 116 ? O ILE A 113 
AB 1 2 N TRP A 60  ? N TRP A 57  O MET A 47  ? O MET A 44  
AB 2 3 N ARG A 50  ? N ARG A 47  O THR A 77  ? O THR A 74  
AB 3 4 N PHE A 78  ? N PHE A 75  O ILE A 93  ? O ILE A 90  
AB 4 5 N THR A 96  ? N THR A 93  O THR A 104 ? O THR A 101 
AB 5 6 N VAL A 105 ? N VAL A 102 O LYS A 108 ? O LYS A 105 
# 
loop_
_pdbx_validate_close_contact.id 
_pdbx_validate_close_contact.PDB_model_num 
_pdbx_validate_close_contact.auth_atom_id_1 
_pdbx_validate_close_contact.auth_asym_id_1 
_pdbx_validate_close_contact.auth_comp_id_1 
_pdbx_validate_close_contact.auth_seq_id_1 
_pdbx_validate_close_contact.PDB_ins_code_1 
_pdbx_validate_close_contact.label_alt_id_1 
_pdbx_validate_close_contact.auth_atom_id_2 
_pdbx_validate_close_contact.auth_asym_id_2 
_pdbx_validate_close_contact.auth_comp_id_2 
_pdbx_validate_close_contact.auth_seq_id_2 
_pdbx_validate_close_contact.PDB_ins_code_2 
_pdbx_validate_close_contact.label_alt_id_2 
_pdbx_validate_close_contact.dist 
1 1 NZ A LYS 31 ? ? CG A ASP 117  ? ? 1.25 
2 1 N  A ASP 22 ? ? O  A HOH 2002 ? ? 2.00 
# 
loop_
_pdbx_refine_tls.pdbx_refine_id 
_pdbx_refine_tls.id 
_pdbx_refine_tls.details 
_pdbx_refine_tls.method 
_pdbx_refine_tls.origin_x 
_pdbx_refine_tls.origin_y 
_pdbx_refine_tls.origin_z 
_pdbx_refine_tls.T[1][1] 
_pdbx_refine_tls.T[2][2] 
_pdbx_refine_tls.T[3][3] 
_pdbx_refine_tls.T[1][2] 
_pdbx_refine_tls.T[1][3] 
_pdbx_refine_tls.T[2][3] 
_pdbx_refine_tls.L[1][1] 
_pdbx_refine_tls.L[2][2] 
_pdbx_refine_tls.L[3][3] 
_pdbx_refine_tls.L[1][2] 
_pdbx_refine_tls.L[1][3] 
_pdbx_refine_tls.L[2][3] 
_pdbx_refine_tls.S[1][1] 
_pdbx_refine_tls.S[1][2] 
_pdbx_refine_tls.S[1][3] 
_pdbx_refine_tls.S[2][1] 
_pdbx_refine_tls.S[2][2] 
_pdbx_refine_tls.S[2][3] 
_pdbx_refine_tls.S[3][1] 
_pdbx_refine_tls.S[3][2] 
_pdbx_refine_tls.S[3][3] 
'X-RAY DIFFRACTION' 1 ? refined -2.0745 0.8208  -4.7447 0.0527 0.0692 0.0167 -0.0350 -0.0153 0.0157  0.8156 5.0881 0.3321  -0.6997 -0.1493 0.3993  -0.1050 0.1859 0.0182  -0.2921 0.0476 0.0875  0.0003 0.0376  0.0574 
'X-RAY DIFFRACTION' 2 ? refined 0.2215  3.0767  2.8373  0.0255 0.0203 0.0065 -0.0097 0.0037  -0.0058 1.2304 1.5677 0.0851  1.2191  0.1501  0.2888  -0.0379 0.0982 -0.0091 0.0132  0.0358 0.0122  0.0032 -0.0101 0.0020 
'X-RAY DIFFRACTION' 3 ? refined -8.5145 15.4103 -9.7962 0.1750 0.1589 0.1385 -0.0017 -0.0249 -0.0148 3.5346 5.4904 39.5703 -1.3483 -5.1999 -0.7537 -0.1090 0.4615 -0.3854 -0.3138 0.0391 -0.1423 2.4419 -0.1653 0.0699  
# 
loop_
_pdbx_refine_tls_group.pdbx_refine_id 
_pdbx_refine_tls_group.id 
_pdbx_refine_tls_group.refine_tls_id 
_pdbx_refine_tls_group.beg_auth_asym_id 
_pdbx_refine_tls_group.beg_auth_seq_id 
_pdbx_refine_tls_group.beg_label_asym_id 
_pdbx_refine_tls_group.beg_label_seq_id 
_pdbx_refine_tls_group.end_auth_asym_id 
_pdbx_refine_tls_group.end_auth_seq_id 
_pdbx_refine_tls_group.end_label_asym_id 
_pdbx_refine_tls_group.end_label_seq_id 
_pdbx_refine_tls_group.selection 
_pdbx_refine_tls_group.selection_details 
'X-RAY DIFFRACTION' 1 1 A 25  ? ? A 32  ? ? ? ? 
'X-RAY DIFFRACTION' 2 1 A 62  ? ? A 68  ? ? ? ? 
'X-RAY DIFFRACTION' 3 1 A 110 ? ? A 117 ? ? ? ? 
'X-RAY DIFFRACTION' 4 2 A 89  ? ? A 108 ? ? ? ? 
'X-RAY DIFFRACTION' 5 2 A 71  ? ? A 79  ? ? ? ? 
'X-RAY DIFFRACTION' 6 2 A 41  ? ? A 47  ? ? ? ? 
'X-RAY DIFFRACTION' 7 2 A 54  ? ? A 59  ? ? ? ? 
'X-RAY DIFFRACTION' 8 3 A -2  ? ? A 4   ? ? ? ? 
# 
loop_
_pdbx_unobs_or_zero_occ_residues.id 
_pdbx_unobs_or_zero_occ_residues.PDB_model_num 
_pdbx_unobs_or_zero_occ_residues.polymer_flag 
_pdbx_unobs_or_zero_occ_residues.occupancy_flag 
_pdbx_unobs_or_zero_occ_residues.auth_asym_id 
_pdbx_unobs_or_zero_occ_residues.auth_comp_id 
_pdbx_unobs_or_zero_occ_residues.auth_seq_id 
_pdbx_unobs_or_zero_occ_residues.PDB_ins_code 
_pdbx_unobs_or_zero_occ_residues.label_asym_id 
_pdbx_unobs_or_zero_occ_residues.label_comp_id 
_pdbx_unobs_or_zero_occ_residues.label_seq_id 
1  1 Y 1 A SER 5  ? A SER 8  
2  1 Y 1 A GLY 6  ? A GLY 9  
3  1 Y 1 A LEU 7  ? A LEU 10 
4  1 Y 1 A SER 8  ? A SER 11 
5  1 Y 1 A SER 9  ? A SER 12 
6  1 Y 1 A GLU 10 ? A GLU 13 
7  1 Y 1 A GLN 11 ? A GLN 14 
8  1 Y 1 A GLY 12 ? A GLY 15 
9  1 Y 1 A GLN 13 ? A GLN 16 
10 1 Y 1 A SER 14 ? A SER 17 
11 1 Y 1 A GLY 15 ? A GLY 18 
12 1 Y 1 A ASP 16 ? A ASP 19 
13 1 Y 1 A MET 17 ? A MET 20 
14 1 Y 1 A THR 18 ? A THR 21 
15 1 Y 1 A ILE 19 ? A ILE 22 
16 1 Y 1 A GLU 20 ? A GLU 23 
17 1 Y 1 A GLU 21 ? A GLU 24 
# 
loop_
_chem_comp_atom.comp_id 
_chem_comp_atom.atom_id 
_chem_comp_atom.type_symbol 
_chem_comp_atom.pdbx_aromatic_flag 
_chem_comp_atom.pdbx_stereo_config 
_chem_comp_atom.pdbx_ordinal 
ALA N    N N N 1   
ALA CA   C N S 2   
ALA C    C N N 3   
ALA O    O N N 4   
ALA CB   C N N 5   
ALA OXT  O N N 6   
ALA H    H N N 7   
ALA H2   H N N 8   
ALA HA   H N N 9   
ALA HB1  H N N 10  
ALA HB2  H N N 11  
ALA HB3  H N N 12  
ALA HXT  H N N 13  
ARG N    N N N 14  
ARG CA   C N S 15  
ARG C    C N N 16  
ARG O    O N N 17  
ARG CB   C N N 18  
ARG CG   C N N 19  
ARG CD   C N N 20  
ARG NE   N N N 21  
ARG CZ   C N N 22  
ARG NH1  N N N 23  
ARG NH2  N N N 24  
ARG OXT  O N N 25  
ARG H    H N N 26  
ARG H2   H N N 27  
ARG HA   H N N 28  
ARG HB2  H N N 29  
ARG HB3  H N N 30  
ARG HG2  H N N 31  
ARG HG3  H N N 32  
ARG HD2  H N N 33  
ARG HD3  H N N 34  
ARG HE   H N N 35  
ARG HH11 H N N 36  
ARG HH12 H N N 37  
ARG HH21 H N N 38  
ARG HH22 H N N 39  
ARG HXT  H N N 40  
ASN N    N N N 41  
ASN CA   C N S 42  
ASN C    C N N 43  
ASN O    O N N 44  
ASN CB   C N N 45  
ASN CG   C N N 46  
ASN OD1  O N N 47  
ASN ND2  N N N 48  
ASN OXT  O N N 49  
ASN H    H N N 50  
ASN H2   H N N 51  
ASN HA   H N N 52  
ASN HB2  H N N 53  
ASN HB3  H N N 54  
ASN HD21 H N N 55  
ASN HD22 H N N 56  
ASN HXT  H N N 57  
ASP N    N N N 58  
ASP CA   C N S 59  
ASP C    C N N 60  
ASP O    O N N 61  
ASP CB   C N N 62  
ASP CG   C N N 63  
ASP OD1  O N N 64  
ASP OD2  O N N 65  
ASP OXT  O N N 66  
ASP H    H N N 67  
ASP H2   H N N 68  
ASP HA   H N N 69  
ASP HB2  H N N 70  
ASP HB3  H N N 71  
ASP HD2  H N N 72  
ASP HXT  H N N 73  
GLN N    N N N 74  
GLN CA   C N S 75  
GLN C    C N N 76  
GLN O    O N N 77  
GLN CB   C N N 78  
GLN CG   C N N 79  
GLN CD   C N N 80  
GLN OE1  O N N 81  
GLN NE2  N N N 82  
GLN OXT  O N N 83  
GLN H    H N N 84  
GLN H2   H N N 85  
GLN HA   H N N 86  
GLN HB2  H N N 87  
GLN HB3  H N N 88  
GLN HG2  H N N 89  
GLN HG3  H N N 90  
GLN HE21 H N N 91  
GLN HE22 H N N 92  
GLN HXT  H N N 93  
GLU N    N N N 94  
GLU CA   C N S 95  
GLU C    C N N 96  
GLU O    O N N 97  
GLU CB   C N N 98  
GLU CG   C N N 99  
GLU CD   C N N 100 
GLU OE1  O N N 101 
GLU OE2  O N N 102 
GLU OXT  O N N 103 
GLU H    H N N 104 
GLU H2   H N N 105 
GLU HA   H N N 106 
GLU HB2  H N N 107 
GLU HB3  H N N 108 
GLU HG2  H N N 109 
GLU HG3  H N N 110 
GLU HE2  H N N 111 
GLU HXT  H N N 112 
GLY N    N N N 113 
GLY CA   C N N 114 
GLY C    C N N 115 
GLY O    O N N 116 
GLY OXT  O N N 117 
GLY H    H N N 118 
GLY H2   H N N 119 
GLY HA2  H N N 120 
GLY HA3  H N N 121 
GLY HXT  H N N 122 
HIS N    N N N 123 
HIS CA   C N S 124 
HIS C    C N N 125 
HIS O    O N N 126 
HIS CB   C N N 127 
HIS CG   C Y N 128 
HIS ND1  N Y N 129 
HIS CD2  C Y N 130 
HIS CE1  C Y N 131 
HIS NE2  N Y N 132 
HIS OXT  O N N 133 
HIS H    H N N 134 
HIS H2   H N N 135 
HIS HA   H N N 136 
HIS HB2  H N N 137 
HIS HB3  H N N 138 
HIS HD1  H N N 139 
HIS HD2  H N N 140 
HIS HE1  H N N 141 
HIS HE2  H N N 142 
HIS HXT  H N N 143 
HOH O    O N N 144 
HOH H1   H N N 145 
HOH H2   H N N 146 
ILE N    N N N 147 
ILE CA   C N S 148 
ILE C    C N N 149 
ILE O    O N N 150 
ILE CB   C N S 151 
ILE CG1  C N N 152 
ILE CG2  C N N 153 
ILE CD1  C N N 154 
ILE OXT  O N N 155 
ILE H    H N N 156 
ILE H2   H N N 157 
ILE HA   H N N 158 
ILE HB   H N N 159 
ILE HG12 H N N 160 
ILE HG13 H N N 161 
ILE HG21 H N N 162 
ILE HG22 H N N 163 
ILE HG23 H N N 164 
ILE HD11 H N N 165 
ILE HD12 H N N 166 
ILE HD13 H N N 167 
ILE HXT  H N N 168 
LEU N    N N N 169 
LEU CA   C N S 170 
LEU C    C N N 171 
LEU O    O N N 172 
LEU CB   C N N 173 
LEU CG   C N N 174 
LEU CD1  C N N 175 
LEU CD2  C N N 176 
LEU OXT  O N N 177 
LEU H    H N N 178 
LEU H2   H N N 179 
LEU HA   H N N 180 
LEU HB2  H N N 181 
LEU HB3  H N N 182 
LEU HG   H N N 183 
LEU HD11 H N N 184 
LEU HD12 H N N 185 
LEU HD13 H N N 186 
LEU HD21 H N N 187 
LEU HD22 H N N 188 
LEU HD23 H N N 189 
LEU HXT  H N N 190 
LYS N    N N N 191 
LYS CA   C N S 192 
LYS C    C N N 193 
LYS O    O N N 194 
LYS CB   C N N 195 
LYS CG   C N N 196 
LYS CD   C N N 197 
LYS CE   C N N 198 
LYS NZ   N N N 199 
LYS OXT  O N N 200 
LYS H    H N N 201 
LYS H2   H N N 202 
LYS HA   H N N 203 
LYS HB2  H N N 204 
LYS HB3  H N N 205 
LYS HG2  H N N 206 
LYS HG3  H N N 207 
LYS HD2  H N N 208 
LYS HD3  H N N 209 
LYS HE2  H N N 210 
LYS HE3  H N N 211 
LYS HZ1  H N N 212 
LYS HZ2  H N N 213 
LYS HZ3  H N N 214 
LYS HXT  H N N 215 
MET N    N N N 216 
MET CA   C N S 217 
MET C    C N N 218 
MET O    O N N 219 
MET CB   C N N 220 
MET CG   C N N 221 
MET SD   S N N 222 
MET CE   C N N 223 
MET OXT  O N N 224 
MET H    H N N 225 
MET H2   H N N 226 
MET HA   H N N 227 
MET HB2  H N N 228 
MET HB3  H N N 229 
MET HG2  H N N 230 
MET HG3  H N N 231 
MET HE1  H N N 232 
MET HE2  H N N 233 
MET HE3  H N N 234 
MET HXT  H N N 235 
PHE N    N N N 236 
PHE CA   C N S 237 
PHE C    C N N 238 
PHE O    O N N 239 
PHE CB   C N N 240 
PHE CG   C Y N 241 
PHE CD1  C Y N 242 
PHE CD2  C Y N 243 
PHE CE1  C Y N 244 
PHE CE2  C Y N 245 
PHE CZ   C Y N 246 
PHE OXT  O N N 247 
PHE H    H N N 248 
PHE H2   H N N 249 
PHE HA   H N N 250 
PHE HB2  H N N 251 
PHE HB3  H N N 252 
PHE HD1  H N N 253 
PHE HD2  H N N 254 
PHE HE1  H N N 255 
PHE HE2  H N N 256 
PHE HZ   H N N 257 
PHE HXT  H N N 258 
PRO N    N N N 259 
PRO CA   C N S 260 
PRO C    C N N 261 
PRO O    O N N 262 
PRO CB   C N N 263 
PRO CG   C N N 264 
PRO CD   C N N 265 
PRO OXT  O N N 266 
PRO H    H N N 267 
PRO HA   H N N 268 
PRO HB2  H N N 269 
PRO HB3  H N N 270 
PRO HG2  H N N 271 
PRO HG3  H N N 272 
PRO HD2  H N N 273 
PRO HD3  H N N 274 
PRO HXT  H N N 275 
SER N    N N N 276 
SER CA   C N S 277 
SER C    C N N 278 
SER O    O N N 279 
SER CB   C N N 280 
SER OG   O N N 281 
SER OXT  O N N 282 
SER H    H N N 283 
SER H2   H N N 284 
SER HA   H N N 285 
SER HB2  H N N 286 
SER HB3  H N N 287 
SER HG   H N N 288 
SER HXT  H N N 289 
THR N    N N N 290 
THR CA   C N S 291 
THR C    C N N 292 
THR O    O N N 293 
THR CB   C N R 294 
THR OG1  O N N 295 
THR CG2  C N N 296 
THR OXT  O N N 297 
THR H    H N N 298 
THR H2   H N N 299 
THR HA   H N N 300 
THR HB   H N N 301 
THR HG1  H N N 302 
THR HG21 H N N 303 
THR HG22 H N N 304 
THR HG23 H N N 305 
THR HXT  H N N 306 
TRP N    N N N 307 
TRP CA   C N S 308 
TRP C    C N N 309 
TRP O    O N N 310 
TRP CB   C N N 311 
TRP CG   C Y N 312 
TRP CD1  C Y N 313 
TRP CD2  C Y N 314 
TRP NE1  N Y N 315 
TRP CE2  C Y N 316 
TRP CE3  C Y N 317 
TRP CZ2  C Y N 318 
TRP CZ3  C Y N 319 
TRP CH2  C Y N 320 
TRP OXT  O N N 321 
TRP H    H N N 322 
TRP H2   H N N 323 
TRP HA   H N N 324 
TRP HB2  H N N 325 
TRP HB3  H N N 326 
TRP HD1  H N N 327 
TRP HE1  H N N 328 
TRP HE3  H N N 329 
TRP HZ2  H N N 330 
TRP HZ3  H N N 331 
TRP HH2  H N N 332 
TRP HXT  H N N 333 
TYR N    N N N 334 
TYR CA   C N S 335 
TYR C    C N N 336 
TYR O    O N N 337 
TYR CB   C N N 338 
TYR CG   C Y N 339 
TYR CD1  C Y N 340 
TYR CD2  C Y N 341 
TYR CE1  C Y N 342 
TYR CE2  C Y N 343 
TYR CZ   C Y N 344 
TYR OH   O N N 345 
TYR OXT  O N N 346 
TYR H    H N N 347 
TYR H2   H N N 348 
TYR HA   H N N 349 
TYR HB2  H N N 350 
TYR HB3  H N N 351 
TYR HD1  H N N 352 
TYR HD2  H N N 353 
TYR HE1  H N N 354 
TYR HE2  H N N 355 
TYR HH   H N N 356 
TYR HXT  H N N 357 
VAL N    N N N 358 
VAL CA   C N S 359 
VAL C    C N N 360 
VAL O    O N N 361 
VAL CB   C N N 362 
VAL CG1  C N N 363 
VAL CG2  C N N 364 
VAL OXT  O N N 365 
VAL H    H N N 366 
VAL H2   H N N 367 
VAL HA   H N N 368 
VAL HB   H N N 369 
VAL HG11 H N N 370 
VAL HG12 H N N 371 
VAL HG13 H N N 372 
VAL HG21 H N N 373 
VAL HG22 H N N 374 
VAL HG23 H N N 375 
VAL HXT  H N N 376 
# 
loop_
_chem_comp_bond.comp_id 
_chem_comp_bond.atom_id_1 
_chem_comp_bond.atom_id_2 
_chem_comp_bond.value_order 
_chem_comp_bond.pdbx_aromatic_flag 
_chem_comp_bond.pdbx_stereo_config 
_chem_comp_bond.pdbx_ordinal 
ALA N   CA   sing N N 1   
ALA N   H    sing N N 2   
ALA N   H2   sing N N 3   
ALA CA  C    sing N N 4   
ALA CA  CB   sing N N 5   
ALA CA  HA   sing N N 6   
ALA C   O    doub N N 7   
ALA C   OXT  sing N N 8   
ALA CB  HB1  sing N N 9   
ALA CB  HB2  sing N N 10  
ALA CB  HB3  sing N N 11  
ALA OXT HXT  sing N N 12  
ARG N   CA   sing N N 13  
ARG N   H    sing N N 14  
ARG N   H2   sing N N 15  
ARG CA  C    sing N N 16  
ARG CA  CB   sing N N 17  
ARG CA  HA   sing N N 18  
ARG C   O    doub N N 19  
ARG C   OXT  sing N N 20  
ARG CB  CG   sing N N 21  
ARG CB  HB2  sing N N 22  
ARG CB  HB3  sing N N 23  
ARG CG  CD   sing N N 24  
ARG CG  HG2  sing N N 25  
ARG CG  HG3  sing N N 26  
ARG CD  NE   sing N N 27  
ARG CD  HD2  sing N N 28  
ARG CD  HD3  sing N N 29  
ARG NE  CZ   sing N N 30  
ARG NE  HE   sing N N 31  
ARG CZ  NH1  sing N N 32  
ARG CZ  NH2  doub N N 33  
ARG NH1 HH11 sing N N 34  
ARG NH1 HH12 sing N N 35  
ARG NH2 HH21 sing N N 36  
ARG NH2 HH22 sing N N 37  
ARG OXT HXT  sing N N 38  
ASN N   CA   sing N N 39  
ASN N   H    sing N N 40  
ASN N   H2   sing N N 41  
ASN CA  C    sing N N 42  
ASN CA  CB   sing N N 43  
ASN CA  HA   sing N N 44  
ASN C   O    doub N N 45  
ASN C   OXT  sing N N 46  
ASN CB  CG   sing N N 47  
ASN CB  HB2  sing N N 48  
ASN CB  HB3  sing N N 49  
ASN CG  OD1  doub N N 50  
ASN CG  ND2  sing N N 51  
ASN ND2 HD21 sing N N 52  
ASN ND2 HD22 sing N N 53  
ASN OXT HXT  sing N N 54  
ASP N   CA   sing N N 55  
ASP N   H    sing N N 56  
ASP N   H2   sing N N 57  
ASP CA  C    sing N N 58  
ASP CA  CB   sing N N 59  
ASP CA  HA   sing N N 60  
ASP C   O    doub N N 61  
ASP C   OXT  sing N N 62  
ASP CB  CG   sing N N 63  
ASP CB  HB2  sing N N 64  
ASP CB  HB3  sing N N 65  
ASP CG  OD1  doub N N 66  
ASP CG  OD2  sing N N 67  
ASP OD2 HD2  sing N N 68  
ASP OXT HXT  sing N N 69  
GLN N   CA   sing N N 70  
GLN N   H    sing N N 71  
GLN N   H2   sing N N 72  
GLN CA  C    sing N N 73  
GLN CA  CB   sing N N 74  
GLN CA  HA   sing N N 75  
GLN C   O    doub N N 76  
GLN C   OXT  sing N N 77  
GLN CB  CG   sing N N 78  
GLN CB  HB2  sing N N 79  
GLN CB  HB3  sing N N 80  
GLN CG  CD   sing N N 81  
GLN CG  HG2  sing N N 82  
GLN CG  HG3  sing N N 83  
GLN CD  OE1  doub N N 84  
GLN CD  NE2  sing N N 85  
GLN NE2 HE21 sing N N 86  
GLN NE2 HE22 sing N N 87  
GLN OXT HXT  sing N N 88  
GLU N   CA   sing N N 89  
GLU N   H    sing N N 90  
GLU N   H2   sing N N 91  
GLU CA  C    sing N N 92  
GLU CA  CB   sing N N 93  
GLU CA  HA   sing N N 94  
GLU C   O    doub N N 95  
GLU C   OXT  sing N N 96  
GLU CB  CG   sing N N 97  
GLU CB  HB2  sing N N 98  
GLU CB  HB3  sing N N 99  
GLU CG  CD   sing N N 100 
GLU CG  HG2  sing N N 101 
GLU CG  HG3  sing N N 102 
GLU CD  OE1  doub N N 103 
GLU CD  OE2  sing N N 104 
GLU OE2 HE2  sing N N 105 
GLU OXT HXT  sing N N 106 
GLY N   CA   sing N N 107 
GLY N   H    sing N N 108 
GLY N   H2   sing N N 109 
GLY CA  C    sing N N 110 
GLY CA  HA2  sing N N 111 
GLY CA  HA3  sing N N 112 
GLY C   O    doub N N 113 
GLY C   OXT  sing N N 114 
GLY OXT HXT  sing N N 115 
HIS N   CA   sing N N 116 
HIS N   H    sing N N 117 
HIS N   H2   sing N N 118 
HIS CA  C    sing N N 119 
HIS CA  CB   sing N N 120 
HIS CA  HA   sing N N 121 
HIS C   O    doub N N 122 
HIS C   OXT  sing N N 123 
HIS CB  CG   sing N N 124 
HIS CB  HB2  sing N N 125 
HIS CB  HB3  sing N N 126 
HIS CG  ND1  sing Y N 127 
HIS CG  CD2  doub Y N 128 
HIS ND1 CE1  doub Y N 129 
HIS ND1 HD1  sing N N 130 
HIS CD2 NE2  sing Y N 131 
HIS CD2 HD2  sing N N 132 
HIS CE1 NE2  sing Y N 133 
HIS CE1 HE1  sing N N 134 
HIS NE2 HE2  sing N N 135 
HIS OXT HXT  sing N N 136 
HOH O   H1   sing N N 137 
HOH O   H2   sing N N 138 
ILE N   CA   sing N N 139 
ILE N   H    sing N N 140 
ILE N   H2   sing N N 141 
ILE CA  C    sing N N 142 
ILE CA  CB   sing N N 143 
ILE CA  HA   sing N N 144 
ILE C   O    doub N N 145 
ILE C   OXT  sing N N 146 
ILE CB  CG1  sing N N 147 
ILE CB  CG2  sing N N 148 
ILE CB  HB   sing N N 149 
ILE CG1 CD1  sing N N 150 
ILE CG1 HG12 sing N N 151 
ILE CG1 HG13 sing N N 152 
ILE CG2 HG21 sing N N 153 
ILE CG2 HG22 sing N N 154 
ILE CG2 HG23 sing N N 155 
ILE CD1 HD11 sing N N 156 
ILE CD1 HD12 sing N N 157 
ILE CD1 HD13 sing N N 158 
ILE OXT HXT  sing N N 159 
LEU N   CA   sing N N 160 
LEU N   H    sing N N 161 
LEU N   H2   sing N N 162 
LEU CA  C    sing N N 163 
LEU CA  CB   sing N N 164 
LEU CA  HA   sing N N 165 
LEU C   O    doub N N 166 
LEU C   OXT  sing N N 167 
LEU CB  CG   sing N N 168 
LEU CB  HB2  sing N N 169 
LEU CB  HB3  sing N N 170 
LEU CG  CD1  sing N N 171 
LEU CG  CD2  sing N N 172 
LEU CG  HG   sing N N 173 
LEU CD1 HD11 sing N N 174 
LEU CD1 HD12 sing N N 175 
LEU CD1 HD13 sing N N 176 
LEU CD2 HD21 sing N N 177 
LEU CD2 HD22 sing N N 178 
LEU CD2 HD23 sing N N 179 
LEU OXT HXT  sing N N 180 
LYS N   CA   sing N N 181 
LYS N   H    sing N N 182 
LYS N   H2   sing N N 183 
LYS CA  C    sing N N 184 
LYS CA  CB   sing N N 185 
LYS CA  HA   sing N N 186 
LYS C   O    doub N N 187 
LYS C   OXT  sing N N 188 
LYS CB  CG   sing N N 189 
LYS CB  HB2  sing N N 190 
LYS CB  HB3  sing N N 191 
LYS CG  CD   sing N N 192 
LYS CG  HG2  sing N N 193 
LYS CG  HG3  sing N N 194 
LYS CD  CE   sing N N 195 
LYS CD  HD2  sing N N 196 
LYS CD  HD3  sing N N 197 
LYS CE  NZ   sing N N 198 
LYS CE  HE2  sing N N 199 
LYS CE  HE3  sing N N 200 
LYS NZ  HZ1  sing N N 201 
LYS NZ  HZ2  sing N N 202 
LYS NZ  HZ3  sing N N 203 
LYS OXT HXT  sing N N 204 
MET N   CA   sing N N 205 
MET N   H    sing N N 206 
MET N   H2   sing N N 207 
MET CA  C    sing N N 208 
MET CA  CB   sing N N 209 
MET CA  HA   sing N N 210 
MET C   O    doub N N 211 
MET C   OXT  sing N N 212 
MET CB  CG   sing N N 213 
MET CB  HB2  sing N N 214 
MET CB  HB3  sing N N 215 
MET CG  SD   sing N N 216 
MET CG  HG2  sing N N 217 
MET CG  HG3  sing N N 218 
MET SD  CE   sing N N 219 
MET CE  HE1  sing N N 220 
MET CE  HE2  sing N N 221 
MET CE  HE3  sing N N 222 
MET OXT HXT  sing N N 223 
PHE N   CA   sing N N 224 
PHE N   H    sing N N 225 
PHE N   H2   sing N N 226 
PHE CA  C    sing N N 227 
PHE CA  CB   sing N N 228 
PHE CA  HA   sing N N 229 
PHE C   O    doub N N 230 
PHE C   OXT  sing N N 231 
PHE CB  CG   sing N N 232 
PHE CB  HB2  sing N N 233 
PHE CB  HB3  sing N N 234 
PHE CG  CD1  doub Y N 235 
PHE CG  CD2  sing Y N 236 
PHE CD1 CE1  sing Y N 237 
PHE CD1 HD1  sing N N 238 
PHE CD2 CE2  doub Y N 239 
PHE CD2 HD2  sing N N 240 
PHE CE1 CZ   doub Y N 241 
PHE CE1 HE1  sing N N 242 
PHE CE2 CZ   sing Y N 243 
PHE CE2 HE2  sing N N 244 
PHE CZ  HZ   sing N N 245 
PHE OXT HXT  sing N N 246 
PRO N   CA   sing N N 247 
PRO N   CD   sing N N 248 
PRO N   H    sing N N 249 
PRO CA  C    sing N N 250 
PRO CA  CB   sing N N 251 
PRO CA  HA   sing N N 252 
PRO C   O    doub N N 253 
PRO C   OXT  sing N N 254 
PRO CB  CG   sing N N 255 
PRO CB  HB2  sing N N 256 
PRO CB  HB3  sing N N 257 
PRO CG  CD   sing N N 258 
PRO CG  HG2  sing N N 259 
PRO CG  HG3  sing N N 260 
PRO CD  HD2  sing N N 261 
PRO CD  HD3  sing N N 262 
PRO OXT HXT  sing N N 263 
SER N   CA   sing N N 264 
SER N   H    sing N N 265 
SER N   H2   sing N N 266 
SER CA  C    sing N N 267 
SER CA  CB   sing N N 268 
SER CA  HA   sing N N 269 
SER C   O    doub N N 270 
SER C   OXT  sing N N 271 
SER CB  OG   sing N N 272 
SER CB  HB2  sing N N 273 
SER CB  HB3  sing N N 274 
SER OG  HG   sing N N 275 
SER OXT HXT  sing N N 276 
THR N   CA   sing N N 277 
THR N   H    sing N N 278 
THR N   H2   sing N N 279 
THR CA  C    sing N N 280 
THR CA  CB   sing N N 281 
THR CA  HA   sing N N 282 
THR C   O    doub N N 283 
THR C   OXT  sing N N 284 
THR CB  OG1  sing N N 285 
THR CB  CG2  sing N N 286 
THR CB  HB   sing N N 287 
THR OG1 HG1  sing N N 288 
THR CG2 HG21 sing N N 289 
THR CG2 HG22 sing N N 290 
THR CG2 HG23 sing N N 291 
THR OXT HXT  sing N N 292 
TRP N   CA   sing N N 293 
TRP N   H    sing N N 294 
TRP N   H2   sing N N 295 
TRP CA  C    sing N N 296 
TRP CA  CB   sing N N 297 
TRP CA  HA   sing N N 298 
TRP C   O    doub N N 299 
TRP C   OXT  sing N N 300 
TRP CB  CG   sing N N 301 
TRP CB  HB2  sing N N 302 
TRP CB  HB3  sing N N 303 
TRP CG  CD1  doub Y N 304 
TRP CG  CD2  sing Y N 305 
TRP CD1 NE1  sing Y N 306 
TRP CD1 HD1  sing N N 307 
TRP CD2 CE2  doub Y N 308 
TRP CD2 CE3  sing Y N 309 
TRP NE1 CE2  sing Y N 310 
TRP NE1 HE1  sing N N 311 
TRP CE2 CZ2  sing Y N 312 
TRP CE3 CZ3  doub Y N 313 
TRP CE3 HE3  sing N N 314 
TRP CZ2 CH2  doub Y N 315 
TRP CZ2 HZ2  sing N N 316 
TRP CZ3 CH2  sing Y N 317 
TRP CZ3 HZ3  sing N N 318 
TRP CH2 HH2  sing N N 319 
TRP OXT HXT  sing N N 320 
TYR N   CA   sing N N 321 
TYR N   H    sing N N 322 
TYR N   H2   sing N N 323 
TYR CA  C    sing N N 324 
TYR CA  CB   sing N N 325 
TYR CA  HA   sing N N 326 
TYR C   O    doub N N 327 
TYR C   OXT  sing N N 328 
TYR CB  CG   sing N N 329 
TYR CB  HB2  sing N N 330 
TYR CB  HB3  sing N N 331 
TYR CG  CD1  doub Y N 332 
TYR CG  CD2  sing Y N 333 
TYR CD1 CE1  sing Y N 334 
TYR CD1 HD1  sing N N 335 
TYR CD2 CE2  doub Y N 336 
TYR CD2 HD2  sing N N 337 
TYR CE1 CZ   doub Y N 338 
TYR CE1 HE1  sing N N 339 
TYR CE2 CZ   sing Y N 340 
TYR CE2 HE2  sing N N 341 
TYR CZ  OH   sing N N 342 
TYR OH  HH   sing N N 343 
TYR OXT HXT  sing N N 344 
VAL N   CA   sing N N 345 
VAL N   H    sing N N 346 
VAL N   H2   sing N N 347 
VAL CA  C    sing N N 348 
VAL CA  CB   sing N N 349 
VAL CA  HA   sing N N 350 
VAL C   O    doub N N 351 
VAL C   OXT  sing N N 352 
VAL CB  CG1  sing N N 353 
VAL CB  CG2  sing N N 354 
VAL CB  HB   sing N N 355 
VAL CG1 HG11 sing N N 356 
VAL CG1 HG12 sing N N 357 
VAL CG1 HG13 sing N N 358 
VAL CG2 HG21 sing N N 359 
VAL CG2 HG22 sing N N 360 
VAL CG2 HG23 sing N N 361 
VAL OXT HXT  sing N N 362 
# 
_atom_sites.entry_id                    2X5P 
_atom_sites.fract_transf_matrix[1][1]   0.00367783 
_atom_sites.fract_transf_matrix[1][2]   -0.01864634 
_atom_sites.fract_transf_matrix[1][3]   0.00678280 
_atom_sites.fract_transf_matrix[2][1]   -0.00275118 
_atom_sites.fract_transf_matrix[2][2]   -0.00436594 
_atom_sites.fract_transf_matrix[2][3]   0.01950902 
_atom_sites.fract_transf_matrix[3][1]   -0.01467238 
_atom_sites.fract_transf_matrix[3][2]   -0.00396983 
_atom_sites.fract_transf_matrix[3][3]   -0.00295752 
_atom_sites.fract_transf_vector[1]      1.301045 
_atom_sites.fract_transf_vector[2]      0.488352 
_atom_sites.fract_transf_vector[3]      0.140527 
# 
loop_
_atom_type.symbol 
C 
N 
O 
S 
# 
loop_
_atom_site.group_PDB 
_atom_site.id 
_atom_site.type_symbol 
_atom_site.label_atom_id 
_atom_site.label_alt_id 
_atom_site.label_comp_id 
_atom_site.label_asym_id 
_atom_site.label_entity_id 
_atom_site.label_seq_id 
_atom_site.pdbx_PDB_ins_code 
_atom_site.Cartn_x 
_atom_site.Cartn_y 
_atom_site.Cartn_z 
_atom_site.occupancy 
_atom_site.B_iso_or_equiv 
_atom_site.pdbx_formal_charge 
_atom_site.auth_seq_id 
_atom_site.auth_comp_id 
_atom_site.auth_asym_id 
_atom_site.auth_atom_id 
_atom_site.pdbx_PDB_model_num 
ATOM   1   N N   . GLY A 1 1   ? 7.329   -7.527  1.076   1.00 24.76 ? -2   GLY A N   1 
ATOM   2   C CA  . GLY A 1 1   ? 8.361   -6.558  0.610   1.00 22.41 ? -2   GLY A CA  1 
ATOM   3   C C   . GLY A 1 1   ? 7.668   -5.338  0.066   1.00 21.20 ? -2   GLY A C   1 
ATOM   4   O O   . GLY A 1 1   ? 6.558   -5.449  -0.425  1.00 20.47 ? -2   GLY A O   1 
ATOM   5   N N   . ALA A 1 2   ? 8.321   -4.182  0.171   1.00 21.61 ? -1   ALA A N   1 
ATOM   6   C CA  . ALA A 1 2   ? 7.687   -2.904  -0.094  1.00 21.16 ? -1   ALA A CA  1 
ATOM   7   C C   . ALA A 1 2   ? 8.438   -2.174  -1.188  1.00 23.57 ? -1   ALA A C   1 
ATOM   8   O O   . ALA A 1 2   ? 9.674   -2.151  -1.210  1.00 22.02 ? -1   ALA A O   1 
ATOM   9   C CB  . ALA A 1 2   ? 7.692   -2.043  1.175   1.00 24.04 ? -1   ALA A CB  1 
ATOM   10  N N   . MET A 1 3   ? 7.694   -1.558  -2.093  1.00 26.32 ? 0    MET A N   1 
ATOM   11  C CA  . MET A 1 3   ? 8.304   -0.596  -2.988  1.00 28.46 ? 0    MET A CA  1 
ATOM   12  C C   . MET A 1 3   ? 7.301   0.451   -3.415  1.00 28.37 ? 0    MET A C   1 
ATOM   13  O O   . MET A 1 3   ? 6.103   0.280   -3.231  1.00 23.34 ? 0    MET A O   1 
ATOM   14  C CB  . MET A 1 3   ? 8.886   -1.301  -4.205  1.00 33.48 ? 0    MET A CB  1 
ATOM   15  C CG  . MET A 1 3   ? 7.872   -1.907  -5.135  1.00 36.53 ? 0    MET A CG  1 
ATOM   16  S SD  . MET A 1 3   ? 8.647   -2.319  -6.689  1.00 53.04 ? 0    MET A SD  1 
ATOM   17  C CE  . MET A 1 3   ? 8.761   -0.711  -7.465  1.00 53.03 ? 0    MET A CE  1 
ATOM   18  N N   . VAL A 1 4   ? 7.826   1.526   -3.990  1.00 30.34 ? 1    VAL A N   1 
ATOM   19  C CA  . VAL A 1 4   ? 7.007   2.574   -4.565  1.00 29.54 ? 1    VAL A CA  1 
ATOM   20  C C   . VAL A 1 4   ? 7.520   2.882   -5.969  1.00 34.94 ? 1    VAL A C   1 
ATOM   21  O O   . VAL A 1 4   ? 8.723   2.816   -6.237  1.00 37.54 ? 1    VAL A O   1 
ATOM   22  C CB  . VAL A 1 4   ? 6.996   3.858   -3.677  1.00 29.89 ? 1    VAL A CB  1 
ATOM   23  C CG1 . VAL A 1 4   ? 8.389   4.480   -3.595  1.00 29.13 ? 1    VAL A CG1 1 
ATOM   24  C CG2 . VAL A 1 4   ? 5.939   4.865   -4.177  1.00 28.86 ? 1    VAL A CG2 1 
ATOM   25  N N   . ASP A 1 5   ? 6.590   3.199   -6.859  1.00 38.53 ? 2    ASP A N   1 
ATOM   26  C CA  . ASP A 1 5   ? 6.921   3.691   -8.189  1.00 42.01 ? 2    ASP A CA  1 
ATOM   27  C C   . ASP A 1 5   ? 5.785   4.615   -8.651  1.00 43.06 ? 2    ASP A C   1 
ATOM   28  O O   . ASP A 1 5   ? 5.009   5.111   -7.824  1.00 34.91 ? 2    ASP A O   1 
ATOM   29  C CB  . ASP A 1 5   ? 7.180   2.514   -9.152  1.00 47.25 ? 2    ASP A CB  1 
ATOM   30  C CG  . ASP A 1 5   ? 5.937   1.670   -9.422  1.00 50.27 ? 2    ASP A CG  1 
ATOM   31  O OD1 . ASP A 1 5   ? 5.030   2.146   -10.138 1.00 55.46 ? 2    ASP A OD1 1 
ATOM   32  O OD2 . ASP A 1 5   ? 5.882   0.513   -8.947  1.00 58.73 ? 2    ASP A OD2 1 
ATOM   33  N N   . THR A 1 6   ? 5.697   4.863   -9.955  1.00 49.94 ? 3    THR A N   1 
ATOM   34  C CA  . THR A 1 6   ? 4.599   5.654   -10.509 1.00 51.74 ? 3    THR A CA  1 
ATOM   35  C C   . THR A 1 6   ? 3.808   4.875   -11.578 1.00 60.17 ? 3    THR A C   1 
ATOM   36  O O   . THR A 1 6   ? 4.388   4.104   -12.349 1.00 66.53 ? 3    THR A O   1 
ATOM   37  C CB  . THR A 1 6   ? 5.119   7.002   -11.064 1.00 53.08 ? 3    THR A CB  1 
ATOM   38  O OG1 . THR A 1 6   ? 6.048   6.766   -12.128 1.00 60.37 ? 3    THR A OG1 1 
ATOM   39  C CG2 . THR A 1 6   ? 5.814   7.792   -9.955  1.00 50.82 ? 3    THR A CG2 1 
ATOM   40  N N   . LEU A 1 7   ? 2.486   5.058   -11.596 1.00 63.33 ? 4    LEU A N   1 
ATOM   41  C CA  . LEU A 1 7   ? 1.623   4.451   -12.620 1.00 67.46 ? 4    LEU A CA  1 
ATOM   42  C C   . LEU A 1 7   ? 0.368   5.289   -12.837 1.00 71.45 ? 4    LEU A C   1 
ATOM   43  O O   . LEU A 1 7   ? -0.555  5.258   -12.021 1.00 74.10 ? 4    LEU A O   1 
ATOM   44  C CB  . LEU A 1 7   ? 1.224   3.016   -12.232 1.00 69.31 ? 4    LEU A CB  1 
ATOM   45  C CG  . LEU A 1 7   ? 0.171   2.334   -13.129 1.00 79.18 ? 4    LEU A CG  1 
ATOM   46  C CD1 . LEU A 1 7   ? 0.548   2.429   -14.610 1.00 88.74 ? 4    LEU A CD1 1 
ATOM   47  C CD2 . LEU A 1 7   ? -0.055  0.881   -12.731 1.00 82.02 ? 4    LEU A CD2 1 
ATOM   48  N N   . ASP A 1 25  ? -6.961  20.776  3.032   1.00 36.21 ? 22   ASP A N   1 
ATOM   49  C CA  . ASP A 1 25  ? -5.647  20.207  2.626   1.00 34.44 ? 22   ASP A CA  1 
ATOM   50  C C   . ASP A 1 25  ? -5.820  19.378  1.349   1.00 31.50 ? 22   ASP A C   1 
ATOM   51  O O   . ASP A 1 25  ? -6.931  18.964  0.976   1.00 31.28 ? 22   ASP A O   1 
ATOM   52  C CB  . ASP A 1 25  ? -4.994  19.376  3.760   1.00 40.43 ? 22   ASP A CB  1 
ATOM   53  C CG  . ASP A 1 25  ? -3.870  20.138  4.504   1.00 44.02 ? 22   ASP A CG  1 
ATOM   54  O OD1 . ASP A 1 25  ? -3.750  21.375  4.349   1.00 59.67 ? 22   ASP A OD1 1 
ATOM   55  O OD2 . ASP A 1 25  ? -3.093  19.501  5.259   1.00 54.21 ? 22   ASP A OD2 1 
ATOM   56  N N   . SER A 1 26  ? -4.701  19.171  0.674   1.00 26.32 ? 23   SER A N   1 
ATOM   57  C CA  . SER A 1 26  ? -4.663  18.453  -0.566  1.00 25.50 ? 23   SER A CA  1 
ATOM   58  C C   . SER A 1 26  ? -4.697  16.962  -0.304  1.00 23.97 ? 23   SER A C   1 
ATOM   59  O O   . SER A 1 26  ? -3.980  16.451  0.576   1.00 24.20 ? 23   SER A O   1 
ATOM   60  C CB  . SER A 1 26  ? -3.393  18.799  -1.333  1.00 27.97 ? 23   SER A CB  1 
ATOM   61  O OG  . SER A 1 26  ? -3.348  20.197  -1.590  1.00 32.33 ? 23   SER A OG  1 
ATOM   62  N N   . ALA A 1 27  ? -5.528  16.280  -1.078  1.00 21.58 ? 24   ALA A N   1 
ATOM   63  C CA  . ALA A 1 27  ? -5.572  14.832  -1.099  1.00 20.01 ? 24   ALA A CA  1 
ATOM   64  C C   . ALA A 1 27  ? -4.698  14.356  -2.248  1.00 18.82 ? 24   ALA A C   1 
ATOM   65  O O   . ALA A 1 27  ? -4.552  15.035  -3.291  1.00 22.06 ? 24   ALA A O   1 
ATOM   66  C CB  . ALA A 1 27  ? -7.007  14.341  -1.271  1.00 22.33 ? 24   ALA A CB  1 
ATOM   67  N N   . THR A 1 28  ? -4.098  13.189  -2.057  1.00 20.19 ? 25   THR A N   1 
ATOM   68  C CA  . THR A 1 28  ? -3.248  12.586  -3.061  1.00 19.56 ? 25   THR A CA  1 
ATOM   69  C C   . THR A 1 28  ? -3.786  11.209  -3.402  1.00 19.11 ? 25   THR A C   1 
ATOM   70  O O   . THR A 1 28  ? -4.116  10.402  -2.508  1.00 18.16 ? 25   THR A O   1 
ATOM   71  C CB  . THR A 1 28  ? -1.808  12.464  -2.535  1.00 19.09 ? 25   THR A CB  1 
ATOM   72  O OG1 . THR A 1 28  ? -1.286  13.777  -2.318  1.00 19.76 ? 25   THR A OG1 1 
ATOM   73  C CG2 . THR A 1 28  ? -0.903  11.717  -3.517  1.00 20.97 ? 25   THR A CG2 1 
ATOM   74  N N   . HIS A 1 29  ? -3.890  10.964  -4.698  1.00 19.67 ? 26   HIS A N   1 
ATOM   75  C CA  . HIS A 1 29  ? -4.309  9.676   -5.211  1.00 20.06 ? 26   HIS A CA  1 
ATOM   76  C C   . HIS A 1 29  ? -3.119  8.707   -5.192  1.00 19.90 ? 26   HIS A C   1 
ATOM   77  O O   . HIS A 1 29  ? -2.078  8.962   -5.815  1.00 22.48 ? 26   HIS A O   1 
ATOM   78  C CB  . HIS A 1 29  ? -4.854  9.864   -6.617  1.00 21.52 ? 26   HIS A CB  1 
ATOM   79  C CG  . HIS A 1 29  ? -5.370  8.609   -7.242  1.00 22.75 ? 26   HIS A CG  1 
ATOM   80  N ND1 . HIS A 1 29  ? -5.598  8.503   -8.595  1.00 27.22 ? 26   HIS A ND1 1 
ATOM   81  C CD2 . HIS A 1 29  ? -5.713  7.415   -6.704  1.00 22.82 ? 26   HIS A CD2 1 
ATOM   82  C CE1 . HIS A 1 29  ? -6.053  7.292   -8.864  1.00 29.30 ? 26   HIS A CE1 1 
ATOM   83  N NE2 . HIS A 1 29  ? -6.132  6.613   -7.735  1.00 24.31 ? 26   HIS A NE2 1 
ATOM   84  N N   . ILE A 1 30  ? -3.270  7.621   -4.443  1.00 19.28 ? 27   ILE A N   1 
ATOM   85  C CA  . ILE A 1 30  ? -2.263  6.579   -4.356  1.00 20.25 ? 27   ILE A CA  1 
ATOM   86  C C   . ILE A 1 30  ? -2.869  5.256   -4.821  1.00 20.60 ? 27   ILE A C   1 
ATOM   87  O O   . ILE A 1 30  ? -4.010  4.915   -4.469  1.00 22.07 ? 27   ILE A O   1 
ATOM   88  C CB  . ILE A 1 30  ? -1.772  6.419   -2.898  1.00 21.26 ? 27   ILE A CB  1 
ATOM   89  C CG1 . ILE A 1 30  ? -1.172  7.739   -2.401  1.00 23.92 ? 27   ILE A CG1 1 
ATOM   90  C CG2 . ILE A 1 30  ? -0.733  5.306   -2.790  1.00 23.57 ? 27   ILE A CG2 1 
ATOM   91  C CD1 . ILE A 1 30  ? -0.125  8.261   -3.279  1.00 28.70 ? 27   ILE A CD1 1 
ATOM   92  N N   . LYS A 1 31  ? -2.100  4.520   -5.617  1.00 19.02 ? 28   LYS A N   1 
ATOM   93  C CA  . LYS A 1 31  ? -2.495  3.197   -6.063  1.00 19.19 ? 28   LYS A CA  1 
ATOM   94  C C   . LYS A 1 31  ? -1.733  2.164   -5.244  1.00 18.12 ? 28   LYS A C   1 
ATOM   95  O O   . LYS A 1 31  ? -0.584  2.384   -4.854  1.00 19.02 ? 28   LYS A O   1 
ATOM   96  C CB  . LYS A 1 31  ? -2.221  3.029   -7.549  1.00 21.01 ? 28   LYS A CB  1 
ATOM   97  C CG  . LYS A 1 31  ? -3.165  3.874   -8.411  1.00 24.79 ? 28   LYS A CG  1 
ATOM   98  C CD  . LYS A 1 31  ? -2.982  3.616   -9.900  1.00 30.12 ? 28   LYS A CD  1 
ATOM   99  C CE  . LYS A 1 31  ? -4.056  4.356   -10.728 1.00 33.91 ? 28   LYS A CE  1 
ATOM   100 N NZ  . LYS A 1 31  ? -5.465  3.761   -10.677 1.00 35.46 ? 28   LYS A NZ  1 
ATOM   101 N N   . PHE A 1 32  ? -2.411  1.069   -4.939  1.00 16.39 ? 29   PHE A N   1 
ATOM   102 C CA  . PHE A 1 32  ? -1.817  -0.023  -4.206  1.00 15.78 ? 29   PHE A CA  1 
ATOM   103 C C   . PHE A 1 32  ? -2.013  -1.322  -4.967  1.00 16.37 ? 29   PHE A C   1 
ATOM   104 O O   . PHE A 1 32  ? -3.112  -1.613  -5.433  1.00 16.01 ? 29   PHE A O   1 
ATOM   105 C CB  . PHE A 1 32  ? -2.431  -0.166  -2.820  1.00 14.67 ? 29   PHE A CB  1 
ATOM   106 C CG  . PHE A 1 32  ? -1.993  -1.409  -2.111  1.00 13.31 ? 29   PHE A CG  1 
ATOM   107 C CD1 . PHE A 1 32  ? -0.768  -1.435  -1.454  1.00 13.60 ? 29   PHE A CD1 1 
ATOM   108 C CD2 . PHE A 1 32  ? -2.755  -2.558  -2.133  1.00 13.76 ? 29   PHE A CD2 1 
ATOM   109 C CE1 . PHE A 1 32  ? -0.334  -2.582  -0.789  1.00 14.26 ? 29   PHE A CE1 1 
ATOM   110 C CE2 . PHE A 1 32  ? -2.312  -3.710  -1.473  1.00 14.87 ? 29   PHE A CE2 1 
ATOM   111 C CZ  . PHE A 1 32  ? -1.099  -3.712  -0.812  1.00 14.39 ? 29   PHE A CZ  1 
ATOM   112 N N   . SER A 1 33  ? -0.940  -2.099  -5.085  1.00 16.38 ? 30   SER A N   1 
ATOM   113 C CA  . SER A 1 33  ? -1.020  -3.458  -5.621  1.00 16.48 ? 30   SER A CA  1 
ATOM   114 C C   . SER A 1 33  ? -0.453  -4.454  -4.648  1.00 15.60 ? 30   SER A C   1 
ATOM   115 O O   . SER A 1 33  ? 0.570   -4.186  -4.017  1.00 15.59 ? 30   SER A O   1 
ATOM   116 C CB  . SER A 1 33  ? -0.222  -3.572  -6.920  1.00 18.11 ? 30   SER A CB  1 
ATOM   117 O OG  . SER A 1 33  ? -0.859  -2.890  -7.977  1.00 21.37 ? 30   SER A OG  1 
ATOM   118 N N   . LYS A 1 34  ? -1.113  -5.606  -4.555  1.00 16.08 ? 31   LYS A N   1 
ATOM   119 C CA  . LYS A 1 34  ? -0.565  -6.791  -3.908  1.00 15.57 ? 31   LYS A CA  1 
ATOM   120 C C   . LYS A 1 34  ? -0.109  -7.708  -5.036  1.00 16.45 ? 31   LYS A C   1 
ATOM   121 O O   . LYS A 1 34  ? -0.913  -8.114  -5.865  1.00 16.40 ? 31   LYS A O   1 
ATOM   122 C CB  . LYS A 1 34  ? -1.632  -7.485  -3.075  1.00 16.43 ? 31   LYS A CB  1 
ATOM   123 C CG  . LYS A 1 34  ? -1.197  -8.783  -2.394  1.00 18.30 ? 31   LYS A CG  1 
ATOM   124 C CD  . LYS A 1 34  ? -0.664  -8.598  -0.994  1.00 21.81 ? 31   LYS A CD  1 
ATOM   125 C CE  . LYS A 1 34  ? 0.785   -8.751  -0.834  1.00 22.33 ? 31   LYS A CE  1 
ATOM   126 N NZ  . LYS A 1 34  ? 1.373   -10.010 -1.385  1.00 22.22 ? 31   LYS A NZ  1 
ATOM   127 N N   . ARG A 1 35  ? 1.186   -8.000  -5.068  1.00 15.95 ? 32   ARG A N   1 
ATOM   128 C CA  . ARG A 1 35  ? 1.767   -8.768  -6.177  1.00 16.60 ? 32   ARG A CA  1 
ATOM   129 C C   . ARG A 1 35  ? 2.628   -9.914  -5.678  1.00 16.93 ? 32   ARG A C   1 
ATOM   130 O O   . ARG A 1 35  ? 2.990   -9.969  -4.502  1.00 16.14 ? 32   ARG A O   1 
ATOM   131 C CB  . ARG A 1 35  ? 2.601   -7.860  -7.077  1.00 18.05 ? 32   ARG A CB  1 
ATOM   132 C CG  . ARG A 1 35  ? 1.782   -6.848  -7.795  1.00 20.06 ? 32   ARG A CG  1 
ATOM   133 C CD  . ARG A 1 35  ? 2.634   -5.995  -8.672  1.00 22.66 ? 32   ARG A CD  1 
ATOM   134 N NE  . ARG A 1 35  ? 1.801   -5.157  -9.511  1.00 25.19 ? 32   ARG A NE  1 
ATOM   135 C CZ  . ARG A 1 35  ? 2.238   -4.119  -10.212 1.00 29.05 ? 32   ARG A CZ  1 
ATOM   136 N NH1 . ARG A 1 35  ? 3.523   -3.765  -10.187 1.00 32.46 ? 32   ARG A NH1 1 
ATOM   137 N NH2 . ARG A 1 35  ? 1.376   -3.429  -10.941 1.00 31.03 ? 32   ARG A NH2 1 
ATOM   138 N N   . ASP A 1 36  ? 2.920   -10.844 -6.585  1.00 14.52 ? 33   ASP A N   1 
ATOM   139 C CA  . ASP A 1 36  ? 3.913   -11.879 -6.305  1.00 14.63 ? 33   ASP A CA  1 
ATOM   140 C C   . ASP A 1 36  ? 5.250   -11.469 -6.948  1.00 15.66 ? 33   ASP A C   1 
ATOM   141 O O   . ASP A 1 36  ? 5.382   -10.365 -7.490  1.00 15.73 ? 33   ASP A O   1 
ATOM   142 C CB  . ASP A 1 36  ? 3.429   -13.267 -6.752  1.00 15.91 ? 33   ASP A CB  1 
ATOM   143 C CG  . ASP A 1 36  ? 3.256   -13.394 -8.250  1.00 16.61 ? 33   ASP A CG  1 
ATOM   144 O OD1 . ASP A 1 36  ? 3.768   -12.543 -8.997  1.00 16.68 ? 33   ASP A OD1 1 
ATOM   145 O OD2 . ASP A 1 36  ? 2.599   -14.376 -8.674  1.00 20.09 ? 33   ASP A OD2 1 
ATOM   146 N N   . ILE A 1 37  ? 6.254   -12.328 -6.857  1.00 16.10 ? 34   ILE A N   1 
ATOM   147 C CA  . ILE A 1 37  ? 7.589   -11.917 -7.320  1.00 17.30 ? 34   ILE A CA  1 
ATOM   148 C C   . ILE A 1 37  ? 7.688   -11.782 -8.846  1.00 17.33 ? 34   ILE A C   1 
ATOM   149 O O   . ILE A 1 37  ? 8.627   -11.158 -9.352  1.00 17.44 ? 34   ILE A O   1 
ATOM   150 C CB  . ILE A 1 37  ? 8.732   -12.817 -6.770  1.00 19.72 ? 34   ILE A CB  1 
ATOM   151 C CG1 . ILE A 1 37  ? 8.573   -14.259 -7.246  1.00 21.17 ? 34   ILE A CG1 1 
ATOM   152 C CG2 . ILE A 1 37  ? 8.806   -12.723 -5.242  1.00 21.01 ? 34   ILE A CG2 1 
ATOM   153 C CD1 . ILE A 1 37  ? 9.888   -15.038 -7.239  1.00 24.60 ? 34   ILE A CD1 1 
ATOM   154 N N   . ASP A 1 38  ? 6.702   -12.327 -9.560  1.00 16.58 ? 35   ASP A N   1 
ATOM   155 C CA  . ASP A 1 38  ? 6.587   -12.159 -11.005 1.00 17.14 ? 35   ASP A CA  1 
ATOM   156 C C   . ASP A 1 38  ? 5.804   -10.904 -11.375 1.00 17.41 ? 35   ASP A C   1 
ATOM   157 O O   . ASP A 1 38  ? 5.566   -10.634 -12.552 1.00 17.60 ? 35   ASP A O   1 
ATOM   158 C CB  . ASP A 1 38  ? 5.884   -13.379 -11.627 1.00 17.07 ? 35   ASP A CB  1 
ATOM   159 C CG  . ASP A 1 38  ? 6.698   -14.670 -11.508 1.00 18.14 ? 35   ASP A CG  1 
ATOM   160 O OD1 . ASP A 1 38  ? 7.853   -14.686 -11.980 1.00 16.91 ? 35   ASP A OD1 1 
ATOM   161 O OD2 . ASP A 1 38  ? 6.162   -15.679 -10.984 1.00 20.80 ? 35   ASP A OD2 1 
ATOM   162 N N   . GLY A 1 39  ? 5.376   -10.138 -10.366 1.00 15.62 ? 36   GLY A N   1 
ATOM   163 C CA  . GLY A 1 39  ? 4.610   -8.930  -10.596 1.00 16.87 ? 36   GLY A CA  1 
ATOM   164 C C   . GLY A 1 39  ? 3.155   -9.152  -10.944 1.00 18.58 ? 36   GLY A C   1 
ATOM   165 O O   . GLY A 1 39  ? 2.467   -8.198  -11.336 1.00 20.76 ? 36   GLY A O   1 
ATOM   166 N N   . LYS A 1 40  ? 2.678   -10.392 -10.813 1.00 16.01 ? 37   LYS A N   1 
ATOM   167 C CA  . LYS A 1 40  ? 1.252   -10.673 -11.015 1.00 18.20 ? 37   LYS A CA  1 
ATOM   168 C C   . LYS A 1 40  ? 0.454   -10.161 -9.817  1.00 18.74 ? 37   LYS A C   1 
ATOM   169 O O   . LYS A 1 40  ? 0.898   -10.258 -8.672  1.00 17.86 ? 37   LYS A O   1 
ATOM   170 C CB  . LYS A 1 40  ? 1.007   -12.164 -11.199 1.00 21.01 ? 37   LYS A CB  1 
ATOM   171 C CG  . LYS A 1 40  ? 1.741   -12.703 -12.404 1.00 25.47 ? 37   LYS A CG  1 
ATOM   172 C CD  . LYS A 1 40  ? 1.232   -14.060 -12.849 1.00 29.12 ? 37   LYS A CD  1 
ATOM   173 C CE  . LYS A 1 40  ? 2.048   -14.552 -14.047 1.00 32.45 ? 37   LYS A CE  1 
ATOM   174 N NZ  . LYS A 1 40  ? 3.356   -15.101 -13.621 1.00 37.87 ? 37   LYS A NZ  1 
ATOM   175 N N   . GLU A 1 41  ? -0.723  -9.616  -10.102 1.00 19.23 ? 38   GLU A N   1 
ATOM   176 C CA  . GLU A 1 41  ? -1.631  -9.176  -9.043  1.00 19.31 ? 38   GLU A CA  1 
ATOM   177 C C   . GLU A 1 41  ? -2.127  -10.435 -8.343  1.00 19.48 ? 38   GLU A C   1 
ATOM   178 O O   . GLU A 1 41  ? -2.653  -11.349 -8.992  1.00 26.17 ? 38   GLU A O   1 
ATOM   179 C CB  . GLU A 1 41  ? -2.804  -8.364  -9.608  1.00 21.16 ? 38   GLU A CB  1 
ATOM   180 C CG  . GLU A 1 41  ? -2.435  -7.124  -10.412 1.00 24.40 ? 38   GLU A CG  1 
ATOM   181 C CD  . GLU A 1 41  ? -1.662  -6.086  -9.632  1.00 27.64 ? 38   GLU A CD  1 
ATOM   182 O OE1 . GLU A 1 41  ? -2.024  -5.760  -8.482  1.00 33.97 ? 38   GLU A OE1 1 
ATOM   183 O OE2 . GLU A 1 41  ? -0.669  -5.570  -10.184 1.00 37.16 ? 38   GLU A OE2 1 
ATOM   184 N N   . LEU A 1 42  ? -1.956  -10.489 -7.024  1.00 18.33 ? 39   LEU A N   1 
ATOM   185 C CA  . LEU A 1 42  ? -2.276  -11.659 -6.235  1.00 18.35 ? 39   LEU A CA  1 
ATOM   186 C C   . LEU A 1 42  ? -3.574  -11.423 -5.497  1.00 18.15 ? 39   LEU A C   1 
ATOM   187 O O   . LEU A 1 42  ? -3.671  -10.487 -4.712  1.00 18.32 ? 39   LEU A O   1 
ATOM   188 C CB  . LEU A 1 42  ? -1.160  -11.927 -5.230  1.00 19.39 ? 39   LEU A CB  1 
ATOM   189 C CG  . LEU A 1 42  ? -1.301  -13.077 -4.241  1.00 19.66 ? 39   LEU A CG  1 
ATOM   190 C CD1 . LEU A 1 42  ? -1.397  -14.434 -4.954  1.00 22.33 ? 39   LEU A CD1 1 
ATOM   191 C CD2 . LEU A 1 42  ? -0.130  -13.042 -3.300  1.00 22.09 ? 39   LEU A CD2 1 
ATOM   192 N N   . ALA A 1 43  ? -4.546  -12.293 -5.734  1.00 17.97 ? 40   ALA A N   1 
ATOM   193 C CA  . ALA A 1 43  ? -5.845  -12.234 -5.056  1.00 16.48 ? 40   ALA A CA  1 
ATOM   194 C C   . ALA A 1 43  ? -5.841  -12.964 -3.712  1.00 16.55 ? 40   ALA A C   1 
ATOM   195 O O   . ALA A 1 43  ? -5.047  -13.899 -3.484  1.00 18.85 ? 40   ALA A O   1 
ATOM   196 C CB  . ALA A 1 43  ? -6.937  -12.833 -5.971  1.00 17.43 ? 40   ALA A CB  1 
ATOM   197 N N   . GLY A 1 44  ? -6.739  -12.547 -2.822  1.00 17.20 ? 41   GLY A N   1 
ATOM   198 C CA  . GLY A 1 44  ? -7.047  -13.323 -1.634  1.00 17.87 ? 41   GLY A CA  1 
ATOM   199 C C   . GLY A 1 44  ? -6.369  -12.890 -0.358  1.00 16.33 ? 41   GLY A C   1 
ATOM   200 O O   . GLY A 1 44  ? -6.555  -13.534 0.677   1.00 16.67 ? 41   GLY A O   1 
ATOM   201 N N   . ALA A 1 45  ? -5.585  -11.809 -0.426  1.00 14.89 ? 42   ALA A N   1 
ATOM   202 C CA  . ALA A 1 45  ? -4.937  -11.224 0.744   1.00 14.18 ? 42   ALA A CA  1 
ATOM   203 C C   . ALA A 1 45  ? -5.861  -10.235 1.431   1.00 13.68 ? 42   ALA A C   1 
ATOM   204 O O   . ALA A 1 45  ? -6.397  -9.361  0.781   1.00 15.61 ? 42   ALA A O   1 
ATOM   205 C CB  . ALA A 1 45  ? -3.638  -10.512 0.335   1.00 14.44 ? 42   ALA A CB  1 
ATOM   206 N N   . THR A 1 46  ? -6.052  -10.381 2.740   1.00 13.40 ? 43   THR A N   1 
ATOM   207 C CA  . THR A 1 46  ? -6.800  -9.379  3.505   1.00 13.17 ? 43   THR A CA  1 
ATOM   208 C C   . THR A 1 46  ? -5.858  -8.270  3.900   1.00 12.71 ? 43   THR A C   1 
ATOM   209 O O   . THR A 1 46  ? -4.799  -8.517  4.502   1.00 12.45 ? 43   THR A O   1 
ATOM   210 C CB  . THR A 1 46  ? -7.468  -9.962  4.755   1.00 13.31 ? 43   THR A CB  1 
ATOM   211 O OG1 . THR A 1 46  ? -8.327  -11.042 4.393   1.00 15.66 ? 43   THR A OG1 1 
ATOM   212 C CG2 . THR A 1 46  ? -8.287  -8.880  5.484   1.00 13.84 ? 43   THR A CG2 1 
ATOM   213 N N   . MET A 1 47  ? -6.239  -7.048  3.529   1.00 12.27 ? 44   MET A N   1 
ATOM   214 C CA  . MET A 1 47  ? -5.429  -5.856  3.707   1.00 12.08 ? 44   MET A CA  1 
ATOM   215 C C   . MET A 1 47  ? -6.155  -4.824  4.538   1.00 12.18 ? 44   MET A C   1 
ATOM   216 O O   . MET A 1 47  ? -7.379  -4.688  4.445   1.00 12.41 ? 44   MET A O   1 
ATOM   217 C CB  . MET A 1 47  ? -5.152  -5.217  2.352   1.00 11.83 ? 44   MET A CB  1 
ATOM   218 C CG  . MET A 1 47  ? -4.362  -6.060  1.384   1.00 13.15 ? 44   MET A CG  1 
ATOM   219 S SD  . MET A 1 47  ? -2.661  -6.410  1.919   1.00 14.85 ? 44   MET A SD  1 
ATOM   220 C CE  . MET A 1 47  ? -2.101  -4.758  2.379   1.00 14.95 ? 44   MET A CE  1 
ATOM   221 N N   . GLU A 1 48  ? -5.384  -4.085  5.325   1.00 12.62 ? 45   GLU A N   1 
ATOM   222 C CA  . GLU A 1 48  ? -5.866  -2.914  6.020   1.00 12.35 ? 45   GLU A CA  1 
ATOM   223 C C   . GLU A 1 48  ? -4.949  -1.721  5.764   1.00 12.69 ? 45   GLU A C   1 
ATOM   224 O O   . GLU A 1 48  ? -3.733  -1.858  5.613   1.00 13.60 ? 45   GLU A O   1 
ATOM   225 C CB  . GLU A 1 48  ? -5.962  -3.166  7.512   1.00 13.10 ? 45   GLU A CB  1 
ATOM   226 C CG  . GLU A 1 48  ? -7.034  -4.162  7.876   1.00 14.44 ? 45   GLU A CG  1 
ATOM   227 C CD  . GLU A 1 48  ? -7.153  -4.428  9.380   1.00 15.41 ? 45   GLU A CD  1 
ATOM   228 O OE1 . GLU A 1 48  ? -6.510  -3.711  10.182  1.00 17.78 ? 45   GLU A OE1 1 
ATOM   229 O OE2 . GLU A 1 48  ? -7.918  -5.353  9.759   1.00 16.32 ? 45   GLU A OE2 1 
ATOM   230 N N   . LEU A 1 49  ? -5.566  -0.550  5.700   1.00 12.50 ? 46   LEU A N   1 
ATOM   231 C CA  . LEU A 1 49  ? -4.853  0.713   5.756   1.00 12.11 ? 46   LEU A CA  1 
ATOM   232 C C   . LEU A 1 49  ? -5.089  1.293   7.127   1.00 11.93 ? 46   LEU A C   1 
ATOM   233 O O   . LEU A 1 49  ? -6.237  1.413   7.564   1.00 13.63 ? 46   LEU A O   1 
ATOM   234 C CB  . LEU A 1 49  ? -5.346  1.677   4.684   1.00 12.16 ? 46   LEU A CB  1 
ATOM   235 C CG  . LEU A 1 49  ? -4.766  3.097   4.709   1.00 12.52 ? 46   LEU A CG  1 
ATOM   236 C CD1 . LEU A 1 49  ? -3.240  3.099   4.477   1.00 14.09 ? 46   LEU A CD1 1 
ATOM   237 C CD2 . LEU A 1 49  ? -5.492  3.932   3.658   1.00 14.86 ? 46   LEU A CD2 1 
ATOM   238 N N   . ARG A 1 50  ? -4.012  1.668   7.807   1.00 13.73 ? 47   ARG A N   1 
ATOM   239 C CA  . ARG A 1 50  ? -4.114  2.262   9.143   1.00 15.08 ? 47   ARG A CA  1 
ATOM   240 C C   . ARG A 1 50  ? -3.514  3.661   9.164   1.00 15.57 ? 47   ARG A C   1 
ATOM   241 O O   . ARG A 1 50  ? -2.521  3.935   8.481   1.00 13.88 ? 47   ARG A O   1 
ATOM   242 C CB  . ARG A 1 50  ? -3.413  1.385   10.168  1.00 16.54 ? 47   ARG A CB  1 
ATOM   243 C CG  . ARG A 1 50  ? -4.014  -0.001  10.208  1.00 17.97 ? 47   ARG A CG  1 
ATOM   244 C CD  . ARG A 1 50  ? -3.372  -0.881  11.191  1.00 19.80 ? 47   ARG A CD  1 
ATOM   245 N NE  . ARG A 1 50  ? -4.009  -2.191  11.170  1.00 20.24 ? 47   ARG A NE  1 
ATOM   246 C CZ  . ARG A 1 50  ? -3.557  -3.247  11.834  1.00 21.89 ? 47   ARG A CZ  1 
ATOM   247 N NH1 . ARG A 1 50  ? -2.433  -3.162  12.541  1.00 24.57 ? 47   ARG A NH1 1 
ATOM   248 N NH2 . ARG A 1 50  ? -4.217  -4.389  11.779  1.00 22.29 ? 47   ARG A NH2 1 
ATOM   249 N N   . ASP A 1 51  ? -4.147  4.539   9.939   1.00 16.07 ? 48   ASP A N   1 
ATOM   250 C CA  . ASP A 1 51  ? -3.644  5.898   10.141  1.00 16.74 ? 48   ASP A CA  1 
ATOM   251 C C   . ASP A 1 51  ? -2.485  5.902   11.140  1.00 17.14 ? 48   ASP A C   1 
ATOM   252 O O   . ASP A 1 51  ? -2.076  4.851   11.640  1.00 18.12 ? 48   ASP A O   1 
ATOM   253 C CB  . ASP A 1 51  ? -4.792  6.868   10.520  1.00 17.27 ? 48   ASP A CB  1 
ATOM   254 C CG  . ASP A 1 51  ? -5.367  6.626   11.917  1.00 19.41 ? 48   ASP A CG  1 
ATOM   255 O OD1 . ASP A 1 51  ? -4.707  5.973   12.755  1.00 21.26 ? 48   ASP A OD1 1 
ATOM   256 O OD2 . ASP A 1 51  ? -6.501  7.109   12.174  1.00 23.93 ? 48   ASP A OD2 1 
ATOM   257 N N   . SER A 1 52  ? -1.945  7.081   11.438  1.00 18.06 ? 49   SER A N   1 
ATOM   258 C CA  . SER A 1 52  ? -0.738  7.159   12.263  1.00 19.96 ? 49   SER A CA  1 
ATOM   259 C C   . SER A 1 52  ? -0.972  6.760   13.718  1.00 20.41 ? 49   SER A C   1 
ATOM   260 O O   . SER A 1 52  ? -0.010  6.462   14.433  1.00 23.89 ? 49   SER A O   1 
ATOM   261 C CB  . SER A 1 52  ? -0.116  8.550   12.186  1.00 20.69 ? 49   SER A CB  1 
ATOM   262 O OG  . SER A 1 52  ? -1.037  9.536   12.607  1.00 27.11 ? 49   SER A OG  1 
ATOM   263 N N   . SER A 1 53  ? -2.236  6.739   14.132  1.00 22.08 ? 50   SER A N   1 
ATOM   264 C CA  . SER A 1 53  ? -2.641  6.242   15.452  1.00 23.18 ? 50   SER A CA  1 
ATOM   265 C C   . SER A 1 53  ? -2.837  4.718   15.497  1.00 23.80 ? 50   SER A C   1 
ATOM   266 O O   . SER A 1 53  ? -3.077  4.154   16.575  1.00 26.78 ? 50   SER A O   1 
ATOM   267 C CB  . SER A 1 53  ? -3.915  6.949   15.915  1.00 24.82 ? 50   SER A CB  1 
ATOM   268 O OG  . SER A 1 53  ? -5.087  6.404   15.309  1.00 30.42 ? 50   SER A OG  1 
ATOM   269 N N   . GLY A 1 54  ? -2.738  4.058   14.340  1.00 22.10 ? 51   GLY A N   1 
ATOM   270 C CA  . GLY A 1 54  ? -2.956  2.614   14.237  1.00 21.84 ? 51   GLY A CA  1 
ATOM   271 C C   . GLY A 1 54  ? -4.411  2.220   14.023  1.00 20.89 ? 51   GLY A C   1 
ATOM   272 O O   . GLY A 1 54  ? -4.739  1.039   14.036  1.00 23.40 ? 51   GLY A O   1 
ATOM   273 N N   . LYS A 1 55  ? -5.293  3.199   13.855  1.00 19.15 ? 52   LYS A N   1 
ATOM   274 C CA  . LYS A 1 55  ? -6.691  2.915   13.592  1.00 19.87 ? 52   LYS A CA  1 
ATOM   275 C C   . LYS A 1 55  ? -6.862  2.434   12.151  1.00 18.01 ? 52   LYS A C   1 
ATOM   276 O O   . LYS A 1 55  ? -6.354  3.042   11.220  1.00 17.10 ? 52   LYS A O   1 
ATOM   277 C CB  . LYS A 1 55  ? -7.530  4.184   13.787  1.00 21.11 ? 52   LYS A CB  1 
ATOM   278 C CG  . LYS A 1 55  ? -9.038  4.004   13.558  1.00 24.36 ? 52   LYS A CG  1 
ATOM   279 C CD  . LYS A 1 55  ? -9.753  5.355   13.548  1.00 28.38 ? 52   LYS A CD  1 
ATOM   280 C CE  . LYS A 1 55  ? -11.139 5.271   12.949  1.00 31.64 ? 52   LYS A CE  1 
ATOM   281 N NZ  . LYS A 1 55  ? -11.761 6.631   12.842  1.00 41.26 ? 52   LYS A NZ  1 
ATOM   282 N N   . THR A 1 56  ? -7.633  1.371   11.974  1.00 17.35 ? 53   THR A N   1 
ATOM   283 C CA  . THR A 1 56  ? -7.969  0.898   10.630  1.00 16.25 ? 53   THR A CA  1 
ATOM   284 C C   . THR A 1 56  ? -8.983  1.819   9.951   1.00 16.20 ? 53   THR A C   1 
ATOM   285 O O   . THR A 1 56  ? -10.103 2.028   10.461  1.00 19.20 ? 53   THR A O   1 
ATOM   286 C CB  . THR A 1 56  ? -8.511  -0.525  10.678  1.00 15.83 ? 53   THR A CB  1 
ATOM   287 O OG1 . THR A 1 56  ? -7.541  -1.369  11.316  1.00 17.92 ? 53   THR A OG1 1 
ATOM   288 C CG2 . THR A 1 56  ? -8.814  -1.049  9.254   1.00 16.15 ? 53   THR A CG2 1 
ATOM   289 N N   . ILE A 1 57  ? -8.578  2.387   8.812   1.00 17.00 ? 54   ILE A N   1 
ATOM   290 C CA  . ILE A 1 57  ? -9.437  3.304   8.055   1.00 16.27 ? 54   ILE A CA  1 
ATOM   291 C C   . ILE A 1 57  ? -9.969  2.710   6.740   1.00 15.91 ? 54   ILE A C   1 
ATOM   292 O O   . ILE A 1 57  ? -10.876 3.280   6.117   1.00 17.17 ? 54   ILE A O   1 
ATOM   293 C CB  . ILE A 1 57  ? -8.748  4.681   7.816   1.00 16.17 ? 54   ILE A CB  1 
ATOM   294 C CG1 . ILE A 1 57  ? -7.470  4.547   6.973   1.00 15.35 ? 54   ILE A CG1 1 
ATOM   295 C CG2 . ILE A 1 57  ? -8.473  5.367   9.165   1.00 16.46 ? 54   ILE A CG2 1 
ATOM   296 C CD1 . ILE A 1 57  ? -6.797  5.917   6.663   1.00 18.20 ? 54   ILE A CD1 1 
ATOM   297 N N   . SER A 1 58  ? -9.393  1.586   6.298   1.00 14.86 ? 55   SER A N   1 
ATOM   298 C CA  . SER A 1 58  ? -9.939  0.830   5.182   1.00 14.34 ? 55   SER A CA  1 
ATOM   299 C C   . SER A 1 58  ? -9.527  -0.627  5.303   1.00 13.57 ? 55   SER A C   1 
ATOM   300 O O   . SER A 1 58  ? -8.399  -0.921  5.690   1.00 13.82 ? 55   SER A O   1 
ATOM   301 C CB  . SER A 1 58  ? -9.455  1.391   3.841   1.00 14.37 ? 55   SER A CB  1 
ATOM   302 O OG  . SER A 1 58  ? -10.110 0.729   2.752   1.00 15.76 ? 55   SER A OG  1 
ATOM   303 N N   . THR A 1 59  ? -10.447 -1.514  4.956   1.00 13.13 ? 56   THR A N   1 
ATOM   304 C CA  . THR A 1 59  ? -10.199 -2.957  4.878   1.00 12.91 ? 56   THR A CA  1 
ATOM   305 C C   . THR A 1 59  ? -10.665 -3.450  3.513   1.00 13.21 ? 56   THR A C   1 
ATOM   306 O O   . THR A 1 59  ? -11.739 -3.079  3.061   1.00 14.61 ? 56   THR A O   1 
ATOM   307 C CB  . THR A 1 59  ? -10.964 -3.746  5.980   1.00 13.38 ? 56   THR A CB  1 
ATOM   308 O OG1 . THR A 1 59  ? -10.682 -3.179  7.269   1.00 14.53 ? 56   THR A OG1 1 
ATOM   309 C CG2 . THR A 1 59  ? -10.582 -5.226  5.964   1.00 13.40 ? 56   THR A CG2 1 
ATOM   310 N N   . TRP A 1 60  ? -9.866  -4.287  2.861   1.00 13.00 ? 57   TRP A N   1 
ATOM   311 C CA  . TRP A 1 60  ? -10.249 -4.860  1.567   1.00 13.28 ? 57   TRP A CA  1 
ATOM   312 C C   . TRP A 1 60  ? -9.623  -6.217  1.376   1.00 13.55 ? 57   TRP A C   1 
ATOM   313 O O   . TRP A 1 60  ? -8.725  -6.607  2.135   1.00 14.68 ? 57   TRP A O   1 
ATOM   314 C CB  . TRP A 1 60  ? -9.910  -3.900  0.408   1.00 13.57 ? 57   TRP A CB  1 
ATOM   315 C CG  . TRP A 1 60  ? -8.475  -3.708  0.115   1.00 11.85 ? 57   TRP A CG  1 
ATOM   316 C CD1 . TRP A 1 60  ? -7.776  -4.264  -0.916  1.00 13.56 ? 57   TRP A CD1 1 
ATOM   317 C CD2 . TRP A 1 60  ? -7.550  -2.902  0.842   1.00 12.81 ? 57   TRP A CD2 1 
ATOM   318 N NE1 . TRP A 1 60  ? -6.469  -3.854  -0.876  1.00 13.81 ? 57   TRP A NE1 1 
ATOM   319 C CE2 . TRP A 1 60  ? -6.293  -3.030  0.201   1.00 13.38 ? 57   TRP A CE2 1 
ATOM   320 C CE3 . TRP A 1 60  ? -7.647  -2.105  1.985   1.00 12.75 ? 57   TRP A CE3 1 
ATOM   321 C CZ2 . TRP A 1 60  ? -5.155  -2.362  0.645   1.00 13.15 ? 57   TRP A CZ2 1 
ATOM   322 C CZ3 . TRP A 1 60  ? -6.503  -1.462  2.443   1.00 13.21 ? 57   TRP A CZ3 1 
ATOM   323 C CH2 . TRP A 1 60  ? -5.278  -1.597  1.770   1.00 13.00 ? 57   TRP A CH2 1 
ATOM   324 N N   . ILE A 1 61  ? -10.110 -6.944  0.382   1.00 14.25 ? 58   ILE A N   1 
ATOM   325 C CA  . ILE A 1 61  ? -9.501  -8.199  -0.024  1.00 14.70 ? 58   ILE A CA  1 
ATOM   326 C C   . ILE A 1 61  ? -8.895  -7.970  -1.410  1.00 14.62 ? 58   ILE A C   1 
ATOM   327 O O   . ILE A 1 61  ? -9.544  -7.425  -2.303  1.00 15.28 ? 58   ILE A O   1 
ATOM   328 C CB  . ILE A 1 61  ? -10.522 -9.375  0.006   1.00 16.03 ? 58   ILE A CB  1 
ATOM   329 C CG1 . ILE A 1 61  ? -9.807  -10.725 -0.196  1.00 17.96 ? 58   ILE A CG1 1 
ATOM   330 C CG2 . ILE A 1 61  ? -11.631 -9.197  -1.028  1.00 17.57 ? 58   ILE A CG2 1 
ATOM   331 C CD1 . ILE A 1 61  ? -9.508  -11.458 1.081   1.00 20.30 ? 58   ILE A CD1 1 
ATOM   332 N N   . SER A 1 62  ? -7.640  -8.362  -1.593  1.00 15.08 ? 59   SER A N   1 
ATOM   333 C CA  . SER A 1 62  ? -7.026  -8.212  -2.902  1.00 14.97 ? 59   SER A CA  1 
ATOM   334 C C   . SER A 1 62  ? -7.767  -9.083  -3.909  1.00 15.82 ? 59   SER A C   1 
ATOM   335 O O   . SER A 1 62  ? -8.193  -10.202 -3.589  1.00 16.95 ? 59   SER A O   1 
ATOM   336 C CB  . SER A 1 62  ? -5.525  -8.494  -2.868  1.00 15.12 ? 59   SER A CB  1 
ATOM   337 O OG  . SER A 1 62  ? -5.240  -9.847  -2.603  1.00 16.07 ? 59   SER A OG  1 
ATOM   338 N N   . ASP A 1 63  ? -7.955  -8.548  -5.115  1.00 15.13 ? 60   ASP A N   1 
ATOM   339 C CA  . ASP A 1 63  ? -8.826  -9.184  -6.099  1.00 16.73 ? 60   ASP A CA  1 
ATOM   340 C C   . ASP A 1 63  ? -8.270  -9.234  -7.506  1.00 17.77 ? 60   ASP A C   1 
ATOM   341 O O   . ASP A 1 63  ? -9.014  -9.499  -8.458  1.00 19.96 ? 60   ASP A O   1 
ATOM   342 C CB  . ASP A 1 63  ? -10.202 -8.493  -6.101  1.00 18.92 ? 60   ASP A CB  1 
ATOM   343 C CG  . ASP A 1 63  ? -10.158 -7.059  -6.619  1.00 19.21 ? 60   ASP A CG  1 
ATOM   344 O OD1 . ASP A 1 63  ? -9.092  -6.554  -7.019  1.00 21.58 ? 60   ASP A OD1 1 
ATOM   345 O OD2 . ASP A 1 63  ? -11.227 -6.410  -6.625  1.00 30.07 ? 60   ASP A OD2 1 
ATOM   346 N N   . GLY A 1 64  ? -6.971  -9.012  -7.644  1.00 17.45 ? 61   GLY A N   1 
ATOM   347 C CA  . GLY A 1 64  ? -6.333  -9.002  -8.955  1.00 18.05 ? 61   GLY A CA  1 
ATOM   348 C C   . GLY A 1 64  ? -6.353  -7.665  -9.655  1.00 18.61 ? 61   GLY A C   1 
ATOM   349 O O   . GLY A 1 64  ? -5.858  -7.555  -10.782 1.00 22.40 ? 61   GLY A O   1 
ATOM   350 N N   . GLN A 1 65  ? -6.911  -6.646  -8.995  1.00 25.25 ? 62   GLN A N   1 
ATOM   351 C CA  . GLN A 1 65  ? -6.948  -5.300  -9.525  1.00 26.19 ? 62   GLN A CA  1 
ATOM   352 C C   . GLN A 1 65  ? -6.183  -4.360  -8.608  1.00 24.05 ? 62   GLN A C   1 
ATOM   353 O O   . GLN A 1 65  ? -5.981  -4.647  -7.429  1.00 21.49 ? 62   GLN A O   1 
ATOM   354 C CB  . GLN A 1 65  ? -8.395  -4.830  -9.658  1.00 29.26 ? 62   GLN A CB  1 
ATOM   355 C CG  . GLN A 1 65  ? -9.245  -5.717  -10.553 1.00 33.25 ? 62   GLN A CG  1 
ATOM   356 C CD  . GLN A 1 65  ? -8.815  -5.648  -12.013 1.00 39.47 ? 62   GLN A CD  1 
ATOM   357 O OE1 . GLN A 1 65  ? -8.579  -4.559  -12.553 1.00 44.15 ? 62   GLN A OE1 1 
ATOM   358 N NE2 . GLN A 1 65  ? -8.713  -6.811  -12.664 1.00 44.46 ? 62   GLN A NE2 1 
ATOM   359 N N   . VAL A 1 66  ? -5.750  -3.238  -9.173  1.00 23.66 ? 63   VAL A N   1 
ATOM   360 C CA  . VAL A 1 66  ? -5.172  -2.166  -8.380  1.00 22.41 ? 63   VAL A CA  1 
ATOM   361 C C   . VAL A 1 66  ? -6.237  -1.596  -7.442  1.00 21.11 ? 63   VAL A C   1 
ATOM   362 O O   . VAL A 1 66  ? -7.417  -1.524  -7.788  1.00 23.25 ? 63   VAL A O   1 
ATOM   363 C CB  . VAL A 1 66  ? -4.598  -1.062  -9.276  1.00 23.86 ? 63   VAL A CB  1 
ATOM   364 C CG1 . VAL A 1 66  ? -4.155  0.126   -8.442  1.00 25.38 ? 63   VAL A CG1 1 
ATOM   365 C CG2 . VAL A 1 66  ? -3.431  -1.612  -10.088 1.00 26.84 ? 63   VAL A CG2 1 
ATOM   366 N N   . LYS A 1 67  ? -5.805  -1.226  -6.243  1.00 19.86 ? 64   LYS A N   1 
ATOM   367 C CA  . LYS A 1 67  ? -6.668  -0.613  -5.236  1.00 19.38 ? 64   LYS A CA  1 
ATOM   368 C C   . LYS A 1 67  ? -6.319  0.861   -5.171  1.00 19.34 ? 64   LYS A C   1 
ATOM   369 O O   . LYS A 1 67  ? -5.152  1.229   -5.063  1.00 19.40 ? 64   LYS A O   1 
ATOM   370 C CB  . LYS A 1 67  ? -6.440  -1.281  -3.872  1.00 18.75 ? 64   LYS A CB  1 
ATOM   371 C CG  . LYS A 1 67  ? -7.133  -0.619  -2.666  1.00 18.47 ? 64   LYS A CG  1 
ATOM   372 C CD  . LYS A 1 67  ? -8.589  -1.013  -2.558  1.00 18.53 ? 64   LYS A CD  1 
ATOM   373 C CE  . LYS A 1 67  ? -9.266  -0.361  -1.360  1.00 18.70 ? 64   LYS A CE  1 
ATOM   374 N NZ  . LYS A 1 67  ? -9.425  1.120   -1.570  1.00 20.39 ? 64   LYS A NZ  1 
ATOM   375 N N   . ASP A 1 68  ? -7.341  1.701   -5.268  1.00 19.50 ? 65   ASP A N   1 
ATOM   376 C CA  . ASP A 1 68  ? -7.153  3.149   -5.206  1.00 19.26 ? 65   ASP A CA  1 
ATOM   377 C C   . ASP A 1 68  ? -7.398  3.711   -3.806  1.00 17.65 ? 65   ASP A C   1 
ATOM   378 O O   . ASP A 1 68  ? -8.257  3.227   -3.065  1.00 16.49 ? 65   ASP A O   1 
ATOM   379 C CB  . ASP A 1 68  ? -8.115  3.824   -6.177  1.00 20.99 ? 65   ASP A CB  1 
ATOM   380 C CG  . ASP A 1 68  ? -7.802  3.495   -7.612  1.00 22.88 ? 65   ASP A CG  1 
ATOM   381 O OD1 . ASP A 1 68  ? -6.792  4.023   -8.130  1.00 25.13 ? 65   ASP A OD1 1 
ATOM   382 O OD2 . ASP A 1 68  ? -8.570  2.713   -8.218  1.00 26.71 ? 65   ASP A OD2 1 
ATOM   383 N N   . PHE A 1 69  ? -6.637  4.753   -3.481  1.00 16.66 ? 66   PHE A N   1 
ATOM   384 C CA  . PHE A 1 69  ? -6.845  5.551   -2.281  1.00 16.15 ? 66   PHE A CA  1 
ATOM   385 C C   . PHE A 1 69  ? -6.681  7.026   -2.584  1.00 16.96 ? 66   PHE A C   1 
ATOM   386 O O   . PHE A 1 69  ? -5.915  7.409   -3.466  1.00 17.46 ? 66   PHE A O   1 
ATOM   387 C CB  . PHE A 1 69  ? -5.851  5.181   -1.184  1.00 15.89 ? 66   PHE A CB  1 
ATOM   388 C CG  . PHE A 1 69  ? -6.063  3.816   -0.641  1.00 15.32 ? 66   PHE A CG  1 
ATOM   389 C CD1 . PHE A 1 69  ? -7.080  3.552   0.247   1.00 16.23 ? 66   PHE A CD1 1 
ATOM   390 C CD2 . PHE A 1 69  ? -5.235  2.778   -1.037  1.00 16.10 ? 66   PHE A CD2 1 
ATOM   391 C CE1 . PHE A 1 69  ? -7.276  2.269   0.728   1.00 16.76 ? 66   PHE A CE1 1 
ATOM   392 C CE2 . PHE A 1 69  ? -5.442  1.504   -0.558  1.00 17.46 ? 66   PHE A CE2 1 
ATOM   393 C CZ  . PHE A 1 69  ? -6.451  1.253   0.320   1.00 16.82 ? 66   PHE A CZ  1 
ATOM   394 N N   . TYR A 1 70  ? -7.422  7.833   -1.837  1.00 16.64 ? 67   TYR A N   1 
ATOM   395 C CA  . TYR A 1 70  ? -7.304  9.288   -1.881  1.00 17.37 ? 67   TYR A CA  1 
ATOM   396 C C   . TYR A 1 70  ? -7.060  9.743   -0.456  1.00 16.23 ? 67   TYR A C   1 
ATOM   397 O O   . TYR A 1 70  ? -7.980  9.733   0.368   1.00 18.30 ? 67   TYR A O   1 
ATOM   398 C CB  . TYR A 1 70  ? -8.590  9.901   -2.442  1.00 18.56 ? 67   TYR A CB  1 
ATOM   399 C CG  . TYR A 1 70  ? -8.789  9.586   -3.906  1.00 21.06 ? 67   TYR A CG  1 
ATOM   400 C CD1 . TYR A 1 70  ? -8.508  10.537  -4.880  1.00 24.61 ? 67   TYR A CD1 1 
ATOM   401 C CD2 . TYR A 1 70  ? -9.226  8.331   -4.320  1.00 22.74 ? 67   TYR A CD2 1 
ATOM   402 C CE1 . TYR A 1 70  ? -8.662  10.252  -6.217  1.00 28.94 ? 67   TYR A CE1 1 
ATOM   403 C CE2 . TYR A 1 70  ? -9.389  8.035   -5.673  1.00 25.38 ? 67   TYR A CE2 1 
ATOM   404 C CZ  . TYR A 1 70  ? -9.101  9.001   -6.608  1.00 30.69 ? 67   TYR A CZ  1 
ATOM   405 O OH  . TYR A 1 70  ? -9.260  8.734   -7.950  1.00 36.08 ? 67   TYR A OH  1 
ATOM   406 N N   . LEU A 1 71  ? -5.815  10.120  -0.159  1.00 16.27 ? 68   LEU A N   1 
ATOM   407 C CA  . LEU A 1 71  ? -5.407  10.328  1.220   1.00 16.78 ? 68   LEU A CA  1 
ATOM   408 C C   . LEU A 1 71  ? -4.930  11.734  1.490   1.00 17.28 ? 68   LEU A C   1 
ATOM   409 O O   . LEU A 1 71  ? -4.276  12.352  0.645   1.00 16.63 ? 68   LEU A O   1 
ATOM   410 C CB  . LEU A 1 71  ? -4.291  9.344   1.603   1.00 16.41 ? 68   LEU A CB  1 
ATOM   411 C CG  . LEU A 1 71  ? -4.610  7.851   1.504   1.00 15.40 ? 68   LEU A CG  1 
ATOM   412 C CD1 . LEU A 1 71  ? -3.375  7.014   1.908   1.00 17.53 ? 68   LEU A CD1 1 
ATOM   413 C CD2 . LEU A 1 71  ? -5.835  7.465   2.349   1.00 16.48 ? 68   LEU A CD2 1 
ATOM   414 N N   . MET A 1 72  ? -5.277  12.221  2.681   1.00 15.72 ? 69   MET A N   1 
ATOM   415 C CA  . MET A 1 72  ? -4.765  13.477  3.218   1.00 17.07 ? 69   MET A CA  1 
ATOM   416 C C   . MET A 1 72  ? -3.320  13.318  3.673   1.00 16.69 ? 69   MET A C   1 
ATOM   417 O O   . MET A 1 72  ? -2.863  12.204  3.912   1.00 16.76 ? 69   MET A O   1 
ATOM   418 C CB  . MET A 1 72  ? -5.559  13.913  4.453   1.00 20.01 ? 69   MET A CB  1 
ATOM   419 C CG  . MET A 1 72  ? -7.025  14.118  4.288   1.00 23.02 ? 69   MET A CG  1 
ATOM   420 S SD  . MET A 1 72  ? -7.340  15.141  2.873   1.00 32.83 ? 69   MET A SD  1 
ATOM   421 C CE  . MET A 1 72  ? -7.900  13.886  1.753   1.00 25.74 ? 69   MET A CE  1 
ATOM   422 N N   . PRO A 1 73  ? -2.609  14.435  3.865   1.00 15.51 ? 70   PRO A N   1 
ATOM   423 C CA  . PRO A 1 73  ? -1.266  14.333  4.405   1.00 14.94 ? 70   PRO A CA  1 
ATOM   424 C C   . PRO A 1 73  ? -1.222  13.574  5.736   1.00 14.93 ? 70   PRO A C   1 
ATOM   425 O O   . PRO A 1 73  ? -2.121  13.708  6.582   1.00 16.47 ? 70   PRO A O   1 
ATOM   426 C CB  . PRO A 1 73  ? -0.861  15.799  4.590   1.00 15.92 ? 70   PRO A CB  1 
ATOM   427 C CG  . PRO A 1 73  ? -1.593  16.488  3.533   1.00 16.16 ? 70   PRO A CG  1 
ATOM   428 C CD  . PRO A 1 73  ? -2.939  15.841  3.564   1.00 15.93 ? 70   PRO A CD  1 
ATOM   429 N N   . GLY A 1 74  ? -0.192  12.752  5.909   1.00 15.71 ? 71   GLY A N   1 
ATOM   430 C CA  . GLY A 1 74  ? -0.064  11.953  7.119   1.00 14.61 ? 71   GLY A CA  1 
ATOM   431 C C   . GLY A 1 74  ? 0.868   10.785  6.919   1.00 13.98 ? 71   GLY A C   1 
ATOM   432 O O   . GLY A 1 74  ? 1.392   10.576  5.830   1.00 13.65 ? 71   GLY A O   1 
ATOM   433 N N   . LYS A 1 75  ? 1.070   10.047  8.002   1.00 14.20 ? 72   LYS A N   1 
ATOM   434 C CA  . LYS A 1 75  ? 1.797   8.803   7.989   1.00 13.87 ? 72   LYS A CA  1 
ATOM   435 C C   . LYS A 1 75  ? 0.762   7.682   8.094   1.00 13.58 ? 72   LYS A C   1 
ATOM   436 O O   . LYS A 1 75  ? -0.196  7.778   8.866   1.00 14.53 ? 72   LYS A O   1 
ATOM   437 C CB  . LYS A 1 75  ? 2.779   8.755   9.158   1.00 15.87 ? 72   LYS A CB  1 
ATOM   438 C CG  . LYS A 1 75  ? 3.538   7.437   9.289   1.00 17.29 ? 72   LYS A CG  1 
ATOM   439 C CD  . LYS A 1 75  ? 2.817   6.493   10.230  1.00 21.43 ? 72   LYS A CD  1 
ATOM   440 C CE  . LYS A 1 75  ? 3.693   5.388   10.760  1.00 23.37 ? 72   LYS A CE  1 
ATOM   441 N NZ  . LYS A 1 75  ? 2.906   4.463   11.648  1.00 26.67 ? 72   LYS A NZ  1 
ATOM   442 N N   . TYR A 1 76  ? 0.976   6.620   7.322   1.00 13.17 ? 73   TYR A N   1 
ATOM   443 C CA  . TYR A 1 76  ? 0.023   5.521   7.211   1.00 13.07 ? 73   TYR A CA  1 
ATOM   444 C C   . TYR A 1 76  ? 0.786   4.208   7.179   1.00 13.85 ? 73   TYR A C   1 
ATOM   445 O O   . TYR A 1 76  ? 1.996   4.176   6.955   1.00 14.23 ? 73   TYR A O   1 
ATOM   446 C CB  . TYR A 1 76  ? -0.799  5.630   5.912   1.00 13.49 ? 73   TYR A CB  1 
ATOM   447 C CG  . TYR A 1 76  ? -1.614  6.894   5.769   1.00 13.58 ? 73   TYR A CG  1 
ATOM   448 C CD1 . TYR A 1 76  ? -2.914  6.951   6.233   1.00 15.03 ? 73   TYR A CD1 1 
ATOM   449 C CD2 . TYR A 1 76  ? -1.069  8.035   5.187   1.00 13.08 ? 73   TYR A CD2 1 
ATOM   450 C CE1 . TYR A 1 76  ? -3.677  8.090   6.101   1.00 16.05 ? 73   TYR A CE1 1 
ATOM   451 C CE2 . TYR A 1 76  ? -1.832  9.202   5.044   1.00 14.83 ? 73   TYR A CE2 1 
ATOM   452 C CZ  . TYR A 1 76  ? -3.128  9.224   5.515   1.00 14.33 ? 73   TYR A CZ  1 
ATOM   453 O OH  . TYR A 1 76  ? -3.917  10.357  5.403   1.00 18.35 ? 73   TYR A OH  1 
ATOM   454 N N   . THR A 1 77  ? 0.053   3.124   7.391   1.00 13.65 ? 74   THR A N   1 
ATOM   455 C CA  . THR A 1 77  ? 0.603   1.790   7.239   1.00 13.62 ? 74   THR A CA  1 
ATOM   456 C C   . THR A 1 77  ? -0.351  0.901   6.444   1.00 12.75 ? 74   THR A C   1 
ATOM   457 O O   . THR A 1 77  ? -1.546  0.880   6.728   1.00 13.94 ? 74   THR A O   1 
ATOM   458 C CB  . THR A 1 77  ? 0.896   1.170   8.606   1.00 15.30 ? 74   THR A CB  1 
ATOM   459 O OG1 . THR A 1 77  ? 1.685   2.100   9.387   1.00 20.26 ? 74   THR A OG1 1 
ATOM   460 C CG2 . THR A 1 77  ? 1.674   -0.120  8.420   1.00 20.55 ? 74   THR A CG2 1 
ATOM   461 N N   . PHE A 1 78  ? 0.190   0.176   5.459   1.00 12.17 ? 75   PHE A N   1 
ATOM   462 C CA  . PHE A 1 78  ? -0.505  -0.951  4.845   1.00 12.22 ? 75   PHE A CA  1 
ATOM   463 C C   . PHE A 1 78  ? -0.135  -2.213  5.627   1.00 12.85 ? 75   PHE A C   1 
ATOM   464 O O   . PHE A 1 78  ? 1.050   -2.512  5.803   1.00 14.42 ? 75   PHE A O   1 
ATOM   465 C CB  . PHE A 1 78  ? -0.074  -1.161  3.386   1.00 12.76 ? 75   PHE A CB  1 
ATOM   466 C CG  . PHE A 1 78  ? -0.613  -0.133  2.434   1.00 13.37 ? 75   PHE A CG  1 
ATOM   467 C CD1 . PHE A 1 78  ? -1.974  0.072   2.313   1.00 16.76 ? 75   PHE A CD1 1 
ATOM   468 C CD2 . PHE A 1 78  ? 0.229   0.589   1.623   1.00 13.13 ? 75   PHE A CD2 1 
ATOM   469 C CE1 . PHE A 1 78  ? -2.482  1.012   1.399   1.00 15.20 ? 75   PHE A CE1 1 
ATOM   470 C CE2 . PHE A 1 78  ? -0.274  1.523   0.714   1.00 13.41 ? 75   PHE A CE2 1 
ATOM   471 C CZ  . PHE A 1 78  ? -1.632  1.728   0.610   1.00 13.60 ? 75   PHE A CZ  1 
ATOM   472 N N   . VAL A 1 79  ? -1.145  -2.954  6.066   1.00 12.56 ? 76   VAL A N   1 
ATOM   473 C CA  . VAL A 1 79  ? -0.939  -4.168  6.840   1.00 13.03 ? 76   VAL A CA  1 
ATOM   474 C C   . VAL A 1 79  ? -1.666  -5.318  6.155   1.00 12.87 ? 76   VAL A C   1 
ATOM   475 O O   . VAL A 1 79  ? -2.860  -5.235  5.863   1.00 13.31 ? 76   VAL A O   1 
ATOM   476 C CB  . VAL A 1 79  ? -1.449  -4.018  8.290   1.00 13.59 ? 76   VAL A CB  1 
ATOM   477 C CG1 . VAL A 1 79  ? -1.271  -5.338  9.047   1.00 15.27 ? 76   VAL A CG1 1 
ATOM   478 C CG2 . VAL A 1 79  ? -0.739  -2.862  9.021   1.00 16.51 ? 76   VAL A CG2 1 
ATOM   479 N N   . GLU A 1 80  ? -0.939  -6.391  5.873   1.00 13.66 ? 77   GLU A N   1 
ATOM   480 C CA  . GLU A 1 80  ? -1.572  -7.619  5.387   1.00 13.66 ? 77   GLU A CA  1 
ATOM   481 C C   . GLU A 1 80  ? -1.936  -8.417  6.622   1.00 14.27 ? 77   GLU A C   1 
ATOM   482 O O   . GLU A 1 80  ? -1.063  -8.863  7.349   1.00 16.11 ? 77   GLU A O   1 
ATOM   483 C CB  . GLU A 1 80  ? -0.649  -8.408  4.457   1.00 13.72 ? 77   GLU A CB  1 
ATOM   484 C CG  . GLU A 1 80  ? -1.297  -9.683  3.947   1.00 13.82 ? 77   GLU A CG  1 
ATOM   485 C CD  . GLU A 1 80  ? -0.406  -10.492 3.021   1.00 16.40 ? 77   GLU A CD  1 
ATOM   486 O OE1 . GLU A 1 80  ? 0.820   -10.399 3.138   1.00 19.90 ? 77   GLU A OE1 1 
ATOM   487 O OE2 . GLU A 1 80  ? -0.951  -11.259 2.200   1.00 22.25 ? 77   GLU A OE2 1 
ATOM   488 N N   . THR A 1 81  ? -3.231  -8.586  6.874   1.00 14.60 ? 78   THR A N   1 
ATOM   489 C CA  . THR A 1 81  ? -3.666  -9.288  8.090   1.00 14.77 ? 78   THR A CA  1 
ATOM   490 C C   . THR A 1 81  ? -3.868  -10.790 7.857   1.00 15.22 ? 78   THR A C   1 
ATOM   491 O O   . THR A 1 81  ? -3.877  -11.567 8.808   1.00 18.02 ? 78   THR A O   1 
ATOM   492 C CB  . THR A 1 81  ? -4.962  -8.681  8.664   1.00 15.04 ? 78   THR A CB  1 
ATOM   493 O OG1 . THR A 1 81  ? -5.990  -8.783  7.688   1.00 16.81 ? 78   THR A OG1 1 
ATOM   494 C CG2 . THR A 1 81  ? -4.768  -7.220  9.080   1.00 14.60 ? 78   THR A CG2 1 
ATOM   495 N N   . ALA A 1 82  ? -4.024  -11.199 6.597   1.00 14.84 ? 79   ALA A N   1 
ATOM   496 C CA  . ALA A 1 82  ? -4.153  -12.612 6.245   1.00 15.92 ? 79   ALA A CA  1 
ATOM   497 C C   . ALA A 1 82  ? -3.707  -12.785 4.801   1.00 17.56 ? 79   ALA A C   1 
ATOM   498 O O   . ALA A 1 82  ? -4.042  -11.966 3.940   1.00 16.45 ? 79   ALA A O   1 
ATOM   499 C CB  . ALA A 1 82  ? -5.593  -13.082 6.434   1.00 16.91 ? 79   ALA A CB  1 
ATOM   500 N N   . ALA A 1 83  ? -2.929  -13.838 4.557   1.00 18.30 ? 80   ALA A N   1 
ATOM   501 C CA  . ALA A 1 83  ? -2.382  -14.152 3.246   1.00 19.25 ? 80   ALA A CA  1 
ATOM   502 C C   . ALA A 1 83  ? -3.125  -15.339 2.628   1.00 20.44 ? 80   ALA A C   1 
ATOM   503 O O   . ALA A 1 83  ? -3.638  -16.183 3.356   1.00 23.20 ? 80   ALA A O   1 
ATOM   504 C CB  . ALA A 1 83  ? -0.893  -14.489 3.369   1.00 21.69 ? 80   ALA A CB  1 
ATOM   505 N N   . PRO A 1 84  ? -3.138  -15.429 1.283   1.00 20.91 ? 81   PRO A N   1 
ATOM   506 C CA  . PRO A 1 84  ? -3.709  -16.608 0.607   1.00 22.21 ? 81   PRO A CA  1 
ATOM   507 C C   . PRO A 1 84  ? -2.842  -17.858 0.795   1.00 23.62 ? 81   PRO A C   1 
ATOM   508 O O   . PRO A 1 84  ? -1.709  -17.760 1.272   1.00 22.26 ? 81   PRO A O   1 
ATOM   509 C CB  . PRO A 1 84  ? -3.774  -16.189 -0.870  1.00 22.83 ? 81   PRO A CB  1 
ATOM   510 C CG  . PRO A 1 84  ? -2.874  -15.035 -1.017  1.00 22.28 ? 81   PRO A CG  1 
ATOM   511 C CD  . PRO A 1 84  ? -2.552  -14.473 0.332   1.00 21.55 ? 81   PRO A CD  1 
ATOM   512 N N   . ASP A 1 85  ? -3.375  -19.018 0.426   1.00 24.40 ? 82   ASP A N   1 
ATOM   513 C CA  . ASP A 1 85  ? -2.673  -20.290 0.639   1.00 25.08 ? 82   ASP A CA  1 
ATOM   514 C C   . ASP A 1 85  ? -1.282  -20.257 0.035   1.00 24.58 ? 82   ASP A C   1 
ATOM   515 O O   . ASP A 1 85  ? -1.101  -19.801 -1.090  1.00 26.64 ? 82   ASP A O   1 
ATOM   516 C CB  . ASP A 1 85  ? -3.439  -21.459 0.015   1.00 25.11 ? 82   ASP A CB  1 
ATOM   517 C CG  . ASP A 1 85  ? -4.757  -21.746 0.699   1.00 28.67 ? 82   ASP A CG  1 
ATOM   518 O OD1 . ASP A 1 85  ? -5.021  -21.225 1.812   1.00 29.98 ? 82   ASP A OD1 1 
ATOM   519 O OD2 . ASP A 1 85  ? -5.545  -22.512 0.103   1.00 32.28 ? 82   ASP A OD2 1 
ATOM   520 N N   . GLY A 1 86  ? -0.306  -20.744 0.796   1.00 27.24 ? 83   GLY A N   1 
ATOM   521 C CA  . GLY A 1 86  ? 1.071   -20.866 0.311   1.00 28.40 ? 83   GLY A CA  1 
ATOM   522 C C   . GLY A 1 86  ? 1.911   -19.612 0.455   1.00 30.12 ? 83   GLY A C   1 
ATOM   523 O O   . GLY A 1 86  ? 3.037   -19.563 -0.050  1.00 32.99 ? 83   GLY A O   1 
ATOM   524 N N   . TYR A 1 87  ? 1.366   -18.603 1.140   1.00 27.90 ? 84   TYR A N   1 
ATOM   525 C CA  . TYR A 1 87  ? 2.080   -17.363 1.428   1.00 25.80 ? 84   TYR A CA  1 
ATOM   526 C C   . TYR A 1 87  ? 2.110   -17.065 2.915   1.00 24.32 ? 84   TYR A C   1 
ATOM   527 O O   . TYR A 1 87  ? 1.167   -17.375 3.652   1.00 27.04 ? 84   TYR A O   1 
ATOM   528 C CB  . TYR A 1 87  ? 1.421   -16.196 0.699   1.00 26.30 ? 84   TYR A CB  1 
ATOM   529 C CG  . TYR A 1 87  ? 1.530   -16.263 -0.802  1.00 22.92 ? 84   TYR A CG  1 
ATOM   530 C CD1 . TYR A 1 87  ? 2.592   -15.665 -1.466  1.00 26.93 ? 84   TYR A CD1 1 
ATOM   531 C CD2 . TYR A 1 87  ? 0.577   -16.933 -1.557  1.00 27.89 ? 84   TYR A CD2 1 
ATOM   532 C CE1 . TYR A 1 87  ? 2.701   -15.724 -2.845  1.00 27.63 ? 84   TYR A CE1 1 
ATOM   533 C CE2 . TYR A 1 87  ? 0.666   -16.995 -2.943  1.00 28.14 ? 84   TYR A CE2 1 
ATOM   534 C CZ  . TYR A 1 87  ? 1.743   -16.388 -3.579  1.00 26.82 ? 84   TYR A CZ  1 
ATOM   535 O OH  . TYR A 1 87  ? 1.859   -16.442 -4.946  1.00 36.34 ? 84   TYR A OH  1 
ATOM   536 N N   . GLU A 1 88  ? 3.206   -16.455 3.347   1.00 26.23 ? 85   GLU A N   1 
ATOM   537 C CA  . GLU A 1 88  ? 3.344   -15.949 4.704   1.00 26.93 ? 85   GLU A CA  1 
ATOM   538 C C   . GLU A 1 88  ? 2.821   -14.520 4.625   1.00 26.06 ? 85   GLU A C   1 
ATOM   539 O O   . GLU A 1 88  ? 2.811   -13.946 3.550   1.00 26.30 ? 85   GLU A O   1 
ATOM   540 C CB  . GLU A 1 88  ? 4.821   -15.894 5.109   1.00 29.72 ? 85   GLU A CB  1 
ATOM   541 C CG  . GLU A 1 88  ? 5.620   -17.183 4.858   1.00 34.64 ? 85   GLU A CG  1 
ATOM   542 C CD  . GLU A 1 88  ? 7.088   -16.926 4.503   1.00 43.16 ? 85   GLU A CD  1 
ATOM   543 O OE1 . GLU A 1 88  ? 7.547   -15.757 4.551   1.00 52.75 ? 85   GLU A OE1 1 
ATOM   544 O OE2 . GLU A 1 88  ? 7.791   -17.908 4.168   1.00 56.21 ? 85   GLU A OE2 1 
ATOM   545 N N   . VAL A 1 89  ? 2.397   -13.949 5.744   1.00 25.17 ? 86   VAL A N   1 
ATOM   546 C CA  . VAL A 1 89  ? 2.043   -12.537 5.754   1.00 23.74 ? 86   VAL A CA  1 
ATOM   547 C C   . VAL A 1 89  ? 3.306   -11.689 5.553   1.00 22.24 ? 86   VAL A C   1 
ATOM   548 O O   . VAL A 1 89  ? 4.329   -11.903 6.232   1.00 22.96 ? 86   VAL A O   1 
ATOM   549 C CB  . VAL A 1 89  ? 1.328   -12.138 7.047   1.00 25.77 ? 86   VAL A CB  1 
ATOM   550 C CG1 . VAL A 1 89  ? 1.265   -10.651 7.172   1.00 28.81 ? 86   VAL A CG1 1 
ATOM   551 C CG2 . VAL A 1 89  ? -0.086  -12.717 7.054   1.00 30.78 ? 86   VAL A CG2 1 
ATOM   552 N N   . ALA A 1 90  ? 3.226   -10.741 4.614   1.00 20.74 ? 87   ALA A N   1 
ATOM   553 C CA  . ALA A 1 90  ? 4.301   -9.800  4.318   1.00 20.21 ? 87   ALA A CA  1 
ATOM   554 C C   . ALA A 1 90  ? 4.419   -8.773  5.435   1.00 19.95 ? 87   ALA A C   1 
ATOM   555 O O   . ALA A 1 90  ? 3.471   -8.556  6.194   1.00 20.16 ? 87   ALA A O   1 
ATOM   556 C CB  . ALA A 1 90  ? 4.036   -9.086  3.000   1.00 20.86 ? 87   ALA A CB  1 
ATOM   557 N N   . THR A 1 91  ? 5.585   -8.142  5.538   1.00 18.83 ? 88   THR A N   1 
ATOM   558 C CA  A THR A 1 91  ? 5.821   -7.099  6.528   0.50 18.19 ? 88   THR A CA  1 
ATOM   559 C CA  B THR A 1 91  ? 5.784   -7.112  6.552   0.50 18.52 ? 88   THR A CA  1 
ATOM   560 C C   . THR A 1 91  ? 4.982   -5.869  6.182   1.00 17.37 ? 88   THR A C   1 
ATOM   561 O O   . THR A 1 91  ? 4.755   -5.590  5.011   1.00 17.57 ? 88   THR A O   1 
ATOM   562 C CB  A THR A 1 91  ? 7.308   -6.707  6.557   0.50 18.42 ? 88   THR A CB  1 
ATOM   563 C CB  B THR A 1 91  ? 7.256   -6.737  6.712   0.50 19.82 ? 88   THR A CB  1 
ATOM   564 O OG1 A THR A 1 91  ? 8.100   -7.877  6.820   0.50 21.72 ? 88   THR A OG1 1 
ATOM   565 O OG1 B THR A 1 91  ? 7.809   -6.428  5.424   0.50 22.35 ? 88   THR A OG1 1 
ATOM   566 C CG2 A THR A 1 91  ? 7.572   -5.632  7.617   0.50 17.27 ? 88   THR A CG2 1 
ATOM   567 C CG2 B THR A 1 91  ? 8.023   -7.890  7.365   0.50 20.47 ? 88   THR A CG2 1 
ATOM   568 N N   . ALA A 1 92  ? 4.523   -5.150  7.201   1.00 18.72 ? 89   ALA A N   1 
ATOM   569 C CA  . ALA A 1 92  ? 3.740   -3.934  6.983   1.00 16.90 ? 89   ALA A CA  1 
ATOM   570 C C   . ALA A 1 92  ? 4.561   -2.887  6.223   1.00 15.89 ? 89   ALA A C   1 
ATOM   571 O O   . ALA A 1 92  ? 5.793   -2.873  6.277   1.00 18.81 ? 89   ALA A O   1 
ATOM   572 C CB  . ALA A 1 92  ? 3.248   -3.366  8.306   1.00 16.95 ? 89   ALA A CB  1 
ATOM   573 N N   . ILE A 1 93  ? 3.871   -2.023  5.484   1.00 14.77 ? 90   ILE A N   1 
ATOM   574 C CA  . ILE A 1 93  ? 4.524   -0.940  4.737   1.00 14.69 ? 90   ILE A CA  1 
ATOM   575 C C   . ILE A 1 93  ? 4.096   0.384   5.327   1.00 15.30 ? 90   ILE A C   1 
ATOM   576 O O   . ILE A 1 93  ? 2.921   0.741   5.285   1.00 16.13 ? 90   ILE A O   1 
ATOM   577 C CB  . ILE A 1 93  ? 4.166   -0.949  3.239   1.00 14.87 ? 90   ILE A CB  1 
ATOM   578 C CG1 . ILE A 1 93  ? 4.561   -2.293  2.627   1.00 16.34 ? 90   ILE A CG1 1 
ATOM   579 C CG2 . ILE A 1 93  ? 4.868   0.239   2.515   1.00 14.72 ? 90   ILE A CG2 1 
ATOM   580 C CD1 . ILE A 1 93  ? 4.148   -2.479  1.169   1.00 18.73 ? 90   ILE A CD1 1 
ATOM   581 N N   . THR A 1 94  ? 5.066   1.089   5.892   1.00 15.95 ? 91   THR A N   1 
ATOM   582 C CA  . THR A 1 94  ? 4.873   2.446   6.376   1.00 14.58 ? 91   THR A CA  1 
ATOM   583 C C   . THR A 1 94  ? 5.141   3.418   5.247   1.00 13.88 ? 91   THR A C   1 
ATOM   584 O O   . THR A 1 94  ? 6.107   3.274   4.512   1.00 14.75 ? 91   THR A O   1 
ATOM   585 C CB  . THR A 1 94  ? 5.837   2.746   7.522   1.00 15.62 ? 91   THR A CB  1 
ATOM   586 O OG1 . THR A 1 94  ? 5.563   1.844   8.598   1.00 19.40 ? 91   THR A OG1 1 
ATOM   587 C CG2 . THR A 1 94  ? 5.695   4.190   7.989   1.00 20.59 ? 91   THR A CG2 1 
ATOM   588 N N   . PHE A 1 95  ? 4.279   4.420   5.114   1.00 13.38 ? 92   PHE A N   1 
ATOM   589 C CA  . PHE A 1 95  ? 4.485   5.452   4.097   1.00 13.22 ? 92   PHE A CA  1 
ATOM   590 C C   . PHE A 1 95  ? 3.951   6.793   4.581   1.00 13.13 ? 92   PHE A C   1 
ATOM   591 O O   . PHE A 1 95  ? 3.162   6.859   5.532   1.00 13.14 ? 92   PHE A O   1 
ATOM   592 C CB  . PHE A 1 95  ? 3.875   5.058   2.742   1.00 13.47 ? 92   PHE A CB  1 
ATOM   593 C CG  . PHE A 1 95  ? 2.379   5.046   2.707   1.00 13.43 ? 92   PHE A CG  1 
ATOM   594 C CD1 . PHE A 1 95  ? 1.668   6.139   2.228   1.00 13.88 ? 92   PHE A CD1 1 
ATOM   595 C CD2 . PHE A 1 95  ? 1.677   3.914   3.098   1.00 13.73 ? 92   PHE A CD2 1 
ATOM   596 C CE1 . PHE A 1 95  ? 0.276   6.102   2.163   1.00 14.74 ? 92   PHE A CE1 1 
ATOM   597 C CE2 . PHE A 1 95  ? 0.296   3.872   3.041   1.00 14.18 ? 92   PHE A CE2 1 
ATOM   598 C CZ  . PHE A 1 95  ? -0.403  4.967   2.568   1.00 13.90 ? 92   PHE A CZ  1 
ATOM   599 N N   . THR A 1 96  ? 4.428   7.858   3.938   1.00 12.48 ? 93   THR A N   1 
ATOM   600 C CA  . THR A 1 96  ? 3.948   9.195   4.226   1.00 12.64 ? 93   THR A CA  1 
ATOM   601 C C   . THR A 1 96  ? 3.450   9.861   2.947   1.00 12.62 ? 93   THR A C   1 
ATOM   602 O O   . THR A 1 96  ? 3.878   9.505   1.850   1.00 13.74 ? 93   THR A O   1 
ATOM   603 C CB  . THR A 1 96  ? 5.033   10.085  4.880   1.00 12.42 ? 93   THR A CB  1 
ATOM   604 O OG1 . THR A 1 96  ? 6.086   10.324  3.946   1.00 13.85 ? 93   THR A OG1 1 
ATOM   605 C CG2 . THR A 1 96  ? 5.584   9.457   6.173   1.00 13.28 ? 93   THR A CG2 1 
ATOM   606 N N   . VAL A 1 97  ? 2.551   10.833  3.132   1.00 13.82 ? 94   VAL A N   1 
ATOM   607 C CA  . VAL A 1 97  ? 1.997   11.661  2.093   1.00 14.10 ? 94   VAL A CA  1 
ATOM   608 C C   . VAL A 1 97  ? 2.096   13.099  2.605   1.00 14.97 ? 94   VAL A C   1 
ATOM   609 O O   . VAL A 1 97  ? 1.706   13.361  3.741   1.00 14.90 ? 94   VAL A O   1 
ATOM   610 C CB  . VAL A 1 97  ? 0.495   11.324  1.888   1.00 14.61 ? 94   VAL A CB  1 
ATOM   611 C CG1 . VAL A 1 97  ? -0.107  12.217  0.774   1.00 17.09 ? 94   VAL A CG1 1 
ATOM   612 C CG2 . VAL A 1 97  ? 0.326   9.836   1.599   1.00 16.75 ? 94   VAL A CG2 1 
ATOM   613 N N   . ASN A 1 98  ? 2.611   14.025  1.795   1.00 15.62 ? 95   ASN A N   1 
ATOM   614 C CA  . ASN A 1 98  ? 2.572   15.431  2.207   1.00 15.68 ? 95   ASN A CA  1 
ATOM   615 C C   . ASN A 1 98  ? 1.582   16.261  1.376   1.00 16.38 ? 95   ASN A C   1 
ATOM   616 O O   . ASN A 1 98  ? 0.973   15.776  0.426   1.00 16.15 ? 95   ASN A O   1 
ATOM   617 C CB  . ASN A 1 98  ? 3.985   16.069  2.298   1.00 15.53 ? 95   ASN A CB  1 
ATOM   618 C CG  . ASN A 1 98  ? 4.638   16.339  0.929   1.00 15.27 ? 95   ASN A CG  1 
ATOM   619 O OD1 . ASN A 1 98  ? 3.990   16.284  -0.106  1.00 17.56 ? 95   ASN A OD1 1 
ATOM   620 N ND2 . ASN A 1 98  ? 5.939   16.648  0.946   1.00 15.13 ? 95   ASN A ND2 1 
ATOM   621 N N   . GLU A 1 99  ? 1.424   17.517  1.766   1.00 17.73 ? 96   GLU A N   1 
ATOM   622 C CA  . GLU A 1 99  ? 0.478   18.429  1.131   1.00 19.59 ? 96   GLU A CA  1 
ATOM   623 C C   . GLU A 1 99  ? 0.763   18.590  -0.365  1.00 19.89 ? 96   GLU A C   1 
ATOM   624 O O   . GLU A 1 99  ? -0.153  18.775  -1.162  1.00 22.71 ? 96   GLU A O   1 
ATOM   625 C CB  . GLU A 1 99  ? 0.555   19.778  1.866   1.00 21.13 ? 96   GLU A CB  1 
ATOM   626 C CG  . GLU A 1 99  ? -0.105  20.955  1.209   1.00 24.51 ? 96   GLU A CG  1 
ATOM   627 C CD  . GLU A 1 99  ? -1.588  20.794  1.049   1.00 28.02 ? 96   GLU A CD  1 
ATOM   628 O OE1 . GLU A 1 99  ? -2.184  19.904  1.714   1.00 29.66 ? 96   GLU A OE1 1 
ATOM   629 O OE2 . GLU A 1 99  ? -2.160  21.587  0.252   1.00 32.58 ? 96   GLU A OE2 1 
ATOM   630 N N   . GLN A 1 100 ? 2.034   18.511  -0.734  1.00 19.74 ? 97   GLN A N   1 
ATOM   631 C CA  . GLN A 1 100 ? 2.470   18.717  -2.108  1.00 21.53 ? 97   GLN A CA  1 
ATOM   632 C C   . GLN A 1 100 ? 2.396   17.438  -2.950  1.00 21.62 ? 97   GLN A C   1 
ATOM   633 O O   . GLN A 1 100 ? 2.822   17.430  -4.107  1.00 24.11 ? 97   GLN A O   1 
ATOM   634 C CB  . GLN A 1 100 ? 3.896   19.295  -2.083  1.00 22.34 ? 97   GLN A CB  1 
ATOM   635 C CG  . GLN A 1 100 ? 3.934   20.669  -1.394  1.00 24.02 ? 97   GLN A CG  1 
ATOM   636 C CD  . GLN A 1 100 ? 5.308   21.105  -0.936  1.00 25.94 ? 97   GLN A CD  1 
ATOM   637 O OE1 . GLN A 1 100 ? 6.161   20.283  -0.589  1.00 27.23 ? 97   GLN A OE1 1 
ATOM   638 N NE2 . GLN A 1 100 ? 5.525   22.425  -0.909  1.00 28.18 ? 97   GLN A NE2 1 
ATOM   639 N N   . GLY A 1 101 ? 1.859   16.354  -2.367  1.00 19.20 ? 98   GLY A N   1 
ATOM   640 C CA  . GLY A 1 101 ? 1.656   15.101  -3.082  1.00 19.16 ? 98   GLY A CA  1 
ATOM   641 C C   . GLY A 1 101 ? 2.845   14.160  -3.111  1.00 18.12 ? 98   GLY A C   1 
ATOM   642 O O   . GLY A 1 101 ? 2.831   13.142  -3.810  1.00 19.65 ? 98   GLY A O   1 
ATOM   643 N N   . GLN A 1 102 ? 3.885   14.484  -2.353  1.00 17.89 ? 99   GLN A N   1 
ATOM   644 C CA  . GLN A 1 102 ? 5.038   13.608  -2.256  1.00 17.28 ? 99   GLN A CA  1 
ATOM   645 C C   . GLN A 1 102 ? 4.694   12.399  -1.390  1.00 15.53 ? 99   GLN A C   1 
ATOM   646 O O   . GLN A 1 102 ? 4.185   12.538  -0.277  1.00 16.27 ? 99   GLN A O   1 
ATOM   647 C CB  . GLN A 1 102 ? 6.225   14.349  -1.673  1.00 17.86 ? 99   GLN A CB  1 
ATOM   648 C CG  . GLN A 1 102 ? 7.494   13.535  -1.631  1.00 18.71 ? 99   GLN A CG  1 
ATOM   649 C CD  . GLN A 1 102 ? 8.695   14.401  -1.340  1.00 20.03 ? 99   GLN A CD  1 
ATOM   650 O OE1 . GLN A 1 102 ? 8.969   14.762  -0.185  1.00 21.52 ? 99   GLN A OE1 1 
ATOM   651 N NE2 . GLN A 1 102 ? 9.412   14.763  -2.393  1.00 21.38 ? 99   GLN A NE2 1 
ATOM   652 N N   . VAL A 1 103 ? 4.954   11.212  -1.928  1.00 16.53 ? 100  VAL A N   1 
ATOM   653 C CA  . VAL A 1 103 ? 4.718   9.955   -1.229  1.00 15.30 ? 100  VAL A CA  1 
ATOM   654 C C   . VAL A 1 103 ? 6.046   9.257   -1.009  1.00 16.01 ? 100  VAL A C   1 
ATOM   655 O O   . VAL A 1 103 ? 6.816   9.075   -1.953  1.00 16.93 ? 100  VAL A O   1 
ATOM   656 C CB  . VAL A 1 103 ? 3.776   9.043   -2.027  1.00 15.30 ? 100  VAL A CB  1 
ATOM   657 C CG1 . VAL A 1 103 ? 3.538   7.701   -1.305  1.00 16.25 ? 100  VAL A CG1 1 
ATOM   658 C CG2 . VAL A 1 103 ? 2.463   9.763   -2.287  1.00 16.10 ? 100  VAL A CG2 1 
ATOM   659 N N   . THR A 1 104 ? 6.311   8.873   0.242   1.00 15.04 ? 101  THR A N   1 
ATOM   660 C CA  . THR A 1 104 ? 7.629   8.354   0.621   1.00 15.08 ? 101  THR A CA  1 
ATOM   661 C C   . THR A 1 104 ? 7.478   7.014   1.309   1.00 14.39 ? 101  THR A C   1 
ATOM   662 O O   . THR A 1 104 ? 6.710   6.891   2.265   1.00 14.63 ? 101  THR A O   1 
ATOM   663 C CB  . THR A 1 104 ? 8.376   9.331   1.531   1.00 14.30 ? 101  THR A CB  1 
ATOM   664 O OG1 . THR A 1 104 ? 8.383   10.625  0.917   1.00 16.24 ? 101  THR A OG1 1 
ATOM   665 C CG2 . THR A 1 104 ? 9.833   8.855   1.785   1.00 14.43 ? 101  THR A CG2 1 
ATOM   666 N N   . VAL A 1 105 ? 8.203   6.019   0.791   1.00 16.28 ? 102  VAL A N   1 
ATOM   667 C CA  . VAL A 1 105 ? 8.218   4.666   1.320   1.00 16.66 ? 102  VAL A CA  1 
ATOM   668 C C   . VAL A 1 105 ? 9.667   4.225   1.505   1.00 17.37 ? 102  VAL A C   1 
ATOM   669 O O   . VAL A 1 105 ? 10.403  4.139   0.531   1.00 17.46 ? 102  VAL A O   1 
ATOM   670 C CB  . VAL A 1 105 ? 7.533   3.674   0.352   1.00 17.82 ? 102  VAL A CB  1 
ATOM   671 C CG1 . VAL A 1 105 ? 7.623   2.240   0.894   1.00 20.56 ? 102  VAL A CG1 1 
ATOM   672 C CG2 . VAL A 1 105 ? 6.089   4.087   0.101   1.00 21.06 ? 102  VAL A CG2 1 
ATOM   673 N N   . ASN A 1 106 ? 10.067  3.982   2.754   1.00 19.50 ? 103  ASN A N   1 
ATOM   674 C CA  . ASN A 1 106 ? 11.410  3.483   3.074   1.00 20.90 ? 103  ASN A CA  1 
ATOM   675 C C   . ASN A 1 106 ? 12.503  4.309   2.378   1.00 20.51 ? 103  ASN A C   1 
ATOM   676 O O   . ASN A 1 106 ? 13.398  3.778   1.719   1.00 22.29 ? 103  ASN A O   1 
ATOM   677 C CB  . ASN A 1 106 ? 11.510  1.981   2.736   1.00 22.89 ? 103  ASN A CB  1 
ATOM   678 C CG  . ASN A 1 106 ? 10.499  1.115   3.517   1.00 23.98 ? 103  ASN A CG  1 
ATOM   679 O OD1 . ASN A 1 106 ? 10.060  1.464   4.616   1.00 26.29 ? 103  ASN A OD1 1 
ATOM   680 N ND2 . ASN A 1 106 ? 10.155  -0.033  2.951   1.00 31.90 ? 103  ASN A ND2 1 
ATOM   681 N N   . GLY A 1 107 ? 12.401  5.629   2.500   1.00 19.69 ? 104  GLY A N   1 
ATOM   682 C CA  . GLY A 1 107 ? 13.415  6.529   1.978   1.00 22.27 ? 104  GLY A CA  1 
ATOM   683 C C   . GLY A 1 107 ? 13.378  6.850   0.500   1.00 23.25 ? 104  GLY A C   1 
ATOM   684 O O   . GLY A 1 107 ? 14.246  7.580   0.006   1.00 27.52 ? 104  GLY A O   1 
ATOM   685 N N   . LYS A 1 108 ? 12.394  6.309   -0.210  1.00 20.18 ? 105  LYS A N   1 
ATOM   686 C CA  . LYS A 1 108 ? 12.213  6.601   -1.628  1.00 22.73 ? 105  LYS A CA  1 
ATOM   687 C C   . LYS A 1 108 ? 10.946  7.435   -1.788  1.00 21.97 ? 105  LYS A C   1 
ATOM   688 O O   . LYS A 1 108 ? 9.853   6.988   -1.432  1.00 20.69 ? 105  LYS A O   1 
ATOM   689 C CB  . LYS A 1 108 ? 12.132  5.315   -2.461  1.00 24.04 ? 105  LYS A CB  1 
ATOM   690 C CG  . LYS A 1 108 ? 11.973  5.578   -3.978  1.00 28.57 ? 105  LYS A CG  1 
ATOM   691 C CD  . LYS A 1 108 ? 12.061  4.289   -4.797  1.00 33.50 ? 105  LYS A CD  1 
ATOM   692 C CE  . LYS A 1 108 ? 11.421  4.433   -6.173  1.00 35.62 ? 105  LYS A CE  1 
ATOM   693 N NZ  . LYS A 1 108 ? 11.268  3.104   -6.867  1.00 41.19 ? 105  LYS A NZ  1 
ATOM   694 N N   . ALA A 1 109 ? 11.115  8.644   -2.323  1.00 23.73 ? 106  ALA A N   1 
ATOM   695 C CA  . ALA A 1 109 ? 10.023  9.597   -2.495  1.00 23.37 ? 106  ALA A CA  1 
ATOM   696 C C   . ALA A 1 109 ? 9.667   9.729   -3.965  1.00 24.31 ? 106  ALA A C   1 
ATOM   697 O O   . ALA A 1 109 ? 10.533  9.645   -4.847  1.00 27.16 ? 106  ALA A O   1 
ATOM   698 C CB  . ALA A 1 109 ? 10.411  10.949  -1.940  1.00 24.08 ? 106  ALA A CB  1 
ATOM   699 N N   . THR A 1 110 ? 8.386   9.944   -4.230  1.00 25.04 ? 107  THR A N   1 
ATOM   700 C CA  . THR A 1 110 ? 7.929   10.219  -5.584  1.00 28.04 ? 107  THR A CA  1 
ATOM   701 C C   . THR A 1 110 ? 6.782   11.220  -5.555  1.00 29.74 ? 107  THR A C   1 
ATOM   702 O O   . THR A 1 110 ? 6.099   11.373  -4.546  1.00 26.18 ? 107  THR A O   1 
ATOM   703 C CB  . THR A 1 110 ? 7.468   8.928   -6.280  1.00 29.75 ? 107  THR A CB  1 
ATOM   704 O OG1 . THR A 1 110 ? 7.262   9.178   -7.681  1.00 36.30 ? 107  THR A OG1 1 
ATOM   705 C CG2 . THR A 1 110 ? 6.200   8.396   -5.634  1.00 27.54 ? 107  THR A CG2 1 
ATOM   706 N N   . LYS A 1 111 ? 6.596   11.920  -6.667  1.00 33.56 ? 108  LYS A N   1 
ATOM   707 C CA  . LYS A 1 111 ? 5.421   12.764  -6.858  1.00 34.99 ? 108  LYS A CA  1 
ATOM   708 C C   . LYS A 1 111 ? 4.786   12.381  -8.184  1.00 35.90 ? 108  LYS A C   1 
ATOM   709 O O   . LYS A 1 111 ? 5.481   12.081  -9.145  1.00 39.63 ? 108  LYS A O   1 
ATOM   710 C CB  . LYS A 1 111 ? 5.808   14.241  -6.825  1.00 36.22 ? 108  LYS A CB  1 
ATOM   711 C CG  . LYS A 1 111 ? 6.414   14.672  -5.486  1.00 39.53 ? 108  LYS A CG  1 
ATOM   712 C CD  . LYS A 1 111 ? 7.095   16.036  -5.548  1.00 41.94 ? 108  LYS A CD  1 
ATOM   713 C CE  . LYS A 1 111 ? 6.101   17.165  -5.341  1.00 43.29 ? 108  LYS A CE  1 
ATOM   714 N NZ  . LYS A 1 111 ? 6.676   18.463  -5.774  1.00 47.51 ? 108  LYS A NZ  1 
ATOM   715 N N   . GLY A 1 112 ? 3.461   12.326  -8.211  1.00 36.93 ? 109  GLY A N   1 
ATOM   716 C CA  . GLY A 1 112 ? 2.732   12.005  -9.436  1.00 32.52 ? 109  GLY A CA  1 
ATOM   717 C C   . GLY A 1 112 ? 2.539   10.516  -9.650  1.00 32.94 ? 109  GLY A C   1 
ATOM   718 O O   . GLY A 1 112 ? 3.503   9.789   -9.842  1.00 32.98 ? 109  GLY A O   1 
ATOM   719 N N   . ASP A 1 113 ? 1.283   10.078  -9.613  1.00 36.53 ? 110  ASP A N   1 
ATOM   720 C CA  . ASP A 1 113 ? 0.906   8.697   -9.903  1.00 36.62 ? 110  ASP A CA  1 
ATOM   721 C C   . ASP A 1 113 ? 1.613   7.683   -8.993  1.00 35.24 ? 110  ASP A C   1 
ATOM   722 O O   . ASP A 1 113 ? 2.061   6.636   -9.467  1.00 36.47 ? 110  ASP A O   1 
ATOM   723 C CB  . ASP A 1 113 ? 1.175   8.367   -11.378 1.00 39.50 ? 110  ASP A CB  1 
ATOM   724 C CG  . ASP A 1 113 ? 0.431   9.291   -12.341 1.00 44.36 ? 110  ASP A CG  1 
ATOM   725 O OD1 . ASP A 1 113 ? -0.297  10.201  -11.880 1.00 54.04 ? 110  ASP A OD1 1 
ATOM   726 O OD2 . ASP A 1 113 ? 0.581   9.103   -13.569 1.00 55.43 ? 110  ASP A OD2 1 
ATOM   727 N N   . ALA A 1 114 ? 1.695   7.990   -7.694  1.00 28.50 ? 111  ALA A N   1 
ATOM   728 C CA  . ALA A 1 114 ? 2.334   7.094   -6.718  1.00 25.68 ? 111  ALA A CA  1 
ATOM   729 C C   . ALA A 1 114 ? 1.647   5.732   -6.710  1.00 22.36 ? 111  ALA A C   1 
ATOM   730 O O   . ALA A 1 114 ? 0.421   5.650   -6.646  1.00 21.73 ? 111  ALA A O   1 
ATOM   731 C CB  . ALA A 1 114 ? 2.293   7.694   -5.305  1.00 27.37 ? 111  ALA A CB  1 
ATOM   732 N N   . HIS A 1 115 ? 2.451   4.679   -6.771  1.00 20.64 ? 112  HIS A N   1 
ATOM   733 C CA  . HIS A 1 115 ? 1.957   3.309   -6.825  1.00 20.88 ? 112  HIS A CA  1 
ATOM   734 C C   . HIS A 1 115 ? 2.783   2.488   -5.845  1.00 19.97 ? 112  HIS A C   1 
ATOM   735 O O   . HIS A 1 115 ? 3.974   2.247   -6.077  1.00 21.69 ? 112  HIS A O   1 
ATOM   736 C CB  . HIS A 1 115 ? 2.099   2.759   -8.250  1.00 22.55 ? 112  HIS A CB  1 
ATOM   737 C CG  . HIS A 1 115 ? 1.378   1.466   -8.489  1.00 24.18 ? 112  HIS A CG  1 
ATOM   738 N ND1 . HIS A 1 115 ? 1.013   1.047   -9.752  1.00 29.28 ? 112  HIS A ND1 1 
ATOM   739 C CD2 . HIS A 1 115 ? 0.928   0.516   -7.638  1.00 25.02 ? 112  HIS A CD2 1 
ATOM   740 C CE1 . HIS A 1 115 ? 0.397   -0.119  -9.667  1.00 29.65 ? 112  HIS A CE1 1 
ATOM   741 N NE2 . HIS A 1 115 ? 0.345   -0.470  -8.394  1.00 26.89 ? 112  HIS A NE2 1 
ATOM   742 N N   . ILE A 1 116 ? 2.167   2.102   -4.733  1.00 16.83 ? 113  ILE A N   1 
ATOM   743 C CA  . ILE A 1 116 ? 2.861   1.309   -3.723  1.00 16.25 ? 113  ILE A CA  1 
ATOM   744 C C   . ILE A 1 116 ? 2.534   -0.167  -3.965  1.00 16.76 ? 113  ILE A C   1 
ATOM   745 O O   . ILE A 1 116 ? 1.370   -0.528  -4.158  1.00 16.15 ? 113  ILE A O   1 
ATOM   746 C CB  . ILE A 1 116 ? 2.462   1.750   -2.303  1.00 15.15 ? 113  ILE A CB  1 
ATOM   747 C CG1 . ILE A 1 116 ? 2.959   3.187   -2.045  1.00 16.08 ? 113  ILE A CG1 1 
ATOM   748 C CG2 . ILE A 1 116 ? 3.020   0.779   -1.248  1.00 16.02 ? 113  ILE A CG2 1 
ATOM   749 C CD1 . ILE A 1 116 ? 2.426   3.799   -0.784  1.00 17.22 ? 113  ILE A CD1 1 
ATOM   750 N N   . VAL A 1 117 ? 3.571   -1.002  -3.959  1.00 16.42 ? 114  VAL A N   1 
ATOM   751 C CA  . VAL A 1 117 ? 3.424   -2.430  -4.196  1.00 16.81 ? 114  VAL A CA  1 
ATOM   752 C C   . VAL A 1 117 ? 3.885   -3.212  -2.967  1.00 16.41 ? 114  VAL A C   1 
ATOM   753 O O   . VAL A 1 117 ? 4.993   -2.991  -2.459  1.00 17.04 ? 114  VAL A O   1 
ATOM   754 C CB  . VAL A 1 117 ? 4.244   -2.876  -5.411  1.00 17.54 ? 114  VAL A CB  1 
ATOM   755 C CG1 . VAL A 1 117 ? 4.201   -4.403  -5.563  1.00 18.98 ? 114  VAL A CG1 1 
ATOM   756 C CG2 . VAL A 1 117 ? 3.756   -2.194  -6.682  1.00 20.31 ? 114  VAL A CG2 1 
ATOM   757 N N   . MET A 1 118 ? 3.020   -4.102  -2.477  1.00 15.07 ? 115  MET A N   1 
ATOM   758 C CA  . MET A 1 118 ? 3.404   -5.070  -1.460  1.00 14.56 ? 115  MET A CA  1 
ATOM   759 C C   . MET A 1 118 ? 3.662   -6.384  -2.188  1.00 14.94 ? 115  MET A C   1 
ATOM   760 O O   . MET A 1 118 ? 2.769   -6.921  -2.834  1.00 14.52 ? 115  MET A O   1 
ATOM   761 C CB  . MET A 1 118 ? 2.300   -5.259  -0.417  1.00 13.86 ? 115  MET A CB  1 
ATOM   762 C CG  . MET A 1 118 ? 2.662   -6.267  0.657   1.00 14.20 ? 115  MET A CG  1 
ATOM   763 S SD  . MET A 1 118 ? 1.421   -6.399  1.946   1.00 15.01 ? 115  MET A SD  1 
ATOM   764 C CE  . MET A 1 118 ? 1.837   -4.996  3.005   1.00 14.91 ? 115  MET A CE  1 
ATOM   765 N N   . VAL A 1 119 ? 4.895   -6.869  -2.086  1.00 16.15 ? 116  VAL A N   1 
ATOM   766 C CA  . VAL A 1 119 ? 5.287   -8.116  -2.745  1.00 17.62 ? 116  VAL A CA  1 
ATOM   767 C C   . VAL A 1 119 ? 5.156   -9.260  -1.748  1.00 18.86 ? 116  VAL A C   1 
ATOM   768 O O   . VAL A 1 119 ? 5.667   -9.184  -0.625  1.00 19.70 ? 116  VAL A O   1 
ATOM   769 C CB  . VAL A 1 119 ? 6.720   -8.024  -3.300  1.00 18.72 ? 116  VAL A CB  1 
ATOM   770 C CG1 . VAL A 1 119 ? 7.060   -9.288  -4.069  1.00 21.70 ? 116  VAL A CG1 1 
ATOM   771 C CG2 . VAL A 1 119 ? 6.852   -6.808  -4.196  1.00 18.82 ? 116  VAL A CG2 1 
ATOM   772 N N   . ASP A 1 120 ? 4.433   -10.297 -2.157  1.00 20.91 ? 117  ASP A N   1 
ATOM   773 C CA  . ASP A 1 120 ? 4.198   -11.482 -1.347  1.00 22.38 ? 117  ASP A CA  1 
ATOM   774 C C   . ASP A 1 120 ? 5.106   -12.569 -1.853  1.00 26.42 ? 117  ASP A C   1 
ATOM   775 O O   . ASP A 1 120 ? 5.099   -12.872 -3.039  1.00 25.17 ? 117  ASP A O   1 
ATOM   776 C CB  . ASP A 1 120 ? 2.745   -11.929 -1.455  1.00 21.74 ? 117  ASP A CB  1 
ATOM   777 C CG  . ASP A 1 120 ? 1.796   -10.983 -0.727  1.00 24.27 ? 117  ASP A CG  1 
ATOM   778 O OD2 . ASP A 1 120 ? 1.284   -11.374 0.335   1.00 31.43 ? 117  ASP A OD2 1 
ATOM   779 N N   . ALA A 1 121 ? 5.921   -13.120 -0.961  1.00 26.59 ? 118  ALA A N   1 
ATOM   780 C CA  . ALA A 1 121 ? 6.794   -14.248 -1.324  1.00 26.98 ? 118  ALA A CA  1 
ATOM   781 C C   . ALA A 1 121 ? 6.112   -15.556 -0.939  1.00 32.95 ? 118  ALA A C   1 
ATOM   782 O O   . ALA A 1 121 ? 5.439   -15.642 0.100   1.00 40.33 ? 118  ALA A O   1 
ATOM   783 C CB  . ALA A 1 121 ? 8.136   -14.119 -0.659  1.00 32.93 ? 118  ALA A CB  1 
HETATM 784 O O   . HOH B 2 .   ? -4.305  17.752  -7.106  1.00 29.60 ? 2001 HOH A O   1 
HETATM 785 O O   . HOH B 2 .   ? -8.684  19.779  3.199   1.00 36.07 ? 2002 HOH A O   1 
HETATM 786 O O   . HOH B 2 .   ? -5.165  20.129  -3.549  1.00 33.95 ? 2003 HOH A O   1 
HETATM 787 O O   . HOH B 2 .   ? -1.738  15.122  -0.056  1.00 25.69 ? 2004 HOH A O   1 
HETATM 788 O O   . HOH B 2 .   ? -1.342  15.693  -4.512  1.00 31.89 ? 2005 HOH A O   1 
HETATM 789 O O   . HOH B 2 .   ? -2.943  12.937  -6.659  1.00 23.14 ? 2006 HOH A O   1 
HETATM 790 O O   . HOH B 2 .   ? 0.033   10.232  -6.776  1.00 30.64 ? 2007 HOH A O   1 
HETATM 791 O O   . HOH B 2 .   ? 2.078   -2.430  11.758  1.00 40.00 ? 2008 HOH A O   1 
HETATM 792 O O   . HOH B 2 .   ? 1.756   -4.808  11.838  1.00 37.66 ? 2009 HOH A O   1 
HETATM 793 O O   . HOH B 2 .   ? 3.382   -15.680 -10.938 1.00 26.25 ? 2010 HOH A O   1 
HETATM 794 O O   . HOH B 2 .   ? 6.189   -11.600 -14.973 1.00 27.82 ? 2011 HOH A O   1 
HETATM 795 O O   . HOH B 2 .   ? 6.778   -17.671 -9.384  1.00 32.19 ? 2012 HOH A O   1 
HETATM 796 O O   . HOH B 2 .   ? -13.272 -3.064  -0.283  1.00 34.00 ? 2013 HOH A O   1 
HETATM 797 O O   . HOH B 2 .   ? -13.205 -7.760  -3.752  1.00 45.57 ? 2014 HOH A O   1 
HETATM 798 O O   . HOH B 2 .   ? 0.368   -7.107  -12.524 1.00 41.99 ? 2015 HOH A O   1 
HETATM 799 O O   . HOH B 2 .   ? 4.047   -6.508  -13.508 1.00 46.63 ? 2016 HOH A O   1 
HETATM 800 O O   . HOH B 2 .   ? 5.423   -15.385 -15.100 1.00 52.17 ? 2017 HOH A O   1 
HETATM 801 O O   . HOH B 2 .   ? -3.507  -5.723  -6.347  1.00 21.96 ? 2018 HOH A O   1 
HETATM 802 O O   . HOH B 2 .   ? -1.589  -9.754  -12.859 1.00 29.99 ? 2019 HOH A O   1 
HETATM 803 O O   . HOH B 2 .   ? -2.081  -14.038 -9.284  1.00 43.50 ? 2020 HOH A O   1 
HETATM 804 O O   . HOH B 2 .   ? -4.581  -8.260  -6.232  1.00 17.48 ? 2021 HOH A O   1 
HETATM 805 O O   . HOH B 2 .   ? -4.210  -14.521 -7.583  1.00 26.55 ? 2022 HOH A O   1 
HETATM 806 O O   . HOH B 2 .   ? -4.552  -16.257 -4.588  1.00 31.56 ? 2023 HOH A O   1 
HETATM 807 O O   . HOH B 2 .   ? -0.186  1.399   12.910  1.00 42.69 ? 2024 HOH A O   1 
HETATM 808 O O   . HOH B 2 .   ? -6.742  9.136   8.215   1.00 33.75 ? 2025 HOH A O   1 
HETATM 809 O O   . HOH B 2 .   ? -8.469  9.873   6.428   1.00 39.93 ? 2026 HOH A O   1 
HETATM 810 O O   . HOH B 2 .   ? -8.829  12.837  7.199   1.00 57.03 ? 2027 HOH A O   1 
HETATM 811 O O   . HOH B 2 .   ? -7.652  -13.430 3.292   1.00 14.65 ? 2028 HOH A O   1 
HETATM 812 O O   . HOH B 2 .   ? -7.250  -6.044  12.382  1.00 27.89 ? 2029 HOH A O   1 
HETATM 813 O O   . HOH B 2 .   ? -8.369  -7.996  8.988   1.00 15.39 ? 2030 HOH A O   1 
HETATM 814 O O   . HOH B 2 .   ? 2.100   -6.816  9.722   1.00 33.50 ? 2031 HOH A O   1 
HETATM 815 O O   . HOH B 2 .   ? -1.045  -5.675  13.441  1.00 41.42 ? 2032 HOH A O   1 
HETATM 816 O O   . HOH B 2 .   ? -4.305  -7.374  12.835  1.00 42.33 ? 2033 HOH A O   1 
HETATM 817 O O   . HOH B 2 .   ? -2.657  -5.344  15.345  1.00 45.45 ? 2034 HOH A O   1 
HETATM 818 O O   . HOH B 2 .   ? -7.886  8.697   10.684  1.00 33.72 ? 2035 HOH A O   1 
HETATM 819 O O   . HOH B 2 .   ? 3.540   21.633  2.676   1.00 35.99 ? 2036 HOH A O   1 
HETATM 820 O O   . HOH B 2 .   ? 1.178   20.031  5.422   1.00 42.48 ? 2037 HOH A O   1 
HETATM 821 O O   . HOH B 2 .   ? 2.706   6.254   13.919  1.00 36.86 ? 2038 HOH A O   1 
HETATM 822 O O   . HOH B 2 .   ? -6.123  -1.327  13.736  1.00 26.03 ? 2039 HOH A O   1 
HETATM 823 O O   . HOH B 2 .   ? -10.494 8.111   10.498  1.00 41.55 ? 2040 HOH A O   1 
HETATM 824 O O   . HOH B 2 .   ? -9.119  0.221   14.240  1.00 27.97 ? 2041 HOH A O   1 
HETATM 825 O O   . HOH B 2 .   ? -12.240 5.430   6.955   1.00 26.99 ? 2042 HOH A O   1 
HETATM 826 O O   . HOH B 2 .   ? 7.897   -16.298 -4.119  1.00 37.30 ? 2043 HOH A O   1 
HETATM 827 O O   . HOH B 2 .   ? -12.225 -0.951  7.714   1.00 24.12 ? 2044 HOH A O   1 
HETATM 828 O O   . HOH B 2 .   ? -10.705 -4.604  9.537   1.00 19.30 ? 2045 HOH A O   1 
HETATM 829 O O   . HOH B 2 .   ? -12.382 -0.761  1.614   1.00 27.42 ? 2046 HOH A O   1 
HETATM 830 O O   . HOH B 2 .   ? -13.363 -0.500  5.164   1.00 23.87 ? 2047 HOH A O   1 
HETATM 831 O O   . HOH B 2 .   ? -5.107  -4.958  -3.253  1.00 15.45 ? 2048 HOH A O   1 
HETATM 832 O O   . HOH B 2 .   ? -12.433 -5.603  -1.037  1.00 17.79 ? 2049 HOH A O   1 
HETATM 833 O O   . HOH B 2 .   ? -10.619 -11.628 -3.748  1.00 25.52 ? 2050 HOH A O   1 
HETATM 834 O O   . HOH B 2 .   ? -7.076  -5.589  -5.019  1.00 19.62 ? 2051 HOH A O   1 
HETATM 835 O O   . HOH B 2 .   ? -6.287  -2.891  -11.992 1.00 32.70 ? 2052 HOH A O   1 
HETATM 836 O O   . HOH B 2 .   ? -9.596  -8.955  -11.334 1.00 45.91 ? 2053 HOH A O   1 
HETATM 837 O O   . HOH B 2 .   ? -9.733  -2.139  -6.665  1.00 41.09 ? 2054 HOH A O   1 
HETATM 838 O O   . HOH B 2 .   ? -9.970  0.588   -5.927  1.00 22.98 ? 2055 HOH A O   1 
HETATM 839 O O   . HOH B 2 .   ? -9.650  6.381   -8.311  1.00 38.29 ? 2056 HOH A O   1 
HETATM 840 O O   . HOH B 2 .   ? 0.335   15.350  8.229   1.00 29.68 ? 2057 HOH A O   1 
HETATM 841 O O   . HOH B 2 .   ? 0.137   11.500  10.547  1.00 25.95 ? 2058 HOH A O   1 
HETATM 842 O O   . HOH B 2 .   ? -2.424  9.282   9.536   1.00 20.30 ? 2059 HOH A O   1 
HETATM 843 O O   . HOH B 2 .   ? -6.630  10.499  4.555   1.00 21.96 ? 2060 HOH A O   1 
HETATM 844 O O   . HOH B 2 .   ? -4.424  10.628  8.455   1.00 33.54 ? 2061 HOH A O   1 
HETATM 845 O O   . HOH B 2 .   ? 0.291   3.726   10.954  1.00 25.41 ? 2062 HOH A O   1 
HETATM 846 O O   . HOH B 2 .   ? -0.099  -8.900  9.878   1.00 30.67 ? 2063 HOH A O   1 
HETATM 847 O O   . HOH B 2 .   ? -3.549  -14.180 9.581   1.00 34.02 ? 2064 HOH A O   1 
HETATM 848 O O   . HOH B 2 .   ? -3.219  -10.959 11.389  1.00 31.98 ? 2065 HOH A O   1 
HETATM 849 O O   . HOH B 2 .   ? -2.223  -15.684 6.735   1.00 26.33 ? 2066 HOH A O   1 
HETATM 850 O O   . HOH B 2 .   ? -2.720  -19.243 -3.172  1.00 41.63 ? 2067 HOH A O   1 
HETATM 851 O O   . HOH B 2 .   ? -5.005  -23.964 -2.088  1.00 40.22 ? 2068 HOH A O   1 
HETATM 852 O O   . HOH B 2 .   ? -4.097  -19.546 3.826   1.00 38.98 ? 2069 HOH A O   1 
HETATM 853 O O   . HOH B 2 .   ? -1.084  -21.874 3.772   1.00 59.86 ? 2070 HOH A O   1 
HETATM 854 O O   . HOH B 2 .   ? 0.096   -17.179 6.301   1.00 39.46 ? 2071 HOH A O   1 
HETATM 855 O O   . HOH B 2 .   ? -0.161  -17.704 -6.235  1.00 41.72 ? 2072 HOH A O   1 
HETATM 856 O O   . HOH B 2 .   ? -1.644  -18.479 4.319   1.00 39.26 ? 2073 HOH A O   1 
HETATM 857 O O   . HOH B 2 .   ? 3.665   -12.623 1.762   1.00 34.15 ? 2074 HOH A O   1 
HETATM 858 O O   . HOH B 2 .   ? 5.511   -13.335 8.310   1.00 47.88 ? 2075 HOH A O   1 
HETATM 859 O O   . HOH B 2 .   ? 1.618   -6.657  7.040   1.00 20.01 ? 2076 HOH A O   1 
HETATM 860 O O   . HOH B 2 .   ? 3.965   -8.983  9.021   1.00 47.43 ? 2077 HOH A O   1 
HETATM 861 O O   . HOH B 2 .   ? 7.940   -4.334  3.885   1.00 41.64 ? 2078 HOH A O   1 
HETATM 862 O O   . HOH B 2 .   ? 7.710   -8.819  3.699   1.00 29.24 ? 2079 HOH A O   1 
HETATM 863 O O   . HOH B 2 .   ? 6.166   -5.796  2.840   1.00 23.89 ? 2080 HOH A O   1 
HETATM 864 O O   . HOH B 2 .   ? 7.062   -0.909  8.344   1.00 37.78 ? 2081 HOH A O   1 
HETATM 865 O O   . HOH B 2 .   ? 5.074   -6.074  9.831   1.00 29.37 ? 2082 HOH A O   1 
HETATM 866 O O   . HOH B 2 .   ? 8.344   -2.320  5.078   1.00 42.73 ? 2083 HOH A O   1 
HETATM 867 O O   . HOH B 2 .   ? 4.957   2.527   11.137  1.00 49.03 ? 2084 HOH A O   1 
HETATM 868 O O   . HOH B 2 .   ? 7.757   0.143   5.917   1.00 25.57 ? 2085 HOH A O   1 
HETATM 869 O O   . HOH B 2 .   ? 8.504   4.230   5.165   1.00 17.87 ? 2086 HOH A O   1 
HETATM 870 O O   . HOH B 2 .   ? 7.321   17.629  -1.455  1.00 21.67 ? 2087 HOH A O   1 
HETATM 871 O O   . HOH B 2 .   ? -0.814  18.363  -3.649  1.00 35.80 ? 2088 HOH A O   1 
HETATM 872 O O   . HOH B 2 .   ? -4.347  22.631  0.973   1.00 46.71 ? 2089 HOH A O   1 
HETATM 873 O O   . HOH B 2 .   ? 2.492   18.194  4.345   1.00 21.84 ? 2090 HOH A O   1 
HETATM 874 O O   . HOH B 2 .   ? 4.295   19.305  1.600   1.00 25.63 ? 2091 HOH A O   1 
HETATM 875 O O   . HOH B 2 .   ? 1.658   12.176  -6.017  1.00 25.19 ? 2092 HOH A O   1 
HETATM 876 O O   . HOH B 2 .   ? 5.946   12.059  1.797   1.00 16.08 ? 2093 HOH A O   1 
HETATM 877 O O   . HOH B 2 .   ? 8.307   6.932   4.734   1.00 15.65 ? 2094 HOH A O   1 
HETATM 878 O O   . HOH B 2 .   ? 10.806  2.076   -1.240  1.00 32.05 ? 2095 HOH A O   1 
HETATM 879 O O   . HOH B 2 .   ? 13.766  9.670   -2.739  1.00 33.63 ? 2096 HOH A O   1 
HETATM 880 O O   . HOH B 2 .   ? 9.087   11.665  -8.708  1.00 48.05 ? 2097 HOH A O   1 
HETATM 881 O O   . HOH B 2 .   ? 4.321   9.419   -7.443  1.00 92.54 ? 2098 HOH A O   1 
HETATM 882 O O   . HOH B 2 .   ? -1.082  11.671  -9.246  1.00 45.24 ? 2099 HOH A O   1 
HETATM 883 O O   . HOH B 2 .   ? -1.509  7.131   -8.098  1.00 32.30 ? 2100 HOH A O   1 
HETATM 884 O O   . HOH B 2 .   ? 0.965   -13.173 1.763   1.00 35.75 ? 2101 HOH A O   1 
HETATM 885 O O   . HOH B 2 .   ? 5.864   -14.594 -4.882  1.00 20.00 ? 2102 HOH A O   1 
HETATM 886 O O   . HOH B 2 .   ? 6.186   -11.936 1.888   1.00 37.35 ? 2103 HOH A O   1 
# 
loop_
_atom_site_anisotrop.id 
_atom_site_anisotrop.type_symbol 
_atom_site_anisotrop.pdbx_label_atom_id 
_atom_site_anisotrop.pdbx_label_alt_id 
_atom_site_anisotrop.pdbx_label_comp_id 
_atom_site_anisotrop.pdbx_label_asym_id 
_atom_site_anisotrop.pdbx_label_seq_id 
_atom_site_anisotrop.pdbx_PDB_ins_code 
_atom_site_anisotrop.U[1][1] 
_atom_site_anisotrop.U[2][2] 
_atom_site_anisotrop.U[3][3] 
_atom_site_anisotrop.U[1][2] 
_atom_site_anisotrop.U[1][3] 
_atom_site_anisotrop.U[2][3] 
_atom_site_anisotrop.pdbx_auth_seq_id 
_atom_site_anisotrop.pdbx_auth_comp_id 
_atom_site_anisotrop.pdbx_auth_asym_id 
_atom_site_anisotrop.pdbx_auth_atom_id 
1   N N   . GLY A 1   ? 0.3563 0.3689 0.2155 -0.0097 -0.0085 0.0879  -2   GLY A N   
2   C CA  . GLY A 1   ? 0.2775 0.3752 0.1989 0.0380  0.0324  0.0743  -2   GLY A CA  
3   C C   . GLY A 1   ? 0.2645 0.3535 0.1874 0.0114  0.0039  0.0526  -2   GLY A C   
4   O O   . GLY A 1   ? 0.2699 0.3196 0.1881 0.0164  -0.0094 0.0060  -2   GLY A O   
5   N N   . ALA A 2   ? 0.2207 0.3767 0.2239 -0.0116 0.0362  0.0847  -1   ALA A N   
6   C CA  . ALA A 2   ? 0.2293 0.3668 0.2077 -0.0176 0.0181  0.0677  -1   ALA A CA  
7   C C   . ALA A 2   ? 0.2283 0.4111 0.2562 -0.0209 0.0213  0.1108  -1   ALA A C   
8   O O   . ALA A 2   ? 0.2207 0.3817 0.2344 0.0047  0.0550  0.0734  -1   ALA A O   
9   C CB  . ALA A 2   ? 0.2825 0.4219 0.2091 -0.0285 -0.0030 0.0618  -1   ALA A CB  
10  N N   . MET A 3   ? 0.2640 0.4586 0.2774 -0.0414 -0.0092 0.1410  0    MET A N   
11  C CA  . MET A 3   ? 0.2718 0.5088 0.3007 -0.0257 0.0249  0.1746  0    MET A CA  
12  C C   . MET A 3   ? 0.2848 0.4813 0.3119 -0.0370 0.0039  0.1578  0    MET A C   
13  O O   . MET A 3   ? 0.2731 0.3572 0.2564 -0.0248 -0.0082 0.1015  0    MET A O   
14  C CB  . MET A 3   ? 0.3774 0.5881 0.3065 -0.0055 0.0534  0.1788  0    MET A CB  
15  C CG  . MET A 3   ? 0.4876 0.5893 0.3113 -0.0200 0.0124  0.1186  0    MET A CG  
16  S SD  . MET A 3   ? 0.8490 0.8282 0.3383 -0.0251 0.0477  0.2068  0    MET A SD  
17  C CE  . MET A 3   ? 0.7562 0.8714 0.3875 0.0658  0.0275  0.2938  0    MET A CE  
18  N N   . VAL A 4   ? 0.3097 0.5039 0.3391 -0.0683 -0.0085 0.1782  1    VAL A N   
19  C CA  . VAL A 4   ? 0.3196 0.4946 0.3083 -0.0570 -0.0002 0.1632  1    VAL A CA  
20  C C   . VAL A 4   ? 0.3767 0.6094 0.3413 -0.0186 0.0452  0.2173  1    VAL A C   
21  O O   . VAL A 4   ? 0.3969 0.6522 0.3771 -0.0477 0.0610  0.2362  1    VAL A O   
22  C CB  . VAL A 4   ? 0.3261 0.4992 0.3104 -0.0703 -0.0276 0.1685  1    VAL A CB  
23  C CG1 . VAL A 4   ? 0.3372 0.4408 0.3286 -0.0730 -0.0111 0.1684  1    VAL A CG1 
24  C CG2 . VAL A 4   ? 0.3402 0.4601 0.2964 -0.0610 -0.0009 0.1490  1    VAL A CG2 
25  N N   . ASP A 5   ? 0.4411 0.6879 0.3348 -0.0619 -0.0083 0.2334  2    ASP A N   
26  C CA  . ASP A 5   ? 0.5411 0.6848 0.3704 -0.0208 0.0387  0.2557  2    ASP A CA  
27  C C   . ASP A 5   ? 0.5695 0.6860 0.3805 -0.0264 -0.0121 0.2531  2    ASP A C   
28  O O   . ASP A 5   ? 0.4245 0.5493 0.3529 -0.0588 -0.0702 0.2263  2    ASP A O   
29  C CB  . ASP A 5   ? 0.6945 0.7367 0.3641 0.0213  0.0554  0.2518  2    ASP A CB  
30  C CG  . ASP A 5   ? 0.7878 0.7495 0.3728 -0.0161 -0.0437 0.2364  2    ASP A CG  
31  O OD1 . ASP A 5   ? 0.8235 0.7968 0.4869 0.0075  -0.0848 0.2579  2    ASP A OD1 
32  O OD2 . ASP A 5   ? 0.9103 0.7489 0.5724 -0.0423 -0.1011 0.2805  2    ASP A OD2 
33  N N   . THR A 6   ? 0.7225 0.7787 0.3965 -0.0038 -0.0018 0.2963  3    THR A N   
34  C CA  . THR A 6   ? 0.7431 0.7836 0.4392 -0.0207 -0.0521 0.3168  3    THR A CA  
35  C C   . THR A 6   ? 0.9055 0.9209 0.4598 -0.0468 -0.1232 0.3169  3    THR A C   
36  O O   . THR A 6   ? 1.1072 0.9603 0.4603 0.0030  -0.0937 0.2995  3    THR A O   
37  C CB  . THR A 6   ? 0.7836 0.7857 0.4476 -0.0038 -0.0011 0.3196  3    THR A CB  
38  O OG1 . THR A 6   ? 0.9237 0.8938 0.4763 0.0114  0.0431  0.3890  3    THR A OG1 
39  C CG2 . THR A 6   ? 0.6676 0.7863 0.4769 -0.0368 0.0050  0.3167  3    THR A CG2 
40  N N   . LEU A 7   ? 0.8957 0.9860 0.5246 -0.0884 -0.1901 0.3339  4    LEU A N   
41  C CA  . LEU A 7   ? 1.0574 0.9218 0.5840 -0.0627 -0.2930 0.3547  4    LEU A CA  
42  C C   . LEU A 7   ? 1.0483 0.9612 0.7052 -0.0698 -0.3399 0.4080  4    LEU A C   
43  O O   . LEU A 7   ? 0.9831 1.0444 0.7881 -0.0888 -0.3323 0.4505  4    LEU A O   
44  C CB  . LEU A 7   ? 1.0972 0.9258 0.6106 -0.0930 -0.3627 0.3624  4    LEU A CB  
45  C CG  . LEU A 7   ? 1.2962 1.0021 0.7102 -0.1436 -0.5054 0.3884  4    LEU A CG  
46  C CD1 . LEU A 7   ? 1.5887 1.0931 0.6898 -0.0671 -0.5357 0.4138  4    LEU A CD1 
47  C CD2 . LEU A 7   ? 1.3608 1.0012 0.7542 -0.1738 -0.5724 0.3898  4    LEU A CD2 
48  N N   . ASP A 25  ? 0.3942 0.4963 0.4851 -0.0442 0.0436  -0.0892 22   ASP A N   
49  C CA  . ASP A 25  ? 0.4619 0.4068 0.4398 0.0275  0.0411  -0.0333 22   ASP A CA  
50  C C   . ASP A 25  ? 0.3573 0.4015 0.4379 -0.0406 0.0286  -0.0123 22   ASP A C   
51  O O   . ASP A 25  ? 0.3349 0.4823 0.3710 0.0093  -0.0148 -0.0082 22   ASP A O   
52  C CB  . ASP A 25  ? 0.5487 0.5363 0.4512 0.0366  0.0320  0.0049  22   ASP A CB  
53  C CG  . ASP A 25  ? 0.5689 0.5329 0.5708 0.0160  -0.0043 -0.0156 22   ASP A CG  
54  O OD1 . ASP A 25  ? 0.8136 0.5492 0.9043 -0.0102 0.0437  -0.0006 22   ASP A OD1 
55  O OD2 . ASP A 25  ? 0.7254 0.7537 0.5807 0.0882  -0.0594 0.0304  22   ASP A OD2 
56  N N   . SER A 26  ? 0.3374 0.2878 0.3747 0.0221  -0.0244 0.0143  23   SER A N   
57  C CA  . SER A 26  ? 0.3246 0.2907 0.3534 -0.0014 -0.0215 0.0241  23   SER A CA  
58  C C   . SER A 26  ? 0.3241 0.2897 0.2967 0.0013  -0.0318 0.0134  23   SER A C   
59  O O   . SER A 26  ? 0.2918 0.3148 0.3127 0.0197  -0.0173 0.0199  23   SER A O   
60  C CB  . SER A 26  ? 0.3262 0.3519 0.3845 -0.0256 -0.0112 0.0120  23   SER A CB  
61  O OG  . SER A 26  ? 0.3780 0.3610 0.4892 -0.0409 -0.0385 0.0395  23   SER A OG  
62  N N   . ALA A 27  ? 0.2516 0.2531 0.3149 0.0209  -0.0088 0.0270  24   ALA A N   
63  C CA  . ALA A 27  ? 0.2272 0.2587 0.2742 0.0362  -0.0215 -0.0053 24   ALA A CA  
64  C C   . ALA A 27  ? 0.2415 0.2268 0.2465 0.0215  -0.0154 0.0220  24   ALA A C   
65  O O   . ALA A 27  ? 0.2610 0.2795 0.2976 0.0502  -0.0145 0.0756  24   ALA A O   
66  C CB  . ALA A 27  ? 0.2441 0.3032 0.3013 -0.0132 0.0242  -0.0202 24   ALA A CB  
67  N N   . THR A 28  ? 0.2388 0.2557 0.2726 -0.0340 -0.0579 0.0526  25   THR A N   
68  C CA  . THR A 28  ? 0.2368 0.2382 0.2680 -0.0406 -0.0613 0.0600  25   THR A CA  
69  C C   . THR A 28  ? 0.2219 0.2516 0.2525 -0.0435 -0.0529 0.0477  25   THR A C   
70  O O   . THR A 28  ? 0.2276 0.2178 0.2446 -0.0184 -0.0608 0.0449  25   THR A O   
71  C CB  . THR A 28  ? 0.2270 0.2356 0.2627 -0.0408 -0.0517 0.0360  25   THR A CB  
72  O OG1 . THR A 28  ? 0.2190 0.2317 0.2999 -0.0273 -0.0463 0.0123  25   THR A OG1 
73  C CG2 . THR A 28  ? 0.2693 0.2425 0.2847 -0.0236 -0.0340 0.0275  25   THR A CG2 
74  N N   . HIS A 29  ? 0.2494 0.2457 0.2522 -0.0271 -0.0740 0.0588  26   HIS A N   
75  C CA  . HIS A 29  ? 0.2494 0.2647 0.2478 -0.0498 -0.0638 0.0443  26   HIS A CA  
76  C C   . HIS A 29  ? 0.2562 0.2633 0.2364 -0.0443 -0.0478 0.0269  26   HIS A C   
77  O O   . HIS A 29  ? 0.2730 0.2955 0.2855 -0.0692 -0.0273 0.0126  26   HIS A O   
78  C CB  . HIS A 29  ? 0.2821 0.2825 0.2531 -0.0549 -0.0697 0.0588  26   HIS A CB  
79  C CG  . HIS A 29  ? 0.3121 0.3026 0.2497 -0.0533 -0.0992 0.0427  26   HIS A CG  
80  N ND1 . HIS A 29  ? 0.4308 0.3591 0.2445 -0.0633 -0.0907 0.0407  26   HIS A ND1 
81  C CD2 . HIS A 29  ? 0.3100 0.2983 0.2586 -0.0448 -0.1035 0.0447  26   HIS A CD2 
82  C CE1 . HIS A 29  ? 0.4614 0.3868 0.2650 -0.0851 -0.1240 0.0156  26   HIS A CE1 
83  N NE2 . HIS A 29  ? 0.3251 0.3163 0.2822 -0.0484 -0.0964 0.0191  26   HIS A NE2 
84  N N   . ILE A 30  ? 0.2338 0.2509 0.2477 -0.0446 -0.0582 0.0188  27   ILE A N   
85  C CA  . ILE A 30  ? 0.2607 0.2587 0.2497 -0.0295 -0.0290 0.0240  27   ILE A CA  
86  C C   . ILE A 30  ? 0.2608 0.2667 0.2552 -0.0315 -0.0287 0.0052  27   ILE A C   
87  O O   . ILE A 30  ? 0.2552 0.2619 0.3212 -0.0234 -0.0230 -0.0314 27   ILE A O   
88  C CB  . ILE A 30  ? 0.2573 0.2910 0.2594 -0.0113 -0.0619 0.0139  27   ILE A CB  
89  C CG1 . ILE A 30  ? 0.2867 0.2906 0.3314 -0.0384 -0.0439 0.0119  27   ILE A CG1 
90  C CG2 . ILE A 30  ? 0.2824 0.2860 0.3269 -0.0014 -0.0709 -0.0142 27   ILE A CG2 
91  C CD1 . ILE A 30  ? 0.3467 0.3954 0.3479 -0.0672 -0.0126 0.0158  27   ILE A CD1 
92  N N   . LYS A 31  ? 0.2551 0.2517 0.2156 -0.0420 -0.0228 0.0335  28   LYS A N   
93  C CA  . LYS A 31  ? 0.2530 0.2498 0.2261 -0.0319 -0.0250 0.0287  28   LYS A CA  
94  C C   . LYS A 31  ? 0.2255 0.2462 0.2166 -0.0308 -0.0096 0.0219  28   LYS A C   
95  O O   . LYS A 31  ? 0.2211 0.2474 0.2542 -0.0253 -0.0089 0.0186  28   LYS A O   
96  C CB  . LYS A 31  ? 0.2931 0.2788 0.2261 -0.0455 -0.0210 0.0189  28   LYS A CB  
97  C CG  . LYS A 31  ? 0.3396 0.3325 0.2698 -0.0258 -0.0566 0.0341  28   LYS A CG  
98  C CD  . LYS A 31  ? 0.4589 0.4181 0.2672 -0.0372 -0.0406 0.0218  28   LYS A CD  
99  C CE  . LYS A 31  ? 0.5057 0.4477 0.3348 -0.0232 -0.0776 0.0519  28   LYS A CE  
100 N NZ  . LYS A 31  ? 0.5035 0.4850 0.3588 -0.0392 -0.0865 0.0522  28   LYS A NZ  
101 N N   . PHE A 32  ? 0.2149 0.2208 0.1870 -0.0194 -0.0223 -0.0044 29   PHE A N   
102 C CA  . PHE A 32  ? 0.2105 0.2182 0.1707 -0.0282 -0.0176 -0.0016 29   PHE A CA  
103 C C   . PHE A 32  ? 0.2076 0.2286 0.1858 -0.0231 -0.0200 -0.0173 29   PHE A C   
104 O O   . PHE A 32  ? 0.1892 0.2362 0.1828 -0.0144 0.0015  -0.0337 29   PHE A O   
105 C CB  . PHE A 32  ? 0.1800 0.1979 0.1794 -0.0163 -0.0169 -0.0037 29   PHE A CB  
106 C CG  . PHE A 32  ? 0.1603 0.1999 0.1453 -0.0090 0.0159  -0.0095 29   PHE A CG  
107 C CD1 . PHE A 32  ? 0.1985 0.1803 0.1379 -0.0121 -0.0172 -0.0012 29   PHE A CD1 
108 C CD2 . PHE A 32  ? 0.1683 0.1946 0.1598 -0.0060 0.0221  -0.0085 29   PHE A CD2 
109 C CE1 . PHE A 32  ? 0.1850 0.1776 0.1790 0.0101  0.0105  0.0023  29   PHE A CE1 
110 C CE2 . PHE A 32  ? 0.1846 0.2085 0.1717 -0.0106 0.0296  0.0162  29   PHE A CE2 
111 C CZ  . PHE A 32  ? 0.1770 0.1996 0.1699 -0.0050 0.0414  0.0135  29   PHE A CZ  
112 N N   . SER A 33  ? 0.2055 0.2284 0.1882 -0.0221 -0.0138 -0.0173 30   SER A N   
113 C CA  . SER A 33  ? 0.2150 0.2301 0.1808 -0.0291 -0.0035 -0.0169 30   SER A CA  
114 C C   . SER A 33  ? 0.2042 0.2164 0.1719 -0.0179 0.0094  -0.0324 30   SER A C   
115 O O   . SER A 33  ? 0.1793 0.2029 0.2100 0.0140  0.0018  -0.0210 30   SER A O   
116 C CB  . SER A 33  ? 0.2580 0.2536 0.1763 -0.0186 0.0080  -0.0154 30   SER A CB  
117 O OG  . SER A 33  ? 0.3123 0.3187 0.1806 -0.0154 -0.0179 -0.0009 30   SER A OG  
118 N N   . LYS A 34  ? 0.1821 0.2256 0.2030 -0.0135 0.0342  -0.0125 31   LYS A N   
119 C CA  . LYS A 34  ? 0.2033 0.2148 0.1734 -0.0144 0.0212  -0.0323 31   LYS A CA  
120 C C   . LYS A 34  ? 0.2078 0.2346 0.1823 -0.0064 0.0305  -0.0356 31   LYS A C   
121 O O   . LYS A 34  ? 0.1976 0.2340 0.1913 -0.0046 0.0457  -0.0570 31   LYS A O   
122 C CB  . LYS A 34  ? 0.1991 0.2272 0.1977 -0.0159 0.0347  -0.0343 31   LYS A CB  
123 C CG  . LYS A 34  ? 0.2440 0.2256 0.2255 -0.0107 0.0501  -0.0170 31   LYS A CG  
124 C CD  . LYS A 34  ? 0.2998 0.2939 0.2347 0.0073  0.0299  -0.0332 31   LYS A CD  
125 C CE  . LYS A 34  ? 0.3034 0.2616 0.2834 -0.0125 0.0050  -0.0775 31   LYS A CE  
126 N NZ  . LYS A 34  ? 0.2479 0.2666 0.3294 -0.0023 -0.0206 -0.0819 31   LYS A NZ  
127 N N   . ARG A 35  ? 0.2077 0.2332 0.1648 -0.0017 0.0248  -0.0223 32   ARG A N   
128 C CA  . ARG A 35  ? 0.2218 0.2439 0.1646 -0.0151 0.0360  -0.0298 32   ARG A CA  
129 C C   . ARG A 35  ? 0.1965 0.2453 0.2012 -0.0162 0.0545  -0.0225 32   ARG A C   
130 O O   . ARG A 35  ? 0.2268 0.1772 0.2090 0.0065  0.0396  -0.0257 32   ARG A O   
131 C CB  . ARG A 35  ? 0.2396 0.2483 0.1978 -0.0227 0.0478  -0.0280 32   ARG A CB  
132 C CG  . ARG A 35  ? 0.2753 0.2766 0.2102 -0.0130 0.0317  -0.0123 32   ARG A CG  
133 C CD  . ARG A 35  ? 0.3294 0.2987 0.2328 -0.0351 0.0569  -0.0114 32   ARG A CD  
134 N NE  . ARG A 35  ? 0.3749 0.3266 0.2553 -0.0135 0.0266  -0.0125 32   ARG A NE  
135 C CZ  . ARG A 35  ? 0.4171 0.3862 0.3001 -0.0190 0.0759  0.0337  32   ARG A CZ  
136 N NH1 . ARG A 35  ? 0.4340 0.4217 0.3774 -0.0519 0.0714  0.0541  32   ARG A NH1 
137 N NH2 . ARG A 35  ? 0.4692 0.3999 0.3097 0.0020  0.0484  0.0304  32   ARG A NH2 
138 N N   . ASP A 36  ? 0.1906 0.1897 0.1712 0.0085  0.0114  -0.0242 33   ASP A N   
139 C CA  . ASP A 36  ? 0.1845 0.1967 0.1745 0.0153  0.0235  -0.0253 33   ASP A CA  
140 C C   . ASP A 36  ? 0.1878 0.2161 0.1912 -0.0052 0.0101  -0.0079 33   ASP A C   
141 O O   . ASP A 36  ? 0.1955 0.2137 0.1881 -0.0003 0.0359  -0.0140 33   ASP A O   
142 C CB  . ASP A 36  ? 0.2025 0.1974 0.2044 0.0098  0.0252  -0.0239 33   ASP A CB  
143 C CG  . ASP A 36  ? 0.2209 0.1973 0.2126 -0.0056 0.0045  -0.0417 33   ASP A CG  
144 O OD1 . ASP A 36  ? 0.2428 0.1938 0.1971 0.0311  0.0365  -0.0463 33   ASP A OD1 
145 O OD2 . ASP A 36  ? 0.2686 0.2183 0.2762 -0.0253 0.0280  -0.1009 33   ASP A OD2 
146 N N   . ILE A 37  ? 0.2031 0.2152 0.1933 0.0066  0.0126  -0.0285 34   ILE A N   
147 C CA  . ILE A 37  ? 0.2012 0.2429 0.2131 0.0056  0.0194  -0.0193 34   ILE A CA  
148 C C   . ILE A 37  ? 0.2114 0.2371 0.2099 -0.0104 0.0188  -0.0287 34   ILE A C   
149 O O   . ILE A 37  ? 0.1756 0.2752 0.2115 -0.0035 0.0233  -0.0424 34   ILE A O   
150 C CB  . ILE A 37  ? 0.2466 0.2548 0.2478 0.0159  -0.0002 0.0152  34   ILE A CB  
151 C CG1 . ILE A 37  ? 0.2744 0.2597 0.2700 0.0221  0.0093  -0.0103 34   ILE A CG1 
152 C CG2 . ILE A 37  ? 0.2569 0.2932 0.2479 0.0564  0.0186  -0.0281 34   ILE A CG2 
153 C CD1 . ILE A 37  ? 0.2805 0.3054 0.3487 0.0465  -0.0096 -0.0205 34   ILE A CD1 
154 N N   . ASP A 38  ? 0.1863 0.2292 0.2140 0.0130  0.0199  -0.0281 35   ASP A N   
155 C CA  . ASP A 38  ? 0.1992 0.2404 0.2116 0.0104  0.0102  -0.0283 35   ASP A CA  
156 C C   . ASP A 38  ? 0.2161 0.2391 0.2062 0.0114  0.0183  -0.0224 35   ASP A C   
157 O O   . ASP A 38  ? 0.1814 0.2898 0.1972 0.0266  0.0403  -0.0267 35   ASP A O   
158 C CB  . ASP A 38  ? 0.2035 0.2276 0.2174 0.0062  0.0041  -0.0144 35   ASP A CB  
159 C CG  . ASP A 38  ? 0.2179 0.2284 0.2427 0.0139  0.0187  -0.0107 35   ASP A CG  
160 O OD1 . ASP A 38  ? 0.2040 0.2174 0.2208 -0.0028 -0.0001 -0.0076 35   ASP A OD1 
161 O OD2 . ASP A 38  ? 0.2389 0.2885 0.2626 0.0108  0.0647  0.0226  35   ASP A OD2 
162 N N   . GLY A 39  ? 0.1901 0.2162 0.1870 -0.0082 0.0184  -0.0186 36   GLY A N   
163 C CA  . GLY A 39  ? 0.2094 0.2349 0.1964 0.0033  0.0127  -0.0122 36   GLY A CA  
164 C C   . GLY A 39  ? 0.2169 0.2559 0.2330 0.0065  -0.0079 -0.0147 36   GLY A C   
165 O O   . GLY A 39  ? 0.2438 0.2747 0.2700 0.0196  -0.0181 -0.0001 36   GLY A O   
166 N N   . LYS A 40  ? 0.1979 0.2528 0.1573 0.0131  0.0109  -0.0326 37   LYS A N   
167 C CA  . LYS A 40  ? 0.1924 0.2788 0.2200 0.0018  0.0286  -0.0020 37   LYS A CA  
168 C C   . LYS A 40  ? 0.2034 0.2870 0.2215 0.0114  0.0131  -0.0218 37   LYS A C   
169 O O   . LYS A 40  ? 0.2134 0.2545 0.2106 0.0288  0.0307  -0.0284 37   LYS A O   
170 C CB  . LYS A 40  ? 0.2345 0.2834 0.2804 -0.0062 -0.0159 -0.0174 37   LYS A CB  
171 C CG  . LYS A 40  ? 0.3106 0.3447 0.3125 0.0040  0.0162  -0.0287 37   LYS A CG  
172 C CD  . LYS A 40  ? 0.3956 0.3413 0.3692 0.0046  -0.0268 -0.0440 37   LYS A CD  
173 C CE  . LYS A 40  ? 0.4073 0.4096 0.4158 0.0168  0.0244  -0.0410 37   LYS A CE  
174 N NZ  . LYS A 40  ? 0.4083 0.5187 0.5119 0.0264  -0.0310 -0.0624 37   LYS A NZ  
175 N N   . GLU A 41  ? 0.2016 0.3007 0.2280 0.0162  0.0102  -0.0323 38   GLU A N   
176 C CA  . GLU A 41  ? 0.2158 0.2909 0.2269 0.0156  0.0160  -0.0277 38   GLU A CA  
177 C C   . GLU A 41  ? 0.2243 0.2609 0.2551 0.0082  0.0153  -0.0457 38   GLU A C   
178 O O   . GLU A 41  ? 0.3250 0.3483 0.3208 -0.0844 0.0235  -0.0811 38   GLU A O   
179 C CB  . GLU A 41  ? 0.2384 0.3014 0.2640 0.0236  -0.0058 -0.0098 38   GLU A CB  
180 C CG  . GLU A 41  ? 0.2887 0.3249 0.3135 0.0241  0.0111  0.0209  38   GLU A CG  
181 C CD  . GLU A 41  ? 0.3401 0.3472 0.3626 -0.0018 -0.0252 0.0177  38   GLU A CD  
182 O OE1 . GLU A 41  ? 0.3937 0.4749 0.4219 -0.0098 0.0100  -0.0660 38   GLU A OE1 
183 O OE2 . GLU A 41  ? 0.4428 0.5106 0.4583 -0.0942 -0.0042 0.0907  38   GLU A OE2 
184 N N   . LEU A 42  ? 0.1939 0.2394 0.2629 0.0130  0.0187  -0.0266 39   LEU A N   
185 C CA  . LEU A 42  ? 0.2064 0.2452 0.2455 0.0047  0.0243  -0.0381 39   LEU A CA  
186 C C   . LEU A 42  ? 0.1991 0.2268 0.2634 -0.0064 0.0233  -0.0378 39   LEU A C   
187 O O   . LEU A 42  ? 0.2075 0.2360 0.2522 -0.0074 0.0336  -0.0399 39   LEU A O   
188 C CB  . LEU A 42  ? 0.2300 0.2479 0.2587 -0.0035 0.0026  -0.0331 39   LEU A CB  
189 C CG  . LEU A 42  ? 0.2521 0.2503 0.2443 -0.0044 0.0116  -0.0400 39   LEU A CG  
190 C CD1 . LEU A 42  ? 0.2902 0.2465 0.3116 0.0132  0.0057  -0.0556 39   LEU A CD1 
191 C CD2 . LEU A 42  ? 0.2523 0.2617 0.3252 0.0590  -0.0247 -0.0624 39   LEU A CD2 
192 N N   . ALA A 43  ? 0.2014 0.2203 0.2607 -0.0014 0.0302  -0.0466 40   ALA A N   
193 C CA  . ALA A 43  ? 0.1852 0.2213 0.2195 0.0133  0.0065  -0.0392 40   ALA A CA  
194 C C   . ALA A 43  ? 0.1899 0.2085 0.2302 0.0063  0.0126  -0.0327 40   ALA A C   
195 O O   . ALA A 43  ? 0.2129 0.2326 0.2704 0.0307  0.0210  -0.0260 40   ALA A O   
196 C CB  . ALA A 43  ? 0.1829 0.2418 0.2373 0.0120  0.0098  -0.0681 40   ALA A CB  
197 N N   . GLY A 44  ? 0.2003 0.2085 0.2446 -0.0413 0.0235  -0.0704 41   GLY A N   
198 C CA  . GLY A 44  ? 0.2080 0.2183 0.2524 -0.0304 0.0276  -0.0653 41   GLY A CA  
199 C C   . GLY A 44  ? 0.1905 0.1900 0.2399 -0.0150 0.0305  -0.0513 41   GLY A C   
200 O O   . GLY A 44  ? 0.1903 0.1794 0.2637 -0.0056 0.0542  -0.0431 41   GLY A O   
201 N N   . ALA A 45  ? 0.1615 0.1891 0.2151 -0.0044 0.0434  -0.0532 42   ALA A N   
202 C CA  . ALA A 45  ? 0.1566 0.1739 0.2081 -0.0002 0.0304  -0.0354 42   ALA A CA  
203 C C   . ALA A 45  ? 0.1672 0.1631 0.1895 -0.0042 0.0262  -0.0305 42   ALA A C   
204 O O   . ALA A 45  ? 0.2212 0.1861 0.1858 0.0309  0.0240  -0.0287 42   ALA A O   
205 C CB  . ALA A 45  ? 0.1623 0.1640 0.2222 -0.0115 0.0264  -0.0518 42   ALA A CB  
206 N N   . THR A 46  ? 0.1730 0.1494 0.1868 -0.0157 0.0293  -0.0294 43   THR A N   
207 C CA  . THR A 46  ? 0.1631 0.1570 0.1802 -0.0106 0.0139  -0.0328 43   THR A CA  
208 C C   . THR A 46  ? 0.1647 0.1422 0.1757 0.0000  -0.0100 -0.0191 43   THR A C   
209 O O   . THR A 46  ? 0.1391 0.1334 0.2005 0.0077  0.0072  -0.0067 43   THR A O   
210 C CB  . THR A 46  ? 0.1829 0.1482 0.1744 -0.0094 0.0178  -0.0390 43   THR A CB  
211 O OG1 . THR A 46  ? 0.1984 0.1700 0.2263 -0.0300 0.0174  -0.0544 43   THR A OG1 
212 C CG2 . THR A 46  ? 0.1822 0.1384 0.2053 -0.0021 0.0295  -0.0275 43   THR A CG2 
213 N N   . MET A 47  ? 0.1467 0.1443 0.1751 0.0011  0.0071  -0.0091 44   MET A N   
214 C CA  . MET A 47  ? 0.1575 0.1455 0.1560 -0.0035 0.0075  -0.0138 44   MET A CA  
215 C C   . MET A 47  ? 0.1559 0.1367 0.1699 -0.0078 0.0103  -0.0122 44   MET A C   
216 O O   . MET A 47  ? 0.1595 0.1455 0.1664 0.0127  0.0141  -0.0030 44   MET A O   
217 C CB  . MET A 47  ? 0.1554 0.1326 0.1612 0.0025  0.0015  -0.0080 44   MET A CB  
218 C CG  . MET A 47  ? 0.1650 0.1714 0.1629 0.0077  0.0057  -0.0207 44   MET A CG  
219 S SD  . MET A 47  ? 0.1561 0.1857 0.2225 0.0207  0.0157  -0.0188 44   MET A SD  
220 C CE  . MET A 47  ? 0.1584 0.1861 0.2235 -0.0121 0.0120  0.0122  44   MET A CE  
221 N N   . GLU A 48  ? 0.1706 0.1397 0.1690 0.0017  0.0008  -0.0190 45   GLU A N   
222 C CA  . GLU A 48  ? 0.1713 0.1307 0.1671 -0.0028 0.0130  -0.0103 45   GLU A CA  
223 C C   . GLU A 48  ? 0.1616 0.1363 0.1841 -0.0044 0.0212  -0.0159 45   GLU A C   
224 O O   . GLU A 48  ? 0.1641 0.1504 0.2022 0.0052  0.0155  0.0026  45   GLU A O   
225 C CB  . GLU A 48  ? 0.1910 0.1416 0.1651 -0.0051 0.0120  -0.0184 45   GLU A CB  
226 C CG  . GLU A 48  ? 0.1943 0.1693 0.1848 -0.0171 0.0339  -0.0221 45   GLU A CG  
227 C CD  . GLU A 48  ? 0.2355 0.1696 0.1801 -0.0149 0.0231  -0.0153 45   GLU A CD  
228 O OE1 . GLU A 48  ? 0.2657 0.1995 0.2104 -0.0318 -0.0072 -0.0150 45   GLU A OE1 
229 O OE2 . GLU A 48  ? 0.2166 0.1857 0.2176 -0.0140 0.0398  -0.0181 45   GLU A OE2 
230 N N   . LEU A 49  ? 0.1587 0.1354 0.1807 -0.0050 0.0167  -0.0092 46   LEU A N   
231 C CA  . LEU A 49  ? 0.1571 0.1360 0.1669 -0.0052 0.0116  -0.0066 46   LEU A CA  
232 C C   . LEU A 49  ? 0.1684 0.1185 0.1662 -0.0028 0.0228  0.0032  46   LEU A C   
233 O O   . LEU A 49  ? 0.1761 0.1704 0.1711 0.0168  0.0294  -0.0100 46   LEU A O   
234 C CB  . LEU A 49  ? 0.1589 0.1347 0.1684 -0.0003 0.0028  -0.0125 46   LEU A CB  
235 C CG  . LEU A 49  ? 0.1830 0.1350 0.1578 -0.0069 -0.0060 -0.0013 46   LEU A CG  
236 C CD1 . LEU A 49  ? 0.1877 0.1729 0.1746 -0.0464 0.0137  0.0229  46   LEU A CD1 
237 C CD2 . LEU A 49  ? 0.2252 0.1659 0.1734 -0.0303 -0.0432 0.0184  46   LEU A CD2 
238 N N   . ARG A 50  ? 0.1822 0.1592 0.1802 0.0045  0.0079  -0.0231 47   ARG A N   
239 C CA  . ARG A 50  ? 0.2133 0.1838 0.1755 -0.0240 0.0266  -0.0241 47   ARG A CA  
240 C C   . ARG A 50  ? 0.2197 0.1746 0.1971 -0.0194 0.0170  -0.0130 47   ARG A C   
241 O O   . ARG A 50  ? 0.2225 0.1306 0.1739 -0.0080 0.0082  -0.0018 47   ARG A O   
242 C CB  . ARG A 50  ? 0.2408 0.1976 0.1898 -0.0284 0.0098  -0.0156 47   ARG A CB  
243 C CG  . ARG A 50  ? 0.2682 0.1865 0.2280 -0.0221 0.0245  -0.0192 47   ARG A CG  
244 C CD  . ARG A 50  ? 0.2848 0.2302 0.2370 -0.0324 -0.0070 -0.0101 47   ARG A CD  
245 N NE  . ARG A 50  ? 0.2892 0.2259 0.2540 -0.0372 0.0130  -0.0049 47   ARG A NE  
246 C CZ  . ARG A 50  ? 0.3365 0.2382 0.2567 -0.0293 -0.0265 -0.0100 47   ARG A CZ  
247 N NH1 . ARG A 50  ? 0.3279 0.2777 0.3279 -0.0472 -0.0430 0.0064  47   ARG A NH1 
248 N NH2 . ARG A 50  ? 0.3036 0.2530 0.2900 -0.0347 -0.0130 0.0239  47   ARG A NH2 
249 N N   . ASP A 51  ? 0.2148 0.1896 0.2061 -0.0045 0.0293  -0.0218 48   ASP A N   
250 C CA  . ASP A 51  ? 0.2251 0.1883 0.2225 -0.0012 0.0146  -0.0258 48   ASP A CA  
251 C C   . ASP A 51  ? 0.2306 0.2116 0.2090 0.0087  0.0143  -0.0212 48   ASP A C   
252 O O   . ASP A 51  ? 0.2497 0.2112 0.2275 -0.0137 -0.0091 -0.0068 48   ASP A O   
253 C CB  . ASP A 51  ? 0.2287 0.1889 0.2386 0.0073  -0.0021 -0.0257 48   ASP A CB  
254 C CG  . ASP A 51  ? 0.2507 0.2374 0.2493 -0.0030 0.0256  -0.0298 48   ASP A CG  
255 O OD1 . ASP A 51  ? 0.3075 0.2637 0.2366 -0.0063 0.0146  -0.0178 48   ASP A OD1 
256 O OD2 . ASP A 51  ? 0.2819 0.3052 0.3217 0.0265  0.0346  -0.0866 48   ASP A OD2 
257 N N   . SER A 52  ? 0.2480 0.2122 0.2260 -0.0165 0.0174  0.0021  49   SER A N   
258 C CA  . SER A 52  ? 0.2763 0.2377 0.2442 -0.0118 -0.0109 -0.0136 49   SER A CA  
259 C C   . SER A 52  ? 0.2991 0.2409 0.2353 -0.0130 -0.0185 -0.0230 49   SER A C   
260 O O   . SER A 52  ? 0.3148 0.3333 0.2596 0.0015  -0.0252 -0.0064 49   SER A O   
261 C CB  . SER A 52  ? 0.2659 0.2472 0.2729 -0.0205 -0.0007 -0.0048 49   SER A CB  
262 O OG  . SER A 52  ? 0.3861 0.2789 0.3652 0.0091  0.0134  -0.1097 49   SER A OG  
263 N N   . SER A 53  ? 0.3107 0.2834 0.2446 -0.0173 -0.0166 -0.0117 50   SER A N   
264 C CA  . SER A 53  ? 0.3325 0.2960 0.2522 -0.0168 0.0053  -0.0119 50   SER A CA  
265 C C   . SER A 53  ? 0.3534 0.2999 0.2508 -0.0133 0.0020  -0.0074 50   SER A C   
266 O O   . SER A 53  ? 0.4611 0.3069 0.2493 -0.0622 0.0133  -0.0125 50   SER A O   
267 C CB  . SER A 53  ? 0.3243 0.3352 0.2834 0.0079  -0.0075 0.0140  50   SER A CB  
268 O OG  . SER A 53  ? 0.3359 0.4536 0.3663 -0.0207 0.0100  -0.0611 50   SER A OG  
269 N N   . GLY A 54  ? 0.3159 0.2849 0.2388 0.0072  -0.0384 -0.0082 51   GLY A N   
270 C CA  . GLY A 54  ? 0.2988 0.2900 0.2407 -0.0142 0.0003  0.0099  51   GLY A CA  
271 C C   . GLY A 54  ? 0.3021 0.2783 0.2132 0.0026  -0.0165 -0.0097 51   GLY A C   
272 O O   . GLY A 54  ? 0.3584 0.2834 0.2470 -0.0177 0.0119  -0.0053 51   GLY A O   
273 N N   . LYS A 55  ? 0.2785 0.2800 0.1690 -0.0040 0.0126  -0.0266 52   LYS A N   
274 C CA  . LYS A 55  ? 0.2830 0.2718 0.1999 -0.0041 -0.0074 -0.0222 52   LYS A CA  
275 C C   . LYS A 55  ? 0.2464 0.2306 0.2070 -0.0189 0.0048  -0.0226 52   LYS A C   
276 O O   . LYS A 55  ? 0.2184 0.2039 0.2273 -0.0178 0.0076  -0.0197 52   LYS A O   
277 C CB  . LYS A 55  ? 0.3046 0.2556 0.2419 -0.0114 0.0190  -0.0326 52   LYS A CB  
278 C CG  . LYS A 55  ? 0.3004 0.3300 0.2949 -0.0130 0.0203  -0.0156 52   LYS A CG  
279 C CD  . LYS A 55  ? 0.3688 0.3444 0.3648 0.0189  0.0092  -0.0223 52   LYS A CD  
280 C CE  . LYS A 55  ? 0.3577 0.4173 0.4271 0.0448  0.0043  -0.0015 52   LYS A CE  
281 N NZ  . LYS A 55  ? 0.5004 0.4327 0.6342 0.0961  0.0026  0.0203  52   LYS A NZ  
282 N N   . THR A 56  ? 0.2365 0.2234 0.1991 -0.0149 0.0100  -0.0185 53   THR A N   
283 C CA  . THR A 56  ? 0.2176 0.2092 0.1903 -0.0019 -0.0005 -0.0022 53   THR A CA  
284 C C   . THR A 56  ? 0.2075 0.2000 0.2081 -0.0002 0.0191  0.0070  53   THR A C   
285 O O   . THR A 56  ? 0.2157 0.2730 0.2405 0.0150  0.0326  0.0041  53   THR A O   
286 C CB  . THR A 56  ? 0.2196 0.2006 0.1812 0.0109  0.0101  -0.0118 53   THR A CB  
287 O OG1 . THR A 56  ? 0.2659 0.2047 0.2101 0.0239  -0.0259 -0.0127 53   THR A OG1 
288 C CG2 . THR A 56  ? 0.2433 0.1804 0.1900 0.0239  -0.0221 -0.0056 53   THR A CG2 
289 N N   . ILE A 57  ? 0.2280 0.2025 0.2151 -0.0019 0.0191  -0.0358 54   ILE A N   
290 C CA  . ILE A 57  ? 0.2024 0.1858 0.2299 -0.0093 0.0331  -0.0339 54   ILE A CA  
291 C C   . ILE A 57  ? 0.1947 0.1733 0.2366 0.0098  0.0156  -0.0318 54   ILE A C   
292 O O   . ILE A 57  ? 0.2236 0.1772 0.2517 0.0223  0.0067  -0.0131 54   ILE A O   
293 C CB  . ILE A 57  ? 0.1937 0.1919 0.2285 -0.0121 0.0182  -0.0331 54   ILE A CB  
294 C CG1 . ILE A 57  ? 0.1984 0.1775 0.2070 -0.0228 0.0189  -0.0089 54   ILE A CG1 
295 C CG2 . ILE A 57  ? 0.2060 0.1847 0.2344 0.0146  0.0199  -0.0445 54   ILE A CG2 
296 C CD1 . ILE A 57  ? 0.2417 0.1646 0.2849 -0.0245 0.0219  -0.0054 54   ILE A CD1 
297 N N   . SER A 58  ? 0.1924 0.1597 0.2123 0.0040  0.0127  -0.0199 55   SER A N   
298 C CA  . SER A 58  ? 0.1788 0.1517 0.2140 0.0003  0.0196  -0.0131 55   SER A CA  
299 C C   . SER A 58  ? 0.1699 0.1528 0.1929 0.0021  0.0080  -0.0215 55   SER A C   
300 O O   . SER A 58  ? 0.1638 0.1677 0.1932 -0.0033 0.0089  -0.0184 55   SER A O   
301 C CB  . SER A 58  ? 0.1826 0.1626 0.2005 0.0105  0.0130  -0.0154 55   SER A CB  
302 O OG  . SER A 58  ? 0.2005 0.1702 0.2278 0.0086  -0.0061 -0.0242 55   SER A OG  
303 N N   . THR A 59  ? 0.1610 0.1501 0.1875 0.0000  0.0234  -0.0137 56   THR A N   
304 C CA  . THR A 59  ? 0.1622 0.1463 0.1817 -0.0010 0.0157  -0.0096 56   THR A CA  
305 C C   . THR A 59  ? 0.1581 0.1547 0.1888 -0.0021 0.0111  -0.0158 56   THR A C   
306 O O   . THR A 59  ? 0.1591 0.1814 0.2143 0.0104  0.0081  -0.0137 56   THR A O   
307 C CB  . THR A 59  ? 0.1679 0.1562 0.1840 0.0048  0.0349  -0.0203 56   THR A CB  
308 O OG1 . THR A 59  ? 0.1970 0.1733 0.1817 -0.0070 0.0424  -0.0246 56   THR A OG1 
309 C CG2 . THR A 59  ? 0.1977 0.1441 0.1672 -0.0149 0.0251  -0.0076 56   THR A CG2 
310 N N   . TRP A 60  ? 0.1511 0.1669 0.1757 0.0003  0.0083  -0.0159 57   TRP A N   
311 C CA  . TRP A 60  ? 0.1547 0.1744 0.1752 0.0054  0.0086  -0.0142 57   TRP A CA  
312 C C   . TRP A 60  ? 0.1666 0.1750 0.1733 0.0063  0.0108  -0.0164 57   TRP A C   
313 O O   . TRP A 60  ? 0.1733 0.1839 0.2003 0.0201  -0.0034 -0.0216 57   TRP A O   
314 C CB  . TRP A 60  ? 0.1566 0.1845 0.1741 0.0136  0.0030  -0.0088 57   TRP A CB  
315 C CG  . TRP A 60  ? 0.1576 0.1333 0.1592 0.0151  -0.0022 0.0062  57   TRP A CG  
316 C CD1 . TRP A 60  ? 0.1561 0.1907 0.1683 0.0058  0.0031  -0.0111 57   TRP A CD1 
317 C CD2 . TRP A 60  ? 0.1608 0.1603 0.1655 0.0055  0.0036  -0.0028 57   TRP A CD2 
318 N NE1 . TRP A 60  ? 0.1642 0.1854 0.1750 -0.0053 0.0132  -0.0119 57   TRP A NE1 
319 C CE2 . TRP A 60  ? 0.1581 0.1661 0.1839 0.0067  0.0019  -0.0127 57   TRP A CE2 
320 C CE3 . TRP A 60  ? 0.1665 0.1286 0.1892 0.0070  0.0029  -0.0068 57   TRP A CE3 
321 C CZ2 . TRP A 60  ? 0.1733 0.1474 0.1787 -0.0047 0.0081  -0.0061 57   TRP A CZ2 
322 C CZ3 . TRP A 60  ? 0.1777 0.1270 0.1971 -0.0056 0.0109  -0.0141 57   TRP A CZ3 
323 C CH2 . TRP A 60  ? 0.1755 0.1358 0.1824 -0.0143 0.0086  -0.0105 57   TRP A CH2 
324 N N   . ILE A 61  ? 0.1607 0.1905 0.1901 0.0008  0.0113  -0.0283 58   ILE A N   
325 C CA  . ILE A 61  ? 0.1788 0.1987 0.1809 0.0008  0.0204  -0.0416 58   ILE A CA  
326 C C   . ILE A 61  ? 0.1746 0.1940 0.1867 -0.0104 0.0217  -0.0366 58   ILE A C   
327 O O   . ILE A 61  ? 0.1756 0.2137 0.1911 -0.0096 0.0284  -0.0231 58   ILE A O   
328 C CB  . ILE A 61  ? 0.2011 0.1939 0.2139 -0.0055 0.0256  -0.0166 58   ILE A CB  
329 C CG1 . ILE A 61  ? 0.2304 0.2148 0.2370 0.0150  0.0331  -0.0450 58   ILE A CG1 
330 C CG2 . ILE A 61  ? 0.1938 0.2225 0.2512 -0.0244 0.0032  -0.0402 58   ILE A CG2 
331 C CD1 . ILE A 61  ? 0.2587 0.2413 0.2712 0.0748  0.0313  -0.0145 58   ILE A CD1 
332 N N   . SER A 62  ? 0.1650 0.2234 0.1845 -0.0189 0.0157  -0.0240 59   SER A N   
333 C CA  . SER A 62  ? 0.1719 0.2084 0.1883 -0.0199 0.0280  -0.0344 59   SER A CA  
334 C C   . SER A 62  ? 0.1556 0.2306 0.2147 -0.0285 0.0361  -0.0557 59   SER A C   
335 O O   . SER A 62  ? 0.1720 0.2250 0.2467 -0.0198 0.0412  -0.0613 59   SER A O   
336 C CB  . SER A 62  ? 0.1693 0.2211 0.1840 -0.0257 0.0253  -0.0477 59   SER A CB  
337 O OG  . SER A 62  ? 0.1836 0.2201 0.2069 -0.0164 0.0263  -0.0512 59   SER A OG  
338 N N   . ASP A 63  ? 0.1698 0.2071 0.1978 -0.0084 0.0006  -0.0158 60   ASP A N   
339 C CA  . ASP A 63  ? 0.2043 0.2282 0.2028 0.0007  -0.0213 -0.0215 60   ASP A CA  
340 C C   . ASP A 63  ? 0.2062 0.2615 0.2076 -0.0136 -0.0067 -0.0193 60   ASP A C   
341 O O   . ASP A 63  ? 0.2211 0.3116 0.2257 -0.0125 -0.0172 -0.0509 60   ASP A O   
342 C CB  . ASP A 63  ? 0.1890 0.2904 0.2396 0.0041  -0.0054 -0.0381 60   ASP A CB  
343 C CG  . ASP A 63  ? 0.2290 0.2707 0.2302 0.0229  -0.0240 -0.0433 60   ASP A CG  
344 O OD1 . ASP A 63  ? 0.2615 0.2638 0.2944 0.0184  -0.0122 -0.0020 60   ASP A OD1 
345 O OD2 . ASP A 63  ? 0.2721 0.3809 0.4895 0.0892  -0.0189 -0.0281 60   ASP A OD2 
346 N N   . GLY A 64  ? 0.2040 0.2411 0.2177 -0.0088 -0.0012 -0.0248 61   GLY A N   
347 C CA  . GLY A 64  ? 0.2247 0.2518 0.2093 0.0045  -0.0048 -0.0282 61   GLY A CA  
348 C C   . GLY A 64  ? 0.2319 0.2625 0.2125 -0.0085 0.0045  -0.0152 61   GLY A C   
349 O O   . GLY A 64  ? 0.2707 0.3672 0.2130 -0.0284 0.0164  -0.0193 61   GLY A O   
350 N N   . GLN A 65  ? 0.3582 0.3163 0.2848 -0.0728 -0.0773 -0.0385 62   GLN A N   
351 C CA  . GLN A 65  ? 0.3754 0.3229 0.2966 -0.0562 -0.0699 -0.0350 62   GLN A CA  
352 C C   . GLN A 65  ? 0.3459 0.2858 0.2820 -0.0358 -0.0645 -0.0114 62   GLN A C   
353 O O   . GLN A 65  ? 0.2889 0.2633 0.2645 -0.0462 -0.0369 -0.0288 62   GLN A O   
354 C CB  . GLN A 65  ? 0.3854 0.3564 0.3698 -0.0361 -0.0884 -0.0206 62   GLN A CB  
355 C CG  . GLN A 65  ? 0.4370 0.3990 0.4273 -0.0435 -0.1493 -0.0269 62   GLN A CG  
356 C CD  . GLN A 65  ? 0.6269 0.4564 0.4159 -0.0633 -0.1257 -0.0484 62   GLN A CD  
357 O OE1 . GLN A 65  ? 0.7182 0.4831 0.4758 -0.0406 -0.1172 0.0085  62   GLN A OE1 
358 N NE2 . GLN A 65  ? 0.7013 0.4894 0.4983 -0.0153 -0.1162 -0.0887 62   GLN A NE2 
359 N N   . VAL A 66  ? 0.3504 0.2936 0.2547 -0.0498 -0.0511 -0.0237 63   VAL A N   
360 C CA  . VAL A 66  ? 0.3146 0.2981 0.2386 -0.0453 -0.0501 -0.0165 63   VAL A CA  
361 C C   . VAL A 66  ? 0.2820 0.2628 0.2573 -0.0507 -0.0601 -0.0137 63   VAL A C   
362 O O   . VAL A 66  ? 0.3032 0.3056 0.2742 -0.0230 -0.0953 -0.0150 63   VAL A O   
363 C CB  . VAL A 66  ? 0.3606 0.2927 0.2530 -0.0423 -0.0445 -0.0047 63   VAL A CB  
364 C CG1 . VAL A 66  ? 0.3641 0.3176 0.2825 -0.0847 -0.0373 -0.0137 63   VAL A CG1 
365 C CG2 . VAL A 66  ? 0.3719 0.3784 0.2694 -0.0480 -0.0183 -0.0103 63   VAL A CG2 
366 N N   . LYS A 67  ? 0.2570 0.2604 0.2370 -0.0442 -0.0338 -0.0094 64   LYS A N   
367 C CA  . LYS A 67  ? 0.2368 0.2469 0.2524 -0.0221 -0.0440 -0.0019 64   LYS A CA  
368 C C   . LYS A 67  ? 0.2417 0.2441 0.2489 -0.0177 -0.0484 -0.0027 64   LYS A C   
369 O O   . LYS A 67  ? 0.2325 0.2271 0.2775 0.0028  -0.0162 -0.0242 64   LYS A O   
370 C CB  . LYS A 67  ? 0.2369 0.2331 0.2421 -0.0217 -0.0215 -0.0067 64   LYS A CB  
371 C CG  . LYS A 67  ? 0.2192 0.2344 0.2478 -0.0119 -0.0236 -0.0034 64   LYS A CG  
372 C CD  . LYS A 67  ? 0.2226 0.2066 0.2746 -0.0122 -0.0169 0.0017  64   LYS A CD  
373 C CE  . LYS A 67  ? 0.2218 0.1942 0.2946 -0.0082 0.0001  0.0101  64   LYS A CE  
374 N NZ  . LYS A 67  ? 0.2745 0.1928 0.3073 0.0171  -0.0102 -0.0013 64   LYS A NZ  
375 N N   . ASP A 68  ? 0.2392 0.2392 0.2623 -0.0222 -0.0793 -0.0046 65   ASP A N   
376 C CA  . ASP A 68  ? 0.2420 0.2399 0.2499 -0.0300 -0.0568 0.0093  65   ASP A CA  
377 C C   . ASP A 68  ? 0.2012 0.2131 0.2564 -0.0216 -0.0511 0.0144  65   ASP A C   
378 O O   . ASP A 68  ? 0.1946 0.1587 0.2734 -0.0007 -0.0437 0.0069  65   ASP A O   
379 C CB  . ASP A 68  ? 0.2588 0.2562 0.2823 -0.0298 -0.0815 0.0199  65   ASP A CB  
380 C CG  . ASP A 68  ? 0.3016 0.2965 0.2710 -0.0436 -0.0962 0.0128  65   ASP A CG  
381 O OD1 . ASP A 68  ? 0.3466 0.3330 0.2749 -0.0671 -0.0681 0.0194  65   ASP A OD1 
382 O OD2 . ASP A 68  ? 0.3385 0.3539 0.3224 -0.0738 -0.1178 -0.0090 65   ASP A OD2 
383 N N   . PHE A 69  ? 0.1917 0.2082 0.2329 -0.0184 -0.0518 0.0246  66   PHE A N   
384 C CA  . PHE A 69  ? 0.1838 0.1949 0.2349 -0.0193 -0.0398 0.0295  66   PHE A CA  
385 C C   . PHE A 69  ? 0.2083 0.1995 0.2363 -0.0159 -0.0460 0.0463  66   PHE A C   
386 O O   . PHE A 69  ? 0.1848 0.1985 0.2800 -0.0087 -0.0319 0.0458  66   PHE A O   
387 C CB  . PHE A 69  ? 0.1870 0.1954 0.2212 -0.0129 -0.0309 0.0321  66   PHE A CB  
388 C CG  . PHE A 69  ? 0.1726 0.1888 0.2207 -0.0252 -0.0314 0.0181  66   PHE A CG  
389 C CD1 . PHE A 69  ? 0.1918 0.2012 0.2237 -0.0069 -0.0111 0.0112  66   PHE A CD1 
390 C CD2 . PHE A 69  ? 0.1885 0.1962 0.2272 -0.0210 -0.0140 0.0102  66   PHE A CD2 
391 C CE1 . PHE A 69  ? 0.1910 0.2074 0.2382 -0.0045 -0.0021 0.0243  66   PHE A CE1 
392 C CE2 . PHE A 69  ? 0.2255 0.2057 0.2320 -0.0068 0.0043  0.0304  66   PHE A CE2 
393 C CZ  . PHE A 69  ? 0.2097 0.2065 0.2226 -0.0029 -0.0043 0.0214  66   PHE A CZ  
394 N N   . TYR A 70  ? 0.1894 0.1962 0.2463 -0.0165 -0.0597 0.0373  67   TYR A N   
395 C CA  . TYR A 70  ? 0.1938 0.1977 0.2682 -0.0194 -0.0580 0.0441  67   TYR A CA  
396 C C   . TYR A 70  ? 0.1951 0.1602 0.2609 -0.0049 -0.0495 0.0527  67   TYR A C   
397 O O   . TYR A 70  ? 0.1916 0.2067 0.2970 0.0020  -0.0379 0.0198  67   TYR A O   
398 C CB  . TYR A 70  ? 0.1897 0.2127 0.3025 -0.0158 -0.0648 0.0496  67   TYR A CB  
399 C CG  . TYR A 70  ? 0.2241 0.2683 0.3077 -0.0019 -0.0812 0.0398  67   TYR A CG  
400 C CD1 . TYR A 70  ? 0.2844 0.3073 0.3433 -0.0376 -0.0725 0.0640  67   TYR A CD1 
401 C CD2 . TYR A 70  ? 0.2212 0.3027 0.3401 -0.0413 -0.1003 0.0303  67   TYR A CD2 
402 C CE1 . TYR A 70  ? 0.3820 0.3731 0.3442 -0.0547 -0.0657 0.0563  67   TYR A CE1 
403 C CE2 . TYR A 70  ? 0.2561 0.3580 0.3503 -0.0641 -0.1159 0.0188  67   TYR A CE2 
404 C CZ  . TYR A 70  ? 0.4237 0.3818 0.3603 -0.0643 -0.1096 0.0440  67   TYR A CZ  
405 O OH  . TYR A 70  ? 0.5297 0.4790 0.3622 -0.0407 -0.1132 0.0280  67   TYR A OH  
406 N N   . LEU A 71  ? 0.2013 0.1664 0.2502 -0.0164 -0.0458 0.0497  68   LEU A N   
407 C CA  . LEU A 71  ? 0.2055 0.1867 0.2453 -0.0113 -0.0402 0.0453  68   LEU A CA  
408 C C   . LEU A 71  ? 0.2036 0.1819 0.2707 -0.0013 -0.0517 0.0453  68   LEU A C   
409 O O   . LEU A 71  ? 0.2256 0.1522 0.2539 -0.0030 -0.0500 0.0235  68   LEU A O   
410 C CB  . LEU A 71  ? 0.2044 0.1830 0.2361 -0.0090 -0.0433 0.0317  68   LEU A CB  
411 C CG  . LEU A 71  ? 0.1934 0.1804 0.2113 0.0041  -0.0398 0.0282  68   LEU A CG  
412 C CD1 . LEU A 71  ? 0.2024 0.2032 0.2603 0.0306  -0.0456 0.0036  68   LEU A CD1 
413 C CD2 . LEU A 71  ? 0.2110 0.1570 0.2581 0.0206  -0.0128 0.0540  68   LEU A CD2 
414 N N   . MET A 72  ? 0.2180 0.1862 0.1927 0.0107  -0.0246 0.0107  69   MET A N   
415 C CA  . MET A 72  ? 0.2259 0.1952 0.2272 -0.0018 -0.0324 -0.0051 69   MET A CA  
416 C C   . MET A 72  ? 0.2197 0.1726 0.2417 0.0050  -0.0245 0.0137  69   MET A C   
417 O O   . MET A 72  ? 0.2248 0.1533 0.2584 0.0048  -0.0047 -0.0115 69   MET A O   
418 C CB  . MET A 72  ? 0.2542 0.2504 0.2555 -0.0065 0.0041  -0.0050 69   MET A CB  
419 C CG  . MET A 72  ? 0.2680 0.3073 0.2992 0.0071  -0.0209 -0.0034 69   MET A CG  
420 S SD  . MET A 72  ? 0.4654 0.3873 0.3947 0.0843  -0.0584 0.0737  69   MET A SD  
421 C CE  . MET A 72  ? 0.2492 0.3697 0.3589 0.0507  -0.0667 0.0805  69   MET A CE  
422 N N   . PRO A 73  ? 0.2165 0.1626 0.2102 0.0117  -0.0151 0.0066  70   PRO A N   
423 C CA  . PRO A 73  ? 0.2068 0.1628 0.1978 0.0118  -0.0072 -0.0075 70   PRO A CA  
424 C C   . PRO A 73  ? 0.1881 0.1730 0.2060 0.0151  0.0008  0.0036  70   PRO A C   
425 O O   . PRO A 73  ? 0.2159 0.1769 0.2330 0.0348  0.0175  -0.0173 70   PRO A O   
426 C CB  . PRO A 73  ? 0.2210 0.1759 0.2080 -0.0121 0.0113  -0.0020 70   PRO A CB  
427 C CG  . PRO A 73  ? 0.2162 0.1725 0.2253 0.0057  0.0044  -0.0032 70   PRO A CG  
428 C CD  . PRO A 73  ? 0.2098 0.1665 0.2287 0.0186  0.0069  0.0058  70   PRO A CD  
429 N N   . GLY A 74  ? 0.2196 0.1629 0.2142 0.0017  0.0061  -0.0079 71   GLY A N   
430 C CA  . GLY A 74  ? 0.1973 0.1458 0.2119 -0.0066 0.0057  -0.0173 71   GLY A CA  
431 C C   . GLY A 74  ? 0.1944 0.1513 0.1855 -0.0050 -0.0011 -0.0143 71   GLY A C   
432 O O   . GLY A 74  ? 0.2012 0.1239 0.1935 0.0081  0.0062  0.0071  71   GLY A O   
433 N N   . LYS A 75  ? 0.2075 0.1473 0.1845 -0.0143 0.0039  -0.0119 72   LYS A N   
434 C CA  . LYS A 75  ? 0.2084 0.1482 0.1705 -0.0125 0.0080  -0.0187 72   LYS A CA  
435 C C   . LYS A 75  ? 0.1980 0.1487 0.1692 -0.0083 0.0062  -0.0081 72   LYS A C   
436 O O   . LYS A 75  ? 0.2127 0.1616 0.1777 -0.0127 0.0154  -0.0173 72   LYS A O   
437 C CB  . LYS A 75  ? 0.2204 0.1914 0.1910 -0.0173 -0.0111 -0.0162 72   LYS A CB  
438 C CG  . LYS A 75  ? 0.2331 0.2094 0.2141 0.0042  -0.0035 -0.0187 72   LYS A CG  
439 C CD  . LYS A 75  ? 0.2987 0.2639 0.2515 -0.0190 0.0219  0.0177  72   LYS A CD  
440 C CE  . LYS A 75  ? 0.3302 0.2826 0.2752 -0.0068 -0.0075 0.0202  72   LYS A CE  
441 N NZ  . LYS A 75  ? 0.3728 0.3346 0.3058 -0.0403 -0.0074 0.0514  72   LYS A NZ  
442 N N   . TYR A 76  ? 0.1921 0.1468 0.1615 -0.0196 0.0128  -0.0032 73   TYR A N   
443 C CA  . TYR A 76  ? 0.1925 0.1401 0.1638 -0.0129 -0.0032 0.0011  73   TYR A CA  
444 C C   . TYR A 76  ? 0.1847 0.1442 0.1973 -0.0110 0.0051  -0.0031 73   TYR A C   
445 O O   . TYR A 76  ? 0.1841 0.1406 0.2159 -0.0082 -0.0006 0.0018  73   TYR A O   
446 C CB  . TYR A 76  ? 0.2063 0.1452 0.1608 -0.0026 -0.0053 -0.0175 73   TYR A CB  
447 C CG  . TYR A 76  ? 0.1873 0.1531 0.1755 -0.0058 -0.0091 0.0010  73   TYR A CG  
448 C CD1 . TYR A 76  ? 0.1945 0.1577 0.2186 -0.0136 0.0080  0.0083  73   TYR A CD1 
449 C CD2 . TYR A 76  ? 0.1619 0.1632 0.1716 0.0026  0.0033  0.0090  73   TYR A CD2 
450 C CE1 . TYR A 76  ? 0.1989 0.1682 0.2425 -0.0010 0.0094  0.0046  73   TYR A CE1 
451 C CE2 . TYR A 76  ? 0.1783 0.1436 0.2415 -0.0065 -0.0080 -0.0082 73   TYR A CE2 
452 C CZ  . TYR A 76  ? 0.1910 0.1401 0.2133 0.0175  0.0057  -0.0131 73   TYR A CZ  
453 O OH  . TYR A 76  ? 0.2395 0.1606 0.2972 0.0504  -0.0098 -0.0065 73   TYR A OH  
454 N N   . THR A 77  ? 0.1865 0.1459 0.1859 -0.0121 0.0073  -0.0041 74   THR A N   
455 C CA  . THR A 77  ? 0.1939 0.1447 0.1787 -0.0184 0.0040  -0.0130 74   THR A CA  
456 C C   . THR A 77  ? 0.1801 0.1391 0.1648 -0.0116 0.0071  -0.0037 74   THR A C   
457 O O   . THR A 77  ? 0.1757 0.1686 0.1852 -0.0062 -0.0010 -0.0206 74   THR A O   
458 C CB  . THR A 77  ? 0.2321 0.1520 0.1972 -0.0157 -0.0292 0.0003  74   THR A CB  
459 O OG1 . THR A 77  ? 0.2861 0.2526 0.2308 -0.0606 -0.0691 -0.0096 74   THR A OG1 
460 C CG2 . THR A 77  ? 0.2871 0.2140 0.2795 0.0524  -0.0113 0.0081  74   THR A CG2 
461 N N   . PHE A 78  ? 0.1714 0.1353 0.1555 -0.0200 0.0032  -0.0007 75   PHE A N   
462 C CA  . PHE A 78  ? 0.1659 0.1299 0.1683 -0.0139 0.0039  -0.0047 75   PHE A CA  
463 C C   . PHE A 78  ? 0.1661 0.1370 0.1852 -0.0134 -0.0087 0.0013  75   PHE A C   
464 O O   . PHE A 78  ? 0.1694 0.1370 0.2414 -0.0014 -0.0019 0.0028  75   PHE A O   
465 C CB  . PHE A 78  ? 0.1719 0.1453 0.1676 -0.0088 0.0042  -0.0098 75   PHE A CB  
466 C CG  . PHE A 78  ? 0.1757 0.1592 0.1727 -0.0124 -0.0102 -0.0064 75   PHE A CG  
467 C CD1 . PHE A 78  ? 0.1738 0.2230 0.2401 -0.0010 0.0072  0.0514  75   PHE A CD1 
468 C CD2 . PHE A 78  ? 0.1833 0.1657 0.1495 0.0071  0.0096  -0.0105 75   PHE A CD2 
469 C CE1 . PHE A 78  ? 0.1860 0.2059 0.1856 -0.0135 0.0029  0.0268  75   PHE A CE1 
470 C CE2 . PHE A 78  ? 0.1837 0.1508 0.1747 0.0113  0.0150  -0.0023 75   PHE A CE2 
471 C CZ  . PHE A 78  ? 0.1784 0.1807 0.1573 -0.0135 0.0016  -0.0044 75   PHE A CZ  
472 N N   . VAL A 79  ? 0.1711 0.1279 0.1780 -0.0101 -0.0039 0.0043  76   VAL A N   
473 C CA  . VAL A 79  ? 0.1834 0.1295 0.1820 -0.0038 -0.0073 0.0046  76   VAL A CA  
474 C C   . VAL A 79  ? 0.1729 0.1339 0.1823 -0.0056 -0.0072 0.0053  76   VAL A C   
475 O O   . VAL A 79  ? 0.1698 0.1344 0.2012 0.0075  -0.0030 -0.0025 76   VAL A O   
476 C CB  . VAL A 79  ? 0.1922 0.1372 0.1868 -0.0322 0.0047  0.0091  76   VAL A CB  
477 C CG1 . VAL A 79  ? 0.2425 0.1504 0.1872 -0.0099 -0.0047 0.0169  76   VAL A CG1 
478 C CG2 . VAL A 79  ? 0.2435 0.1651 0.2184 -0.0292 -0.0247 -0.0236 76   VAL A CG2 
479 N N   . GLU A 80  ? 0.1731 0.1441 0.2017 0.0058  -0.0157 -0.0038 77   GLU A N   
480 C CA  . GLU A 80  ? 0.1784 0.1513 0.1893 -0.0041 0.0028  -0.0109 77   GLU A CA  
481 C C   . GLU A 80  ? 0.1833 0.1641 0.1945 -0.0139 -0.0025 -0.0031 77   GLU A C   
482 O O   . GLU A 80  ? 0.1896 0.1956 0.2269 0.0080  -0.0089 0.0011  77   GLU A O   
483 C CB  . GLU A 80  ? 0.1700 0.1490 0.2020 0.0017  -0.0009 -0.0070 77   GLU A CB  
484 C CG  . GLU A 80  ? 0.1814 0.1506 0.1928 0.0007  -0.0039 -0.0115 77   GLU A CG  
485 C CD  . GLU A 80  ? 0.1822 0.1913 0.2496 -0.0034 0.0131  -0.0526 77   GLU A CD  
486 O OE1 . GLU A 80  ? 0.1810 0.2620 0.3130 0.0349  -0.0139 -0.0407 77   GLU A OE1 
487 O OE2 . GLU A 80  ? 0.2553 0.3074 0.2828 0.0149  -0.0357 -0.1138 77   GLU A OE2 
488 N N   . THR A 81  ? 0.1792 0.1809 0.1944 -0.0053 0.0010  -0.0024 78   THR A N   
489 C CA  . THR A 81  ? 0.1928 0.1713 0.1970 -0.0118 -0.0037 0.0004  78   THR A CA  
490 C C   . THR A 81  ? 0.1873 0.1740 0.2169 -0.0170 -0.0038 -0.0005 78   THR A C   
491 O O   . THR A 81  ? 0.2517 0.1815 0.2511 0.0058  0.0012  0.0255  78   THR A O   
492 C CB  . THR A 81  ? 0.1998 0.1854 0.1860 -0.0199 0.0062  -0.0095 78   THR A CB  
493 O OG1 . THR A 81  ? 0.1865 0.2257 0.2266 -0.0250 -0.0096 -0.0153 78   THR A OG1 
494 C CG2 . THR A 81  ? 0.1932 0.1835 0.1779 -0.0095 0.0029  -0.0128 78   THR A CG2 
495 N N   . ALA A 82  ? 0.1758 0.1617 0.2262 -0.0152 -0.0056 -0.0041 79   ALA A N   
496 C CA  . ALA A 82  ? 0.1882 0.1651 0.2515 -0.0152 -0.0138 -0.0088 79   ALA A CA  
497 C C   . ALA A 82  ? 0.2281 0.1879 0.2510 -0.0062 -0.0102 -0.0237 79   ALA A C   
498 O O   . ALA A 82  ? 0.1933 0.1820 0.2494 0.0078  0.0086  -0.0256 79   ALA A O   
499 C CB  . ALA A 82  ? 0.2044 0.1442 0.2938 -0.0298 0.0045  -0.0243 79   ALA A CB  
500 N N   . ALA A 83  ? 0.2342 0.2043 0.2568 0.0539  0.0064  0.0112  80   ALA A N   
501 C CA  . ALA A 83  ? 0.2347 0.2409 0.2557 0.0365  0.0045  -0.0147 80   ALA A CA  
502 C C   . ALA A 83  ? 0.2399 0.2367 0.3000 0.0298  0.0070  -0.0192 80   ALA A C   
503 O O   . ALA A 83  ? 0.2615 0.2797 0.3399 0.0135  0.0409  -0.0147 80   ALA A O   
504 C CB  . ALA A 83  ? 0.2352 0.2375 0.3511 0.0408  0.0026  -0.0376 80   ALA A CB  
505 N N   . PRO A 84  ? 0.2237 0.2703 0.3004 0.0324  -0.0150 -0.0191 81   PRO A N   
506 C CA  . PRO A 84  ? 0.2593 0.2674 0.3172 0.0134  -0.0033 -0.0160 81   PRO A CA  
507 C C   . PRO A 84  ? 0.2759 0.2661 0.3552 0.0153  -0.0127 -0.0114 81   PRO A C   
508 O O   . PRO A 84  ? 0.2576 0.2450 0.3430 0.0375  0.0017  -0.0314 81   PRO A O   
509 C CB  . PRO A 84  ? 0.2872 0.2647 0.3155 0.0080  -0.0007 -0.0229 81   PRO A CB  
510 C CG  . PRO A 84  ? 0.2555 0.2898 0.3009 0.0043  0.0052  -0.0043 81   PRO A CG  
511 C CD  . PRO A 84  ? 0.2503 0.2581 0.3103 0.0282  0.0044  -0.0175 81   PRO A CD  
512 N N   . ASP A 85  ? 0.2968 0.2733 0.3567 0.0028  -0.0148 -0.0197 82   ASP A N   
513 C CA  . ASP A 85  ? 0.3269 0.2913 0.3344 0.0199  -0.0057 -0.0078 82   ASP A CA  
514 C C   . ASP A 85  ? 0.3339 0.2568 0.3432 0.0084  0.0014  -0.0408 82   ASP A C   
515 O O   . ASP A 85  ? 0.3411 0.3350 0.3361 -0.0220 0.0326  -0.0558 82   ASP A O   
516 C CB  . ASP A 85  ? 0.3366 0.2704 0.3469 0.0017  0.0014  0.0082  82   ASP A CB  
517 C CG  . ASP A 85  ? 0.3549 0.3676 0.3667 -0.0177 0.0230  -0.0366 82   ASP A CG  
518 O OD1 . ASP A 85  ? 0.3992 0.3598 0.3798 -0.0383 0.0538  -0.0457 82   ASP A OD1 
519 O OD2 . ASP A 85  ? 0.3879 0.3576 0.4807 -0.0217 0.0070  -0.0848 82   ASP A OD2 
520 N N   . GLY A 86  ? 0.3339 0.3312 0.3699 0.0066  -0.0119 -0.0254 83   GLY A N   
521 C CA  . GLY A 86  ? 0.3370 0.3395 0.4023 0.0013  -0.0070 -0.0381 83   GLY A CA  
522 C C   . GLY A 86  ? 0.3463 0.3428 0.4550 -0.0085 0.0259  -0.0523 83   GLY A C   
523 O O   . GLY A 86  ? 0.3579 0.3659 0.5296 -0.0044 0.0484  -0.0882 83   GLY A O   
524 N N   . TYR A 87  ? 0.3099 0.3060 0.4441 0.0187  -0.0043 -0.0227 84   TYR A N   
525 C CA  . TYR A 87  ? 0.2988 0.3146 0.3668 0.0127  -0.0033 0.0061  84   TYR A CA  
526 C C   . TYR A 87  ? 0.2939 0.2550 0.3750 0.0748  -0.0047 -0.0026 84   TYR A C   
527 O O   . TYR A 87  ? 0.3551 0.2984 0.3735 0.0077  -0.0064 -0.0080 84   TYR A O   
528 C CB  . TYR A 87  ? 0.3431 0.2982 0.3578 0.0243  0.0002  -0.0074 84   TYR A CB  
529 C CG  . TYR A 87  ? 0.3062 0.2024 0.3620 0.0840  0.0191  -0.0212 84   TYR A CG  
530 C CD1 . TYR A 87  ? 0.3795 0.2693 0.3742 0.0266  0.0158  0.0162  84   TYR A CD1 
531 C CD2 . TYR A 87  ? 0.3251 0.3835 0.3508 0.0382  0.0008  -0.0041 84   TYR A CD2 
532 C CE1 . TYR A 87  ? 0.3572 0.3139 0.3783 0.0371  0.0044  0.0301  84   TYR A CE1 
533 C CE2 . TYR A 87  ? 0.3597 0.3578 0.3515 0.0261  0.0106  0.0046  84   TYR A CE2 
534 C CZ  . TYR A 87  ? 0.3721 0.2595 0.3872 0.0402  -0.0008 0.0353  84   TYR A CZ  
535 O OH  . TYR A 87  ? 0.4940 0.4867 0.4001 0.0226  0.0744  0.0017  84   TYR A OH  
536 N N   . GLU A 88  ? 0.3413 0.2794 0.3759 0.0373  -0.0122 -0.0152 85   GLU A N   
537 C CA  . GLU A 88  ? 0.3724 0.2846 0.3658 0.0297  -0.0117 0.0029  85   GLU A CA  
538 C C   . GLU A 88  ? 0.3421 0.3035 0.3446 0.0470  0.0113  0.0044  85   GLU A C   
539 O O   . GLU A 88  ? 0.3591 0.2931 0.3469 0.0797  0.0177  0.0042  85   GLU A O   
540 C CB  . GLU A 88  ? 0.3805 0.3477 0.4008 0.0133  -0.0465 0.0000  85   GLU A CB  
541 C CG  . GLU A 88  ? 0.4474 0.4060 0.4626 0.0752  -0.0527 -0.0060 85   GLU A CG  
542 C CD  . GLU A 88  ? 0.4571 0.5154 0.6673 0.0203  0.0183  -0.0345 85   GLU A CD  
543 O OE1 . GLU A 88  ? 0.6290 0.5218 0.8531 -0.0184 -0.0425 -0.0267 85   GLU A OE1 
544 O OE2 . GLU A 88  ? 0.6179 0.5840 0.9338 0.1046  0.0351  -0.1105 85   GLU A OE2 
545 N N   . VAL A 89  ? 0.3608 0.2714 0.3240 -0.0044 -0.0106 0.0100  86   VAL A N   
546 C CA  . VAL A 89  ? 0.3071 0.2757 0.3192 0.0031  -0.0030 0.0073  86   VAL A CA  
547 C C   . VAL A 89  ? 0.2794 0.2609 0.3047 0.0246  -0.0211 0.0028  86   VAL A C   
548 O O   . VAL A 89  ? 0.2986 0.2019 0.3715 0.0441  -0.0395 0.0107  86   VAL A O   
549 C CB  . VAL A 89  ? 0.2993 0.3416 0.3381 -0.0059 0.0177  0.0022  86   VAL A CB  
550 C CG1 . VAL A 89  ? 0.3581 0.3472 0.3894 0.0139  0.0366  -0.0265 86   VAL A CG1 
551 C CG2 . VAL A 89  ? 0.3292 0.4549 0.3850 -0.0719 -0.0040 -0.0182 86   VAL A CG2 
552 N N   . ALA A 90  ? 0.2523 0.2420 0.2934 -0.0015 -0.0253 -0.0121 87   ALA A N   
553 C CA  . ALA A 90  ? 0.2369 0.2377 0.2930 0.0232  -0.0056 -0.0117 87   ALA A CA  
554 C C   . ALA A 90  ? 0.2375 0.2453 0.2751 0.0062  -0.0124 -0.0082 87   ALA A C   
555 O O   . ALA A 90  ? 0.2538 0.2065 0.3057 0.0029  0.0091  -0.0079 87   ALA A O   
556 C CB  . ALA A 90  ? 0.2475 0.2877 0.2571 -0.0082 -0.0154 -0.0222 87   ALA A CB  
557 N N   . THR A 91  ? 0.2266 0.2081 0.2806 0.0376  -0.0159 -0.0088 88   THR A N   
558 C CA  A THR A 91  ? 0.2200 0.2171 0.2537 0.0248  -0.0074 -0.0008 88   THR A CA  
559 C CA  B THR A 91  ? 0.2272 0.2207 0.2557 0.0303  -0.0131 -0.0038 88   THR A CA  
560 C C   . THR A 91  ? 0.2179 0.2002 0.2418 0.0163  0.0045  -0.0091 88   THR A C   
561 O O   . THR A 91  ? 0.2226 0.2004 0.2445 0.0230  -0.0027 -0.0119 88   THR A O   
562 C CB  A THR A 91  ? 0.2230 0.2271 0.2498 0.0209  -0.0007 0.0000  88   THR A CB  
563 C CB  B THR A 91  ? 0.2298 0.2444 0.2787 0.0221  -0.0123 -0.0027 88   THR A CB  
564 O OG1 A THR A 91  ? 0.2445 0.2461 0.3347 0.0402  -0.0574 -0.0147 88   THR A OG1 
565 O OG1 B THR A 91  ? 0.2647 0.3045 0.2800 0.0137  -0.0033 0.0054  88   THR A OG1 
566 C CG2 A THR A 91  ? 0.2089 0.2101 0.2370 0.0400  -0.0311 0.0159  88   THR A CG2 
567 C CG2 B THR A 91  ? 0.2255 0.2620 0.2900 0.0326  -0.0082 0.0056  88   THR A CG2 
568 N N   . ALA A 92  ? 0.2545 0.1773 0.2792 -0.0087 -0.0419 -0.0033 89   ALA A N   
569 C CA  . ALA A 92  ? 0.2301 0.1855 0.2263 -0.0075 -0.0255 0.0000  89   ALA A CA  
570 C C   . ALA A 92  ? 0.1964 0.1660 0.2413 0.0038  -0.0243 -0.0111 89   ALA A C   
571 O O   . ALA A 92  ? 0.1979 0.1795 0.3372 0.0088  -0.0486 0.0013  89   ALA A O   
572 C CB  . ALA A 92  ? 0.2480 0.1798 0.2159 -0.0004 -0.0434 -0.0033 89   ALA A CB  
573 N N   . ILE A 93  ? 0.1891 0.1561 0.2158 0.0025  -0.0103 -0.0138 90   ILE A N   
574 C CA  . ILE A 93  ? 0.1814 0.1616 0.2150 -0.0092 -0.0067 -0.0230 90   ILE A CA  
575 C C   . ILE A 93  ? 0.1975 0.1575 0.2263 0.0017  -0.0224 -0.0218 90   ILE A C   
576 O O   . ILE A 93  ? 0.1828 0.1637 0.2662 -0.0192 -0.0010 -0.0263 90   ILE A O   
577 C CB  . ILE A 93  ? 0.1850 0.1651 0.2146 -0.0098 -0.0020 -0.0130 90   ILE A CB  
578 C CG1 . ILE A 93  ? 0.2093 0.1837 0.2277 -0.0093 0.0149  -0.0349 90   ILE A CG1 
579 C CG2 . ILE A 93  ? 0.1787 0.1694 0.2109 -0.0123 0.0067  -0.0193 90   ILE A CG2 
580 C CD1 . ILE A 93  ? 0.2684 0.2132 0.2300 -0.0249 -0.0026 -0.0361 90   ILE A CD1 
581 N N   . THR A 94  ? 0.2106 0.1543 0.2411 0.0057  -0.0474 -0.0154 91   THR A N   
582 C CA  . THR A 94  ? 0.2125 0.1489 0.1925 -0.0061 -0.0233 0.0016  91   THR A CA  
583 C C   . THR A 94  ? 0.1997 0.1501 0.1775 0.0068  -0.0188 -0.0080 91   THR A C   
584 O O   . THR A 94  ? 0.2094 0.1416 0.2093 0.0175  -0.0066 -0.0084 91   THR A O   
585 C CB  . THR A 94  ? 0.2477 0.1607 0.1849 -0.0264 -0.0261 -0.0021 91   THR A CB  
586 O OG1 . THR A 94  ? 0.3592 0.1993 0.1786 -0.0533 -0.0460 0.0126  91   THR A OG1 
587 C CG2 . THR A 94  ? 0.3318 0.1782 0.2724 -0.0033 -0.0319 -0.0460 91   THR A CG2 
588 N N   . PHE A 95  ? 0.1903 0.1452 0.1729 0.0038  -0.0020 -0.0002 92   PHE A N   
589 C CA  . PHE A 95  ? 0.1878 0.1506 0.1639 -0.0079 -0.0030 -0.0034 92   PHE A CA  
590 C C   . PHE A 95  ? 0.1922 0.1471 0.1595 -0.0038 -0.0031 0.0018  92   PHE A C   
591 O O   . PHE A 95  ? 0.2006 0.1347 0.1639 -0.0248 0.0016  0.0030  92   PHE A O   
592 C CB  . PHE A 95  ? 0.1824 0.1589 0.1704 -0.0115 -0.0015 -0.0106 92   PHE A CB  
593 C CG  . PHE A 95  ? 0.1829 0.1589 0.1682 -0.0049 0.0033  -0.0200 92   PHE A CG  
594 C CD1 . PHE A 95  ? 0.1748 0.1651 0.1872 -0.0139 -0.0072 -0.0077 92   PHE A CD1 
595 C CD2 . PHE A 95  ? 0.1815 0.1631 0.1769 -0.0101 0.0010  -0.0185 92   PHE A CD2 
596 C CE1 . PHE A 95  ? 0.1736 0.1881 0.1983 -0.0058 -0.0029 -0.0106 92   PHE A CE1 
597 C CE2 . PHE A 95  ? 0.1831 0.1588 0.1967 -0.0123 -0.0105 -0.0273 92   PHE A CE2 
598 C CZ  . PHE A 95  ? 0.1738 0.1794 0.1749 -0.0087 -0.0188 -0.0231 92   PHE A CZ  
599 N N   . THR A 96  ? 0.1662 0.1511 0.1568 -0.0133 -0.0021 -0.0069 93   THR A N   
600 C CA  . THR A 96  ? 0.1752 0.1496 0.1554 -0.0098 0.0002  -0.0007 93   THR A CA  
601 C C   . THR A 96  ? 0.1684 0.1548 0.1560 -0.0231 -0.0134 -0.0023 93   THR A C   
602 O O   . THR A 96  ? 0.1769 0.1950 0.1502 -0.0161 -0.0219 0.0096  93   THR A O   
603 C CB  . THR A 96  ? 0.1746 0.1590 0.1383 -0.0007 -0.0104 -0.0052 93   THR A CB  
604 O OG1 . THR A 96  ? 0.1905 0.1776 0.1580 -0.0119 0.0015  0.0121  93   THR A OG1 
605 C CG2 . THR A 96  ? 0.2051 0.1526 0.1468 0.0100  -0.0117 0.0034  93   THR A CG2 
606 N N   . VAL A 97  ? 0.1776 0.1711 0.1763 -0.0111 -0.0120 0.0136  94   VAL A N   
607 C CA  . VAL A 97  ? 0.1810 0.1602 0.1945 -0.0077 -0.0113 0.0200  94   VAL A CA  
608 C C   . VAL A 97  ? 0.2068 0.1654 0.1966 -0.0103 -0.0206 0.0133  94   VAL A C   
609 O O   . VAL A 97  ? 0.2021 0.1542 0.2098 0.0035  -0.0024 0.0336  94   VAL A O   
610 C CB  . VAL A 97  ? 0.1867 0.1729 0.1954 -0.0055 -0.0291 0.0174  94   VAL A CB  
611 C CG1 . VAL A 97  ? 0.2431 0.1939 0.2121 -0.0089 -0.0583 0.0297  94   VAL A CG1 
612 C CG2 . VAL A 97  ? 0.2024 0.1812 0.2527 -0.0131 -0.0192 -0.0075 94   VAL A CG2 
613 N N   . ASN A 98  ? 0.2054 0.1814 0.2068 -0.0135 -0.0089 0.0208  95   ASN A N   
614 C CA  . ASN A 98  ? 0.2125 0.1766 0.2065 -0.0203 -0.0206 0.0302  95   ASN A CA  
615 C C   . ASN A 98  ? 0.1993 0.1964 0.2264 -0.0090 -0.0223 0.0262  95   ASN A C   
616 O O   . ASN A 98  ? 0.2039 0.1658 0.2436 -0.0106 -0.0359 0.0353  95   ASN A O   
617 C CB  . ASN A 98  ? 0.2006 0.1847 0.2047 -0.0108 -0.0087 0.0249  95   ASN A CB  
618 C CG  . ASN A 98  ? 0.1996 0.1851 0.1953 -0.0192 -0.0206 0.0278  95   ASN A CG  
619 O OD1 . ASN A 98  ? 0.2245 0.2232 0.2195 -0.0148 -0.0523 0.0448  95   ASN A OD1 
620 N ND2 . ASN A 98  ? 0.1993 0.1815 0.1939 -0.0220 -0.0160 0.0375  95   ASN A ND2 
621 N N   . GLU A 99  ? 0.2302 0.1953 0.2481 -0.0140 -0.0366 0.0215  96   GLU A N   
622 C CA  . GLU A 99  ? 0.2367 0.2215 0.2859 -0.0086 -0.0518 0.0393  96   GLU A CA  
623 C C   . GLU A 99  ? 0.2440 0.2281 0.2833 -0.0208 -0.0575 0.0387  96   GLU A C   
624 O O   . GLU A 99  ? 0.2832 0.2650 0.3147 -0.0014 -0.0824 0.0897  96   GLU A O   
625 C CB  . GLU A 99  ? 0.2574 0.2173 0.3281 -0.0099 -0.0251 0.0252  96   GLU A CB  
626 C CG  . GLU A 99  ? 0.3104 0.2599 0.3609 0.0169  -0.0602 0.0369  96   GLU A CG  
627 C CD  . GLU A 99  ? 0.3069 0.2911 0.4667 0.0109  -0.0651 0.0401  96   GLU A CD  
628 O OE1 . GLU A 99  ? 0.3332 0.3322 0.4615 0.0213  -0.0089 0.0460  96   GLU A OE1 
629 O OE2 . GLU A 99  ? 0.3519 0.3524 0.5333 -0.0071 -0.1419 0.0844  96   GLU A OE2 
630 N N   . GLN A 100 ? 0.2605 0.2166 0.2726 0.0036  -0.0397 0.0482  97   GLN A N   
631 C CA  . GLN A 100 ? 0.2774 0.2590 0.2815 -0.0257 -0.0412 0.0717  97   GLN A CA  
632 C C   . GLN A 100 ? 0.2765 0.2684 0.2763 -0.0380 -0.0270 0.0619  97   GLN A C   
633 O O   . GLN A 100 ? 0.3420 0.3270 0.2468 -0.0330 -0.0595 0.0959  97   GLN A O   
634 C CB  . GLN A 100 ? 0.2863 0.2764 0.2860 -0.0392 -0.0419 0.0585  97   GLN A CB  
635 C CG  . GLN A 100 ? 0.3051 0.2691 0.3382 -0.0253 -0.0384 0.0505  97   GLN A CG  
636 C CD  . GLN A 100 ? 0.3123 0.2979 0.3753 -0.0492 -0.0450 0.0478  97   GLN A CD  
637 O OE1 . GLN A 100 ? 0.3137 0.3080 0.4129 -0.0511 -0.0447 0.0691  97   GLN A OE1 
638 N NE2 . GLN A 100 ? 0.3777 0.2940 0.3989 -0.0318 -0.0204 0.0081  97   GLN A NE2 
639 N N   . GLY A 101 ? 0.2399 0.2463 0.2430 -0.0145 -0.0535 0.0618  98   GLY A N   
640 C CA  . GLY A 101 ? 0.2370 0.2667 0.2239 -0.0338 -0.0416 0.0527  98   GLY A CA  
641 C C   . GLY A 101 ? 0.2396 0.2560 0.1929 -0.0380 -0.0253 0.0558  98   GLY A C   
642 O O   . GLY A 101 ? 0.2547 0.2734 0.2183 -0.0284 -0.0559 0.0420  98   GLY A O   
643 N N   . GLN A 102 ? 0.2435 0.2421 0.1941 -0.0201 -0.0316 0.0441  99   GLN A N   
644 C CA  . GLN A 102 ? 0.2412 0.2316 0.1836 -0.0250 -0.0262 0.0237  99   GLN A CA  
645 C C   . GLN A 102 ? 0.1897 0.2274 0.1728 -0.0139 -0.0322 0.0184  99   GLN A C   
646 O O   . GLN A 102 ? 0.2394 0.2021 0.1764 0.0168  -0.0197 0.0320  99   GLN A O   
647 C CB  . GLN A 102 ? 0.2420 0.2298 0.2066 -0.0311 -0.0205 0.0171  99   GLN A CB  
648 C CG  . GLN A 102 ? 0.2359 0.2506 0.2241 -0.0251 0.0088  0.0196  99   GLN A CG  
649 C CD  . GLN A 102 ? 0.2436 0.2726 0.2449 -0.0368 -0.0022 0.0157  99   GLN A CD  
650 O OE1 . GLN A 102 ? 0.2905 0.2744 0.2526 -0.0242 -0.0324 0.0317  99   GLN A OE1 
651 N NE2 . GLN A 102 ? 0.2531 0.3130 0.2462 -0.0600 -0.0194 0.0469  99   GLN A NE2 
652 N N   . VAL A 103 ? 0.2230 0.2201 0.1847 -0.0230 -0.0252 0.0208  100  VAL A N   
653 C CA  . VAL A 103 ? 0.1973 0.2236 0.1603 -0.0207 -0.0141 0.0210  100  VAL A CA  
654 C C   . VAL A 103 ? 0.2113 0.2291 0.1677 -0.0075 -0.0144 0.0070  100  VAL A C   
655 O O   . VAL A 103 ? 0.2242 0.2581 0.1609 0.0238  -0.0152 0.0245  100  VAL A O   
656 C CB  . VAL A 103 ? 0.2038 0.2115 0.1659 -0.0143 -0.0176 0.0224  100  VAL A CB  
657 C CG1 . VAL A 103 ? 0.2223 0.2066 0.1883 -0.0292 -0.0389 0.0232  100  VAL A CG1 
658 C CG2 . VAL A 103 ? 0.2014 0.2369 0.1732 -0.0124 -0.0450 0.0045  100  VAL A CG2 
659 N N   . THR A 104 ? 0.1964 0.2076 0.1674 -0.0049 0.0001  0.0167  101  THR A N   
660 C CA  . THR A 104 ? 0.1873 0.2199 0.1656 -0.0135 -0.0015 0.0054  101  THR A CA  
661 C C   . THR A 104 ? 0.1769 0.2035 0.1663 -0.0134 -0.0071 -0.0081 101  THR A C   
662 O O   . THR A 104 ? 0.1986 0.1918 0.1653 -0.0227 -0.0004 0.0025  101  THR A O   
663 C CB  . THR A 104 ? 0.1750 0.1830 0.1851 0.0031  0.0085  0.0026  101  THR A CB  
664 O OG1 . THR A 104 ? 0.2030 0.2046 0.2095 -0.0138 -0.0164 0.0317  101  THR A OG1 
665 C CG2 . THR A 104 ? 0.1812 0.1988 0.1683 0.0022  -0.0147 -0.0046 101  THR A CG2 
666 N N   . VAL A 105 ? 0.1951 0.2252 0.1981 -0.0081 0.0140  -0.0195 102  VAL A N   
667 C CA  . VAL A 105 ? 0.1980 0.2179 0.2169 -0.0122 0.0204  -0.0215 102  VAL A CA  
668 C C   . VAL A 105 ? 0.2052 0.2156 0.2390 -0.0069 0.0070  -0.0365 102  VAL A C   
669 O O   . VAL A 105 ? 0.1919 0.2398 0.2317 0.0117  -0.0055 -0.0410 102  VAL A O   
670 C CB  . VAL A 105 ? 0.2085 0.2505 0.2180 -0.0109 0.0069  -0.0329 102  VAL A CB  
671 C CG1 . VAL A 105 ? 0.2400 0.2432 0.2980 -0.0054 0.0546  -0.0310 102  VAL A CG1 
672 C CG2 . VAL A 105 ? 0.1953 0.3235 0.2813 -0.0095 0.0125  -0.0633 102  VAL A CG2 
673 N N   . ASN A 106 ? 0.2386 0.2547 0.2475 0.0066  -0.0035 -0.0178 103  ASN A N   
674 C CA  . ASN A 106 ? 0.2437 0.2660 0.2842 0.0033  -0.0199 -0.0228 103  ASN A CA  
675 C C   . ASN A 106 ? 0.2187 0.2796 0.2809 0.0147  -0.0065 -0.0456 103  ASN A C   
676 O O   . ASN A 106 ? 0.2653 0.3162 0.2653 0.0384  -0.0021 -0.0720 103  ASN A O   
677 C CB  . ASN A 106 ? 0.2741 0.2746 0.3208 0.0180  -0.0098 -0.0392 103  ASN A CB  
678 C CG  . ASN A 106 ? 0.3241 0.2582 0.3287 0.0186  -0.0002 -0.0104 103  ASN A CG  
679 O OD1 . ASN A 106 ? 0.3671 0.2908 0.3409 0.0092  0.0242  -0.0109 103  ASN A OD1 
680 N ND2 . ASN A 106 ? 0.5082 0.3242 0.3794 -0.0537 -0.0366 -0.0468 103  ASN A ND2 
681 N N   . GLY A 107 ? 0.2284 0.2696 0.2501 0.0046  -0.0074 -0.0423 104  GLY A N   
682 C CA  . GLY A 107 ? 0.2704 0.2898 0.2859 -0.0214 0.0128  -0.0553 104  GLY A CA  
683 C C   . GLY A 107 ? 0.2945 0.2968 0.2919 -0.0529 0.0174  -0.0336 104  GLY A C   
684 O O   . GLY A 107 ? 0.3037 0.3747 0.3671 -0.0881 0.0229  -0.0054 104  GLY A O   
685 N N   . LYS A 108 ? 0.2292 0.2490 0.2885 -0.0051 0.0318  -0.0338 105  LYS A N   
686 C CA  . LYS A 108 ? 0.2661 0.3010 0.2964 -0.0301 0.0281  -0.0170 105  LYS A CA  
687 C C   . LYS A 108 ? 0.2647 0.3068 0.2630 -0.0292 0.0188  -0.0215 105  LYS A C   
688 O O   . LYS A 108 ? 0.2686 0.2912 0.2263 -0.0074 0.0465  -0.0260 105  LYS A O   
689 C CB  . LYS A 108 ? 0.2871 0.3138 0.3125 -0.0365 0.0396  -0.0378 105  LYS A CB  
690 C CG  . LYS A 108 ? 0.3708 0.3956 0.3190 -0.0351 0.0267  -0.0337 105  LYS A CG  
691 C CD  . LYS A 108 ? 0.4356 0.4254 0.4115 -0.0337 0.0393  -0.0806 105  LYS A CD  
692 C CE  . LYS A 108 ? 0.4538 0.5146 0.3847 -0.0579 0.0493  -0.1041 105  LYS A CE  
693 N NZ  . LYS A 108 ? 0.4906 0.5029 0.5712 -0.0691 0.0511  -0.1433 105  LYS A NZ  
694 N N   . ALA A 109 ? 0.2943 0.3211 0.2860 -0.0247 0.0365  -0.0027 106  ALA A N   
695 C CA  . ALA A 109 ? 0.2944 0.3214 0.2719 -0.0271 0.0128  0.0067  106  ALA A CA  
696 C C   . ALA A 109 ? 0.3233 0.3342 0.2660 -0.0286 0.0248  -0.0095 106  ALA A C   
697 O O   . ALA A 109 ? 0.3312 0.4209 0.2796 -0.0257 0.0330  0.0123  106  ALA A O   
698 C CB  . ALA A 109 ? 0.3222 0.3346 0.2578 -0.0361 0.0206  0.0008  106  ALA A CB  
699 N N   . THR A 110 ? 0.3179 0.3583 0.2751 -0.0381 0.0158  0.0016  107  THR A N   
700 C CA  . THR A 110 ? 0.3733 0.4056 0.2863 -0.0428 0.0041  0.0184  107  THR A CA  
701 C C   . THR A 110 ? 0.4105 0.4092 0.3100 -0.0172 0.0127  0.0238  107  THR A C   
702 O O   . THR A 110 ? 0.3504 0.3717 0.2724 -0.0170 -0.0105 0.0762  107  THR A O   
703 C CB  . THR A 110 ? 0.4137 0.4269 0.2897 -0.0381 0.0017  -0.0166 107  THR A CB  
704 O OG1 . THR A 110 ? 0.4961 0.5840 0.2990 -0.0303 -0.0163 -0.0034 107  THR A OG1 
705 C CG2 . THR A 110 ? 0.3724 0.3989 0.2751 -0.0442 -0.0282 -0.0573 107  THR A CG2 
706 N N   . LYS A 111 ? 0.4787 0.4948 0.3016 -0.0159 0.0158  0.0600  108  LYS A N   
707 C CA  . LYS A 111 ? 0.4608 0.4768 0.3915 -0.0396 -0.0150 0.0524  108  LYS A CA  
708 C C   . LYS A 111 ? 0.4831 0.5178 0.3631 -0.0909 -0.0191 0.1005  108  LYS A C   
709 O O   . LYS A 111 ? 0.5451 0.5523 0.4082 -0.0105 -0.0013 0.0694  108  LYS A O   
710 C CB  . LYS A 111 ? 0.5111 0.4758 0.3889 -0.0478 0.0009  0.0602  108  LYS A CB  
711 C CG  . LYS A 111 ? 0.5072 0.5505 0.4442 -0.0513 -0.0236 0.0140  108  LYS A CG  
712 C CD  . LYS A 111 ? 0.5816 0.5297 0.4820 -0.0508 -0.0200 0.0458  108  LYS A CD  
713 C CE  . LYS A 111 ? 0.5716 0.5502 0.5227 -0.0355 -0.0072 0.0481  108  LYS A CE  
714 N NZ  . LYS A 111 ? 0.7290 0.5417 0.5344 -0.0925 -0.0667 0.0461  108  LYS A NZ  
715 N N   . GLY A 112 ? 0.3890 0.6295 0.3847 0.0180  -0.0187 0.0382  109  GLY A N   
716 C CA  . GLY A 112 ? 0.4195 0.4095 0.4064 -0.0336 0.0083  -0.0137 109  GLY A CA  
717 C C   . GLY A 112 ? 0.3902 0.3770 0.4842 -0.0026 0.0157  0.0551  109  GLY A C   
718 O O   . GLY A 112 ? 0.4339 0.3984 0.4208 -0.0066 0.0823  0.0558  109  GLY A O   
719 N N   . ASP A 113 ? 0.5507 0.4516 0.3856 -0.0533 0.0106  0.1196  110  ASP A N   
720 C CA  . ASP A 113 ? 0.5285 0.4711 0.3918 -0.0326 -0.0072 0.0668  110  ASP A CA  
721 C C   . ASP A 113 ? 0.5539 0.4276 0.3571 -0.0251 0.0025  0.0365  110  ASP A C   
722 O O   . ASP A 113 ? 0.5772 0.5069 0.3015 0.0283  0.0899  0.0431  110  ASP A O   
723 C CB  . ASP A 113 ? 0.5911 0.5061 0.4034 -0.0627 0.0255  0.0702  110  ASP A CB  
724 C CG  . ASP A 113 ? 0.7113 0.5449 0.4291 -0.0209 -0.0213 0.0670  110  ASP A CG  
725 O OD1 . ASP A 113 ? 0.7976 0.6212 0.6342 0.0871  -0.0072 0.0668  110  ASP A OD1 
726 O OD2 . ASP A 113 ? 0.9366 0.7509 0.4182 -0.0627 -0.0169 0.0764  110  ASP A OD2 
727 N N   . ALA A 114 ? 0.3856 0.3490 0.3482 -0.0564 0.0087  0.0545  111  ALA A N   
728 C CA  . ALA A 114 ? 0.3416 0.3193 0.3146 -0.0672 0.0139  0.0186  111  ALA A CA  
729 C C   . ALA A 114 ? 0.3166 0.3084 0.2244 -0.0431 -0.0050 0.0271  111  ALA A C   
730 O O   . ALA A 114 ? 0.3146 0.2541 0.2569 -0.0332 -0.0011 0.0241  111  ALA A O   
731 C CB  . ALA A 114 ? 0.3877 0.3375 0.3147 -0.0798 -0.0009 0.0077  111  ALA A CB  
732 N N   . HIS A 115 ? 0.2869 0.3078 0.1892 -0.0517 -0.0219 0.0352  112  HIS A N   
733 C CA  . HIS A 115 ? 0.2731 0.3005 0.2197 -0.0390 -0.0010 0.0339  112  HIS A CA  
734 C C   . HIS A 115 ? 0.2563 0.2832 0.2194 -0.0374 0.0172  0.0319  112  HIS A C   
735 O O   . HIS A 115 ? 0.2609 0.3281 0.2351 -0.0255 0.0325  0.0374  112  HIS A O   
736 C CB  . HIS A 115 ? 0.3142 0.3264 0.2160 -0.0365 0.0124  0.0300  112  HIS A CB  
737 C CG  . HIS A 115 ? 0.3475 0.3271 0.2439 -0.0359 -0.0064 0.0217  112  HIS A CG  
738 N ND1 . HIS A 115 ? 0.4680 0.3940 0.2504 -0.0815 0.0265  -0.0146 112  HIS A ND1 
739 C CD2 . HIS A 115 ? 0.3429 0.3436 0.2643 -0.0566 0.0040  0.0176  112  HIS A CD2 
740 C CE1 . HIS A 115 ? 0.4625 0.3890 0.2749 -0.0807 0.0259  -0.0244 112  HIS A CE1 
741 N NE2 . HIS A 115 ? 0.3870 0.3625 0.2717 -0.0616 -0.0138 0.0044  112  HIS A NE2 
742 N N   . ILE A 116 ? 0.2169 0.2313 0.1911 -0.0231 -0.0064 0.0043  113  ILE A N   
743 C CA  . ILE A 116 ? 0.2008 0.2170 0.1997 -0.0321 -0.0014 0.0090  113  ILE A CA  
744 C C   . ILE A 116 ? 0.2039 0.2192 0.2136 -0.0344 0.0100  0.0039  113  ILE A C   
745 O O   . ILE A 116 ? 0.2086 0.1924 0.2125 -0.0098 -0.0244 -0.0100 113  ILE A O   
746 C CB  . ILE A 116 ? 0.1795 0.2066 0.1894 -0.0287 -0.0145 0.0176  113  ILE A CB  
747 C CG1 . ILE A 116 ? 0.2020 0.2117 0.1971 -0.0442 -0.0058 0.0232  113  ILE A CG1 
748 C CG2 . ILE A 116 ? 0.1879 0.2121 0.2087 0.0086  -0.0101 0.0166  113  ILE A CG2 
749 C CD1 . ILE A 116 ? 0.2349 0.2144 0.2046 -0.0108 -0.0161 0.0144  113  ILE A CD1 
750 N N   . VAL A 117 ? 0.2098 0.2226 0.1915 -0.0276 -0.0078 -0.0086 114  VAL A N   
751 C CA  . VAL A 117 ? 0.2130 0.2187 0.2069 -0.0299 0.0194  0.0047  114  VAL A CA  
752 C C   . VAL A 117 ? 0.2109 0.2170 0.1953 -0.0418 0.0087  -0.0068 114  VAL A C   
753 O O   . VAL A 117 ? 0.1801 0.2378 0.2295 -0.0147 0.0199  0.0229  114  VAL A O   
754 C CB  . VAL A 117 ? 0.2275 0.2324 0.2065 -0.0363 0.0260  0.0023  114  VAL A CB  
755 C CG1 . VAL A 117 ? 0.2686 0.2360 0.2164 -0.0210 0.0328  -0.0226 114  VAL A CG1 
756 C CG2 . VAL A 117 ? 0.2831 0.2806 0.2080 -0.0289 0.0136  0.0156  114  VAL A CG2 
757 N N   . MET A 118 ? 0.1873 0.2036 0.1816 -0.0186 0.0150  -0.0100 115  MET A N   
758 C CA  . MET A 118 ? 0.1731 0.1888 0.1913 -0.0153 0.0196  -0.0145 115  MET A CA  
759 C C   . MET A 118 ? 0.1830 0.1981 0.1864 -0.0104 0.0334  -0.0161 115  MET A C   
760 O O   . MET A 118 ? 0.1712 0.1882 0.1921 -0.0019 0.0485  -0.0281 115  MET A O   
761 C CB  . MET A 118 ? 0.1897 0.1754 0.1613 -0.0280 0.0132  -0.0232 115  MET A CB  
762 C CG  . MET A 118 ? 0.1718 0.1878 0.1799 0.0040  0.0176  -0.0165 115  MET A CG  
763 S SD  . MET A 118 ? 0.1834 0.1891 0.1975 -0.0073 0.0334  -0.0425 115  MET A SD  
764 C CE  . MET A 118 ? 0.2304 0.1596 0.1762 0.0316  0.0132  -0.0260 115  MET A CE  
765 N N   . VAL A 119 ? 0.1845 0.2133 0.2158 -0.0009 0.0290  -0.0260 116  VAL A N   
766 C CA  . VAL A 119 ? 0.1999 0.2342 0.2353 0.0156  0.0345  -0.0413 116  VAL A CA  
767 C C   . VAL A 119 ? 0.2303 0.2428 0.2434 0.0330  0.0160  -0.0272 116  VAL A C   
768 O O   . VAL A 119 ? 0.2508 0.2498 0.2479 0.0415  0.0009  -0.0332 116  VAL A O   
769 C CB  . VAL A 119 ? 0.1980 0.2434 0.2698 0.0168  0.0339  -0.0415 116  VAL A CB  
770 C CG1 . VAL A 119 ? 0.2350 0.2772 0.3122 0.0619  0.0502  -0.0612 116  VAL A CG1 
771 C CG2 . VAL A 119 ? 0.1715 0.2592 0.2843 -0.0024 0.0381  -0.0293 116  VAL A CG2 
772 N N   . ASP A 120 ? 0.2818 0.2638 0.2487 -0.0011 0.0228  -0.0391 117  ASP A N   
773 C CA  . ASP A 120 ? 0.3123 0.2588 0.2790 0.0021  0.0377  -0.0337 117  ASP A CA  
774 C C   . ASP A 120 ? 0.3569 0.3045 0.3424 0.0466  0.0463  -0.0435 117  ASP A C   
775 O O   . ASP A 120 ? 0.3697 0.2421 0.3442 0.1127  0.0367  -0.0279 117  ASP A O   
776 C CB  . ASP A 120 ? 0.3081 0.2385 0.2792 0.0197  0.0197  -0.0250 117  ASP A CB  
777 C CG  . ASP A 120 ? 0.3174 0.3061 0.2983 0.0284  0.0444  -0.0403 117  ASP A CG  
778 O OD2 . ASP A 120 ? 0.4518 0.3947 0.3476 0.1165  0.1123  0.0041  117  ASP A OD2 
779 N N   . ALA A 121 ? 0.3804 0.3299 0.3000 0.0923  -0.0448 -0.0301 118  ALA A N   
780 C CA  . ALA A 121 ? 0.3556 0.3286 0.3408 0.0823  -0.0152 -0.0236 118  ALA A CA  
781 C C   . ALA A 121 ? 0.4709 0.3733 0.4078 0.0057  -0.0282 0.0268  118  ALA A C   
782 O O   . ALA A 121 ? 0.5437 0.5149 0.4738 -0.0172 0.0327  0.0294  118  ALA A O   
783 C CB  . ALA A 121 ? 0.3342 0.4831 0.4338 0.0745  -0.0097 -0.0194 118  ALA A CB  
784 O O   . HOH B .   ? 0.3313 0.3621 0.4312 0.0083  0.0256  -0.0495 2001 HOH A O   
785 O O   . HOH B .   ? 0.4680 0.4598 0.4426 -0.0119 0.0213  0.0049  2002 HOH A O   
786 O O   . HOH B .   ? 0.4208 0.4319 0.4372 -0.0338 -0.0360 0.0625  2003 HOH A O   
787 O O   . HOH B .   ? 0.2643 0.3717 0.3400 0.0237  -0.0874 -0.0182 2004 HOH A O   
788 O O   . HOH B .   ? 0.3541 0.4485 0.4088 -0.0133 -0.0316 0.0803  2005 HOH A O   
789 O O   . HOH B .   ? 0.3258 0.2674 0.2856 -0.0419 -0.0021 0.0473  2006 HOH A O   
790 O O   . HOH B .   ? 0.3811 0.3513 0.4317 -0.0212 0.0086  -0.0295 2007 HOH A O   
791 O O   . HOH B .   ? 0.5520 0.5172 0.4503 0.0096  0.0040  -0.0157 2008 HOH A O   
792 O O   . HOH B .   ? 0.5078 0.4923 0.4306 -0.0214 -0.0157 0.0025  2009 HOH A O   
793 O O   . HOH B .   ? 0.3386 0.3204 0.3382 -0.0496 0.0623  -0.0433 2010 HOH A O   
794 O O   . HOH B .   ? 0.4270 0.2799 0.3502 0.0510  -0.0698 0.0063  2011 HOH A O   
795 O O   . HOH B .   ? 0.3416 0.4970 0.3843 -0.0160 0.0129  0.0510  2012 HOH A O   
796 O O   . HOH B .   ? 0.2876 0.4333 0.5708 0.0282  -0.0311 -0.0559 2013 HOH A O   
797 O O   . HOH B .   ? 0.6739 0.5336 0.5238 0.0371  0.0493  0.0361  2014 HOH A O   
798 O O   . HOH B .   ? 0.5076 0.5440 0.5437 0.0171  -0.0014 0.0030  2015 HOH A O   
799 O O   . HOH B .   ? 0.5475 0.6279 0.5962 -0.0449 -0.0293 0.0226  2016 HOH A O   
800 O O   . HOH B .   ? 0.6150 0.6739 0.6929 -0.0021 0.0147  -0.0066 2017 HOH A O   
801 O O   . HOH B .   ? 0.2471 0.2557 0.3316 -0.0120 -0.0496 -0.0138 2018 HOH A O   
802 O O   . HOH B .   ? 0.4035 0.4564 0.2793 0.0231  -0.0237 -0.0373 2019 HOH A O   
803 O O   . HOH B .   ? 0.5783 0.5177 0.5565 -0.0124 0.0172  0.0044  2020 HOH A O   
804 O O   . HOH B .   ? 0.1952 0.2536 0.2151 0.0153  0.0000  -0.0374 2021 HOH A O   
805 O O   . HOH B .   ? 0.3194 0.3109 0.3782 -0.0262 0.0127  -0.0952 2022 HOH A O   
806 O O   . HOH B .   ? 0.3668 0.3323 0.5001 0.0240  0.0088  -0.0872 2023 HOH A O   
807 O O   . HOH B .   ? 0.5686 0.5596 0.4936 0.0037  0.0312  0.0176  2024 HOH A O   
808 O O   . HOH B .   ? 0.4622 0.3634 0.4565 0.0420  0.0084  -0.0342 2025 HOH A O   
809 O O   . HOH B .   ? 0.4966 0.5346 0.4860 0.0127  0.0089  0.0165  2026 HOH A O   
810 O O   . HOH B .   ? 0.7554 0.7122 0.6990 0.0143  0.0095  0.0061  2027 HOH A O   
811 O O   . HOH B .   ? 0.1836 0.1432 0.2296 0.0115  0.0101  -0.0288 2028 HOH A O   
812 O O   . HOH B .   ? 0.3772 0.3805 0.3017 -0.0468 -0.0113 0.0756  2029 HOH A O   
813 O O   . HOH B .   ? 0.1872 0.1762 0.2214 0.0005  -0.0116 -0.0026 2030 HOH A O   
814 O O   . HOH B .   ? 0.3552 0.4670 0.4507 -0.0081 -0.0292 0.0142  2031 HOH A O   
815 O O   . HOH B .   ? 0.5539 0.4976 0.5221 0.0348  -0.0032 0.0201  2032 HOH A O   
816 O O   . HOH B .   ? 0.5982 0.5691 0.4408 -0.0045 -0.0136 0.0441  2033 HOH A O   
817 O O   . HOH B .   ? 0.6358 0.5089 0.5819 0.0095  -0.0195 0.0064  2034 HOH A O   
818 O O   . HOH B .   ? 0.4394 0.3605 0.4813 0.0256  -0.0253 -0.0381 2035 HOH A O   
819 O O   . HOH B .   ? 0.3702 0.4546 0.5425 -0.0152 -0.0351 -0.0237 2036 HOH A O   
820 O O   . HOH B .   ? 0.5439 0.5306 0.5393 -0.0260 0.0235  -0.0074 2037 HOH A O   
821 O O   . HOH B .   ? 0.4904 0.5444 0.3658 -0.0770 -0.0012 0.0316  2038 HOH A O   
822 O O   . HOH B .   ? 0.3708 0.3592 0.2589 0.0096  0.0214  0.0084  2039 HOH A O   
823 O O   . HOH B .   ? 0.5536 0.4736 0.5514 0.0207  0.0027  -0.0448 2040 HOH A O   
824 O O   . HOH B .   ? 0.3970 0.3553 0.3102 -0.0373 0.0658  0.0214  2041 HOH A O   
825 O O   . HOH B .   ? 0.3522 0.2869 0.3862 0.0796  -0.0027 -0.0331 2042 HOH A O   
826 O O   . HOH B .   ? 0.5702 0.4748 0.3721 0.0659  0.0496  -0.0131 2043 HOH A O   
827 O O   . HOH B .   ? 0.3166 0.2555 0.3444 0.0587  0.0597  -0.0520 2044 HOH A O   
828 O O   . HOH B .   ? 0.2795 0.2393 0.2144 -0.0353 0.0079  0.0030  2045 HOH A O   
829 O O   . HOH B .   ? 0.3474 0.3282 0.3661 -0.0071 -0.0276 0.0220  2046 HOH A O   
830 O O   . HOH B .   ? 0.2820 0.2504 0.3746 -0.0066 -0.0307 -0.0332 2047 HOH A O   
831 O O   . HOH B .   ? 0.2305 0.1570 0.1993 0.0178  0.0339  -0.0074 2048 HOH A O   
832 O O   . HOH B .   ? 0.2017 0.2447 0.2293 -0.0076 -0.0347 0.0411  2049 HOH A O   
833 O O   . HOH B .   ? 0.2578 0.3171 0.3944 -0.0451 0.0235  -0.0490 2050 HOH A O   
834 O O   . HOH B .   ? 0.2671 0.2448 0.2336 -0.0031 -0.0112 0.0149  2051 HOH A O   
835 O O   . HOH B .   ? 0.4932 0.4454 0.3038 0.0006  -0.0331 0.0361  2052 HOH A O   
836 O O   . HOH B .   ? 0.5899 0.5902 0.5642 -0.0014 -0.0079 0.0248  2053 HOH A O   
837 O O   . HOH B .   ? 0.5088 0.5072 0.5451 0.0002  -0.0453 -0.0015 2054 HOH A O   
838 O O   . HOH B .   ? 0.2310 0.3217 0.3204 0.0165  -0.0372 -0.0251 2055 HOH A O   
839 O O   . HOH B .   ? 0.5929 0.4102 0.4515 0.0438  0.0489  0.0122  2056 HOH A O   
840 O O   . HOH B .   ? 0.3240 0.3546 0.4492 -0.0400 -0.0199 -0.0327 2057 HOH A O   
841 O O   . HOH B .   ? 0.4524 0.2896 0.2441 -0.0215 -0.0384 0.0674  2058 HOH A O   
842 O O   . HOH B .   ? 0.2501 0.2213 0.2997 0.0170  0.0347  -0.0366 2059 HOH A O   
843 O O   . HOH B .   ? 0.2556 0.2877 0.2910 -0.0038 -0.0029 0.0221  2060 HOH A O   
844 O O   . HOH B .   ? 0.5215 0.3591 0.3935 0.0554  0.0315  -0.0580 2061 HOH A O   
845 O O   . HOH B .   ? 0.2650 0.3516 0.3488 0.0407  0.0229  -0.0504 2062 HOH A O   
846 O O   . HOH B .   ? 0.3919 0.3937 0.3798 0.0453  -0.0582 0.0007  2063 HOH A O   
847 O O   . HOH B .   ? 0.4846 0.4174 0.3903 -0.0080 -0.0025 0.0483  2064 HOH A O   
848 O O   . HOH B .   ? 0.4342 0.4572 0.3235 -0.0137 -0.0266 0.0400  2065 HOH A O   
849 O O   . HOH B .   ? 0.3701 0.2281 0.4022 0.0425  -0.0335 0.0548  2066 HOH A O   
850 O O   . HOH B .   ? 0.4997 0.5510 0.5310 -0.0231 0.0158  -0.0160 2067 HOH A O   
851 O O   . HOH B .   ? 0.5486 0.4484 0.5310 0.0017  0.0034  -0.0562 2068 HOH A O   
852 O O   . HOH B .   ? 0.5070 0.5116 0.4624 0.0328  0.0068  -0.0135 2069 HOH A O   
853 O O   . HOH B .   ? 0.7671 0.7734 0.7339 0.0165  -0.0024 -0.0039 2070 HOH A O   
854 O O   . HOH B .   ? 0.5283 0.4189 0.5520 0.0459  -0.0149 0.0060  2071 HOH A O   
855 O O   . HOH B .   ? 0.5776 0.5593 0.4478 -0.0059 0.0287  0.0093  2072 HOH A O   
856 O O   . HOH B .   ? 0.5163 0.4888 0.4865 0.0238  0.0034  0.0111  2073 HOH A O   
857 O O   . HOH B .   ? 0.4833 0.4350 0.3790 -0.0118 -0.0068 -0.0168 2074 HOH A O   
858 O O   . HOH B .   ? 0.6308 0.5696 0.6184 -0.0097 -0.0072 0.0370  2075 HOH A O   
859 O O   . HOH B .   ? 0.2132 0.2758 0.2710 0.0322  -0.0497 -0.0381 2076 HOH A O   
860 O O   . HOH B .   ? 0.6093 0.5784 0.6143 0.0228  0.0014  -0.0121 2077 HOH A O   
861 O O   . HOH B .   ? 0.4920 0.4982 0.5917 -0.0546 0.0462  -0.0088 2078 HOH A O   
862 O O   . HOH B .   ? 0.2712 0.3722 0.4677 0.0319  0.0305  -0.0110 2079 HOH A O   
863 O O   . HOH B .   ? 0.3233 0.2572 0.3270 -0.0293 0.0264  -0.0268 2080 HOH A O   
864 O O   . HOH B .   ? 0.4674 0.5287 0.4393 -0.0206 -0.0612 0.0126  2081 HOH A O   
865 O O   . HOH B .   ? 0.4274 0.3158 0.3726 0.0645  -0.0133 0.0285  2082 HOH A O   
866 O O   . HOH B .   ? 0.5450 0.4808 0.5974 0.0494  0.0143  -0.0616 2083 HOH A O   
867 O O   . HOH B .   ? 0.6863 0.5634 0.6133 0.0499  0.0034  0.0416  2084 HOH A O   
868 O O   . HOH B .   ? 0.2207 0.3176 0.4331 0.0022  -0.0684 -0.0279 2085 HOH A O   
869 O O   . HOH B .   ? 0.2093 0.2252 0.2443 0.0086  -0.0266 0.0065  2086 HOH A O   
870 O O   . HOH B .   ? 0.2709 0.2166 0.3359 0.0506  0.0300  -0.0179 2087 HOH A O   
871 O O   . HOH B .   ? 0.4510 0.4546 0.4545 0.0001  -0.0406 -0.0058 2088 HOH A O   
872 O O   . HOH B .   ? 0.5727 0.5219 0.6800 -0.0063 -0.0077 0.0150  2089 HOH A O   
873 O O   . HOH B .   ? 0.2478 0.3398 0.2421 -0.0048 -0.0216 0.0044  2090 HOH A O   
874 O O   . HOH B .   ? 0.2789 0.2966 0.3982 -0.0375 -0.0218 0.0212  2091 HOH A O   
875 O O   . HOH B .   ? 0.3286 0.3493 0.2791 -0.0607 -0.0015 -0.0035 2092 HOH A O   
876 O O   . HOH B .   ? 0.2112 0.2091 0.1906 -0.0156 -0.0424 -0.0087 2093 HOH A O   
877 O O   . HOH B .   ? 0.2040 0.1863 0.2042 -0.0109 -0.0211 0.0216  2094 HOH A O   
878 O O   . HOH B .   ? 0.4538 0.3466 0.4173 0.0286  0.0549  -0.0122 2095 HOH A O   
879 O O   . HOH B .   ? 0.3284 0.4625 0.4866 -0.0266 0.0216  0.0176  2096 HOH A O   
880 O O   . HOH B .   ? 0.5979 0.6460 0.5816 -0.0222 0.0085  0.0228  2097 HOH A O   
881 O O   . HOH B .   ? 1.1594 1.1773 1.1790 -0.0147 -0.0046 0.0050  2098 HOH A O   
882 O O   . HOH B .   ? 0.5838 0.5560 0.5789 0.0149  -0.0297 -0.0041 2099 HOH A O   
883 O O   . HOH B .   ? 0.4404 0.3908 0.3960 -0.0099 0.0000  0.0403  2100 HOH A O   
884 O O   . HOH B .   ? 0.4805 0.3948 0.4829 0.0290  0.0137  -0.0183 2101 HOH A O   
885 O O   . HOH B .   ? 0.3178 0.2318 0.2103 0.0388  0.0090  -0.0312 2102 HOH A O   
886 O O   . HOH B .   ? 0.5274 0.4578 0.4338 0.0423  0.0141  -0.0149 2103 HOH A O   
# 
